data_3K5I
#
_entry.id   3K5I
#
_cell.length_a   76.500
_cell.length_b   134.200
_cell.length_c   98.500
_cell.angle_alpha   90.00
_cell.angle_beta   105.60
_cell.angle_gamma   90.00
#
_symmetry.space_group_name_H-M   'P 1 21 1'
#
loop_
_entity.id
_entity.type
_entity.pdbx_description
1 polymer 'Phosphoribosyl-aminoimidazole carboxylase'
2 non-polymer 'SODIUM ION'
3 non-polymer '2-[N-CYCLOHEXYLAMINO]ETHANE SULFONIC ACID'
4 non-polymer "ADENOSINE-5'-DIPHOSPHATE"
5 non-polymer 'MAGNESIUM ION'
6 non-polymer '5-AMINOIMIDAZOLE RIBONUCLEOTIDE'
7 water water
#
_entity_poly.entity_id   1
_entity_poly.type   'polypeptide(L)'
_entity_poly.pdbx_seq_one_letter_code
;HGSSHHHHHHSSENLYFQGHMWNSRKVGVLGGGQLGRMLVESANRLNIQVNVLDADNSPAKQISAHDGHVTGSFKEREAV
RQLAKTCDVVTAEIEHVDTYALEEVASEVKIEPSWQAIRTIQNKFNQKEHLRKYGIPMAEHRELVENTPAELAKVGEQLG
YPLMLKSKTMAYDGRGNFRVNSQDDIPEALEALKDRPLYAEKWAYFKMELAVIVVKTKDEVLSYPTVETVQEDSICKLVY
APARNVSDAINQKAQELARKAVAAFDGKGVFGVEMFLLEDDSIMLCEIASRIHNSGHYTIEGCALSQFDAHLRAILDLPI
PAQSLEIRQPSIMLNIIGGAAPDTHLQAAECALSIPNASIHLYSKGAAKPGRKMGHITVTAPTMHEAETHIQPLIDVVDR
IRA
;
_entity_poly.pdbx_strand_id   A,B,C,D
#
loop_
_chem_comp.id
_chem_comp.type
_chem_comp.name
_chem_comp.formula
ADP non-polymer ADENOSINE-5'-DIPHOSPHATE 'C10 H15 N5 O10 P2'
AIR non-polymer '5-AMINOIMIDAZOLE RIBONUCLEOTIDE' 'C8 H14 N3 O7 P'
MG non-polymer 'MAGNESIUM ION' 'Mg 2'
NA non-polymer 'SODIUM ION' 'Na 1'
NHE non-polymer '2-[N-CYCLOHEXYLAMINO]ETHANE SULFONIC ACID' 'C8 H17 N O3 S'
#
# COMPACT_ATOMS: atom_id res chain seq x y z
N MET A 21 2.94 -22.58 -34.39
CA MET A 21 1.78 -21.83 -34.84
C MET A 21 2.15 -20.38 -35.00
N TRP A 22 1.86 -19.67 -33.93
CA TRP A 22 2.15 -18.26 -33.88
C TRP A 22 3.56 -18.46 -33.33
N ASN A 23 3.74 -19.60 -32.66
CA ASN A 23 5.07 -19.95 -32.08
C ASN A 23 5.83 -21.17 -32.60
N SER A 24 5.45 -21.55 -33.83
CA SER A 24 6.10 -22.70 -34.45
C SER A 24 7.39 -22.29 -35.15
N ARG A 25 7.53 -21.00 -35.47
CA ARG A 25 8.74 -20.54 -36.13
C ARG A 25 9.99 -20.68 -35.29
N LYS A 26 11.09 -20.85 -36.03
CA LYS A 26 12.40 -21.02 -35.46
C LYS A 26 13.11 -19.70 -35.71
N VAL A 27 13.84 -19.25 -34.70
CA VAL A 27 14.59 -18.00 -34.77
C VAL A 27 16.09 -18.28 -34.73
N GLY A 28 16.86 -17.74 -35.68
CA GLY A 28 18.31 -17.96 -35.77
C GLY A 28 18.89 -16.72 -35.15
N VAL A 29 19.73 -16.91 -34.13
CA VAL A 29 20.34 -15.73 -33.52
C VAL A 29 21.84 -15.75 -33.77
N LEU A 30 22.34 -14.72 -34.45
CA LEU A 30 23.76 -14.69 -34.71
C LEU A 30 24.53 -14.15 -33.46
N GLY A 31 25.21 -14.98 -32.72
CA GLY A 31 25.92 -14.55 -31.52
C GLY A 31 25.24 -15.25 -30.33
N GLY A 32 25.93 -15.72 -29.29
CA GLY A 32 25.21 -16.40 -28.19
C GLY A 32 25.83 -16.14 -26.81
N GLY A 33 26.00 -14.83 -26.58
CA GLY A 33 26.57 -14.24 -25.41
C GLY A 33 25.41 -13.84 -24.55
N GLN A 34 25.65 -12.94 -23.62
CA GLN A 34 24.61 -12.66 -22.65
C GLN A 34 23.35 -12.16 -23.22
N LEU A 35 23.51 -11.49 -24.35
CA LEU A 35 22.35 -10.86 -24.97
C LEU A 35 21.49 -11.97 -25.54
N GLY A 36 22.16 -12.83 -26.29
CA GLY A 36 21.54 -13.94 -26.95
C GLY A 36 20.96 -14.68 -25.84
N ARG A 37 21.64 -14.74 -24.70
CA ARG A 37 20.96 -15.53 -23.64
C ARG A 37 19.66 -14.96 -23.05
N MET A 38 19.60 -13.65 -22.91
CA MET A 38 18.41 -13.04 -22.37
C MET A 38 17.35 -13.24 -23.42
N LEU A 39 17.77 -13.18 -24.67
CA LEU A 39 16.76 -13.42 -25.70
C LEU A 39 16.14 -14.83 -25.55
N VAL A 40 16.95 -15.86 -25.33
CA VAL A 40 16.50 -17.26 -25.15
C VAL A 40 15.66 -17.31 -23.88
N GLU A 41 16.04 -16.68 -22.79
CA GLU A 41 15.05 -16.82 -21.75
C GLU A 41 13.68 -16.41 -22.30
N SER A 42 13.64 -15.28 -22.99
CA SER A 42 12.33 -14.84 -23.48
C SER A 42 11.75 -15.83 -24.47
N ALA A 43 12.58 -16.51 -25.25
CA ALA A 43 12.08 -17.43 -26.26
C ALA A 43 11.40 -18.65 -25.65
N ASN A 44 12.03 -19.06 -24.58
CA ASN A 44 11.69 -20.24 -23.77
C ASN A 44 10.36 -20.08 -23.09
N ARG A 45 10.10 -18.85 -22.68
CA ARG A 45 8.80 -18.62 -22.03
C ARG A 45 7.65 -18.75 -23.07
N LEU A 46 7.95 -18.55 -24.34
CA LEU A 46 6.89 -18.73 -25.33
C LEU A 46 7.00 -20.05 -26.13
N ASN A 47 8.02 -20.87 -25.83
CA ASN A 47 8.28 -22.13 -26.51
C ASN A 47 8.61 -21.93 -28.00
N ILE A 48 9.38 -20.87 -28.25
CA ILE A 48 9.85 -20.56 -29.58
C ILE A 48 11.29 -21.03 -29.59
N GLN A 49 11.58 -21.83 -30.61
CA GLN A 49 12.88 -22.44 -30.81
C GLN A 49 13.82 -21.41 -31.32
N VAL A 50 14.90 -21.36 -30.54
CA VAL A 50 16.00 -20.50 -30.84
C VAL A 50 17.28 -21.27 -31.23
N ASN A 51 17.67 -21.23 -32.54
CA ASN A 51 18.94 -21.91 -32.89
C ASN A 51 20.04 -20.87 -32.80
N VAL A 52 21.09 -21.11 -32.04
CA VAL A 52 22.13 -20.09 -31.89
C VAL A 52 23.44 -20.26 -32.62
N LEU A 53 23.98 -19.18 -33.18
CA LEU A 53 25.26 -19.34 -33.84
C LEU A 53 26.39 -18.74 -32.93
N ASP A 54 27.29 -19.58 -32.44
CA ASP A 54 28.38 -19.10 -31.63
C ASP A 54 29.23 -20.29 -31.14
N ALA A 55 30.19 -20.08 -30.26
CA ALA A 55 30.94 -21.24 -29.79
C ALA A 55 30.03 -22.25 -29.05
N ASP A 56 30.47 -23.50 -28.93
CA ASP A 56 29.66 -24.50 -28.25
C ASP A 56 29.59 -24.16 -26.82
N ASN A 57 28.45 -24.52 -26.25
CA ASN A 57 28.30 -24.18 -24.85
C ASN A 57 28.36 -22.67 -24.51
N SER A 58 28.01 -21.83 -25.48
CA SER A 58 28.06 -20.42 -25.13
C SER A 58 26.85 -20.11 -24.23
N PRO A 59 26.86 -18.91 -23.63
CA PRO A 59 25.79 -18.47 -22.72
C PRO A 59 24.33 -18.74 -23.05
N ALA A 60 24.05 -18.69 -24.33
CA ALA A 60 22.69 -18.91 -24.83
C ALA A 60 22.31 -20.34 -25.13
N LYS A 61 23.32 -21.09 -25.52
CA LYS A 61 23.15 -22.50 -25.84
C LYS A 61 22.91 -23.22 -24.54
N GLN A 62 23.61 -22.76 -23.49
CA GLN A 62 23.52 -23.26 -22.14
C GLN A 62 22.13 -23.44 -21.57
N ILE A 63 21.16 -22.70 -22.13
CA ILE A 63 19.75 -22.77 -21.67
C ILE A 63 18.73 -23.09 -22.75
N SER A 64 19.17 -23.86 -23.73
CA SER A 64 18.31 -24.23 -24.84
C SER A 64 18.88 -25.59 -25.28
N ALA A 65 18.41 -26.66 -24.65
CA ALA A 65 18.90 -28.01 -24.94
C ALA A 65 18.18 -28.65 -26.10
N HIS A 66 18.59 -28.40 -27.34
CA HIS A 66 17.93 -29.05 -28.50
C HIS A 66 19.01 -29.24 -29.56
N ASP A 67 18.70 -29.81 -30.72
CA ASP A 67 19.81 -29.96 -31.69
C ASP A 67 20.04 -28.93 -32.78
N GLY A 68 19.35 -27.79 -32.77
CA GLY A 68 19.54 -26.84 -33.87
C GLY A 68 20.66 -25.82 -33.90
N HIS A 69 21.41 -25.74 -32.81
CA HIS A 69 22.42 -24.72 -32.81
C HIS A 69 23.47 -25.06 -33.89
N VAL A 70 24.26 -24.02 -34.15
CA VAL A 70 25.35 -24.16 -35.05
C VAL A 70 26.59 -23.74 -34.34
N THR A 71 27.58 -24.62 -34.37
CA THR A 71 28.89 -24.38 -33.80
C THR A 71 29.79 -23.60 -34.81
N GLY A 72 30.46 -22.54 -34.38
CA GLY A 72 31.28 -21.73 -35.31
C GLY A 72 31.01 -20.27 -34.91
N SER A 73 31.48 -19.30 -35.70
CA SER A 73 31.32 -17.87 -35.37
C SER A 73 30.34 -17.17 -36.29
N PHE A 74 29.80 -16.08 -35.74
CA PHE A 74 28.86 -15.19 -36.44
C PHE A 74 29.59 -14.34 -37.53
N LYS A 75 30.92 -14.33 -37.52
CA LYS A 75 31.62 -13.54 -38.57
C LYS A 75 32.10 -14.59 -39.58
N GLU A 76 31.50 -15.78 -39.51
CA GLU A 76 31.90 -16.91 -40.35
C GLU A 76 30.93 -17.27 -41.45
N ARG A 77 31.20 -16.84 -42.70
CA ARG A 77 30.44 -17.08 -43.95
C ARG A 77 29.52 -18.30 -44.10
N GLU A 78 30.10 -19.49 -43.96
CA GLU A 78 29.43 -20.79 -44.03
C GLU A 78 28.65 -21.23 -42.78
N ALA A 79 29.00 -20.68 -41.62
CA ALA A 79 28.37 -20.96 -40.34
C ALA A 79 27.11 -20.08 -40.37
N VAL A 80 27.30 -18.82 -40.78
CA VAL A 80 26.23 -17.80 -40.93
C VAL A 80 25.12 -18.40 -41.86
N ARG A 81 25.52 -19.02 -42.98
CA ARG A 81 24.64 -19.65 -44.00
C ARG A 81 23.93 -20.95 -43.59
N GLN A 82 24.65 -21.75 -42.84
CA GLN A 82 24.06 -22.94 -42.29
C GLN A 82 22.97 -22.42 -41.33
N LEU A 83 23.29 -21.61 -40.33
CA LEU A 83 22.21 -21.12 -39.43
C LEU A 83 20.94 -20.70 -40.14
N ALA A 84 21.17 -19.92 -41.16
CA ALA A 84 20.04 -19.43 -41.94
C ALA A 84 19.22 -20.47 -42.72
N LYS A 85 19.86 -21.56 -43.10
CA LYS A 85 19.16 -22.59 -43.85
C LYS A 85 18.33 -23.44 -42.89
N THR A 86 18.20 -22.99 -41.66
CA THR A 86 17.45 -23.84 -40.76
C THR A 86 16.55 -23.03 -39.87
N CYS A 87 16.28 -21.81 -40.29
CA CYS A 87 15.46 -21.09 -39.38
C CYS A 87 14.55 -20.14 -40.14
N ASP A 88 13.41 -19.79 -39.55
CA ASP A 88 12.56 -18.89 -40.28
C ASP A 88 12.92 -17.44 -40.23
N VAL A 89 13.73 -16.96 -39.28
CA VAL A 89 14.09 -15.54 -39.27
C VAL A 89 15.43 -15.55 -38.59
N VAL A 90 16.29 -14.77 -39.18
CA VAL A 90 17.64 -14.70 -38.64
C VAL A 90 17.85 -13.35 -37.98
N THR A 91 18.26 -13.31 -36.72
CA THR A 91 18.44 -11.99 -36.11
C THR A 91 19.84 -11.94 -35.51
N ALA A 92 20.22 -10.84 -34.88
CA ALA A 92 21.54 -10.77 -34.27
C ALA A 92 21.60 -10.16 -32.89
N GLU A 93 22.44 -10.73 -32.04
CA GLU A 93 22.69 -10.26 -30.66
C GLU A 93 24.02 -9.52 -30.58
N ILE A 94 24.62 -9.35 -31.75
CA ILE A 94 25.86 -8.61 -31.81
C ILE A 94 25.99 -7.92 -33.21
N GLU A 95 26.76 -6.85 -33.36
CA GLU A 95 26.76 -6.30 -34.72
C GLU A 95 27.93 -6.78 -35.61
N HIS A 96 28.96 -7.35 -35.03
CA HIS A 96 30.11 -7.69 -35.84
C HIS A 96 30.01 -9.04 -36.49
N VAL A 97 29.00 -9.16 -37.35
CA VAL A 97 28.61 -10.36 -38.06
C VAL A 97 28.88 -10.28 -39.55
N ASP A 98 28.85 -11.40 -40.22
CA ASP A 98 29.19 -11.35 -41.63
C ASP A 98 27.94 -10.98 -42.39
N THR A 99 27.78 -9.70 -42.69
CA THR A 99 26.61 -9.27 -43.44
C THR A 99 26.62 -9.65 -44.92
N TYR A 100 27.75 -10.19 -45.39
CA TYR A 100 27.85 -10.60 -46.80
C TYR A 100 27.22 -11.97 -46.96
N ALA A 101 27.51 -12.85 -46.02
CA ALA A 101 26.88 -14.17 -46.02
C ALA A 101 25.39 -13.86 -45.91
N LEU A 102 24.98 -12.90 -45.08
CA LEU A 102 23.55 -12.55 -44.93
C LEU A 102 22.88 -12.02 -46.21
N GLU A 103 23.60 -11.18 -46.98
CA GLU A 103 23.07 -10.69 -48.26
C GLU A 103 22.93 -11.96 -49.17
N GLU A 104 23.86 -12.89 -49.08
CA GLU A 104 23.81 -14.07 -49.90
C GLU A 104 22.62 -14.94 -49.64
N VAL A 105 22.26 -15.01 -48.37
CA VAL A 105 21.14 -15.88 -48.03
C VAL A 105 19.79 -15.19 -47.89
N ALA A 106 19.79 -13.90 -48.21
CA ALA A 106 18.58 -13.07 -48.14
C ALA A 106 17.38 -13.73 -48.83
N SER A 107 17.64 -14.56 -49.82
CA SER A 107 16.60 -15.27 -50.55
C SER A 107 16.04 -16.53 -49.88
N GLU A 108 16.74 -17.02 -48.85
CA GLU A 108 16.34 -18.24 -48.14
C GLU A 108 15.69 -18.12 -46.74
N VAL A 109 15.68 -16.90 -46.20
CA VAL A 109 15.12 -16.66 -44.89
C VAL A 109 14.97 -15.15 -44.77
N LYS A 110 14.08 -14.76 -43.86
CA LYS A 110 13.89 -13.32 -43.58
C LYS A 110 15.01 -12.90 -42.67
N ILE A 111 15.37 -11.62 -42.77
CA ILE A 111 16.46 -11.15 -41.89
C ILE A 111 15.99 -9.95 -41.11
N GLU A 112 16.02 -9.97 -39.80
CA GLU A 112 15.56 -8.79 -39.10
C GLU A 112 16.41 -8.56 -37.83
N PRO A 113 16.95 -7.37 -37.68
CA PRO A 113 16.82 -6.29 -38.66
C PRO A 113 17.61 -6.53 -40.00
N SER A 114 17.46 -5.68 -40.98
CA SER A 114 18.17 -5.89 -42.26
C SER A 114 19.68 -6.01 -42.35
N TRP A 115 20.19 -6.88 -43.24
CA TRP A 115 21.64 -6.95 -43.34
C TRP A 115 22.31 -5.62 -43.72
N GLN A 116 21.60 -4.78 -44.47
CA GLN A 116 22.23 -3.50 -44.82
C GLN A 116 22.35 -2.60 -43.58
N ALA A 117 21.38 -2.64 -42.65
CA ALA A 117 21.39 -1.83 -41.40
C ALA A 117 22.59 -2.25 -40.57
N ILE A 118 22.74 -3.58 -40.40
CA ILE A 118 23.85 -4.18 -39.68
C ILE A 118 25.17 -3.79 -40.34
N ARG A 119 25.27 -3.98 -41.65
CA ARG A 119 26.53 -3.62 -42.31
C ARG A 119 26.88 -2.20 -42.04
N THR A 120 25.90 -1.31 -42.23
CA THR A 120 26.19 0.09 -41.94
C THR A 120 26.61 0.23 -40.49
N ILE A 121 25.70 -0.17 -39.63
CA ILE A 121 25.95 0.05 -38.24
C ILE A 121 27.26 -0.47 -37.67
N GLN A 122 27.67 -1.63 -38.16
CA GLN A 122 28.89 -2.26 -37.65
C GLN A 122 30.20 -1.47 -37.81
N ASN A 123 30.17 -0.46 -38.68
CA ASN A 123 31.33 0.39 -38.87
C ASN A 123 30.81 1.71 -38.35
N LYS A 124 31.40 2.08 -37.20
CA LYS A 124 31.06 3.26 -36.44
C LYS A 124 31.22 4.55 -37.20
N PHE A 125 32.27 4.55 -38.00
CA PHE A 125 32.50 5.75 -38.79
C PHE A 125 31.39 5.79 -39.84
N ASN A 126 31.18 4.66 -40.49
CA ASN A 126 30.13 4.53 -41.51
C ASN A 126 28.73 4.77 -40.99
N GLN A 127 28.47 4.29 -39.77
CA GLN A 127 27.17 4.51 -39.16
C GLN A 127 26.91 6.00 -39.11
N LYS A 128 27.91 6.67 -38.55
CA LYS A 128 27.87 8.11 -38.38
C LYS A 128 27.64 8.90 -39.67
N GLU A 129 28.36 8.60 -40.74
CA GLU A 129 28.14 9.35 -41.98
C GLU A 129 26.75 9.04 -42.48
N HIS A 130 26.29 7.82 -42.25
CA HIS A 130 24.97 7.48 -42.73
C HIS A 130 23.98 8.41 -42.04
N LEU A 131 24.16 8.55 -40.73
CA LEU A 131 23.24 9.39 -40.00
C LEU A 131 23.31 10.90 -40.24
N ARG A 132 24.48 11.43 -40.59
CA ARG A 132 24.67 12.87 -40.82
C ARG A 132 23.84 13.54 -41.94
N LYS A 133 23.44 12.70 -42.88
CA LYS A 133 22.66 12.93 -44.11
C LYS A 133 21.21 13.12 -43.67
N TYR A 134 20.99 12.54 -42.50
CA TYR A 134 19.73 12.55 -41.81
C TYR A 134 19.65 13.68 -40.81
N GLY A 135 20.62 14.58 -40.77
CA GLY A 135 20.48 15.65 -39.80
C GLY A 135 21.04 15.35 -38.40
N ILE A 136 21.24 14.06 -38.10
CA ILE A 136 21.76 13.71 -36.80
C ILE A 136 22.97 14.48 -36.27
N PRO A 137 22.79 15.18 -35.13
CA PRO A 137 23.85 15.95 -34.47
C PRO A 137 24.70 14.83 -33.88
N MET A 138 26.02 14.98 -33.93
CA MET A 138 26.98 14.01 -33.42
C MET A 138 28.34 14.67 -33.47
N ALA A 139 29.18 14.30 -32.51
CA ALA A 139 30.56 14.78 -32.35
C ALA A 139 31.39 14.84 -33.63
N GLU A 140 32.17 15.89 -33.76
CA GLU A 140 33.04 16.09 -34.89
C GLU A 140 34.09 14.99 -34.94
N HIS A 141 34.52 14.63 -36.15
CA HIS A 141 35.54 13.62 -36.15
C HIS A 141 36.39 13.81 -37.38
N ARG A 142 37.35 12.90 -37.51
CA ARG A 142 38.26 12.90 -38.64
C ARG A 142 38.70 11.46 -38.83
N GLU A 143 38.61 10.89 -40.03
CA GLU A 143 39.06 9.51 -40.12
C GLU A 143 40.60 9.55 -40.15
N LEU A 144 41.27 8.43 -39.90
CA LEU A 144 42.73 8.42 -39.93
C LEU A 144 43.12 7.59 -41.12
N VAL A 145 43.63 8.18 -42.18
CA VAL A 145 44.03 7.40 -43.35
C VAL A 145 45.20 6.41 -43.20
N GLU A 146 46.10 6.64 -42.24
CA GLU A 146 47.20 5.71 -41.96
C GLU A 146 47.26 5.84 -40.46
N ASN A 147 48.06 4.99 -39.84
CA ASN A 147 48.13 5.07 -38.39
C ASN A 147 49.45 5.56 -37.81
N THR A 148 49.73 6.76 -38.25
CA THR A 148 50.91 7.49 -37.93
C THR A 148 50.59 8.51 -36.85
N PRO A 149 51.66 8.90 -36.15
CA PRO A 149 51.50 9.81 -35.03
C PRO A 149 51.36 11.14 -35.71
N ALA A 150 51.99 11.22 -36.87
CA ALA A 150 51.96 12.41 -37.71
C ALA A 150 50.49 12.69 -37.98
N GLU A 151 49.84 11.69 -38.54
CA GLU A 151 48.43 11.72 -38.85
C GLU A 151 47.59 12.11 -37.64
N LEU A 152 47.79 11.35 -36.58
CA LEU A 152 47.07 11.60 -35.33
C LEU A 152 47.38 13.01 -34.82
N ALA A 153 48.65 13.31 -34.62
CA ALA A 153 49.07 14.63 -34.16
C ALA A 153 48.32 15.79 -34.83
N LYS A 154 48.18 15.58 -36.14
CA LYS A 154 47.53 16.48 -37.09
C LYS A 154 46.07 16.64 -36.70
N VAL A 155 45.38 15.50 -36.73
CA VAL A 155 43.96 15.44 -36.39
C VAL A 155 43.86 16.08 -35.00
N GLY A 156 44.85 15.86 -34.15
CA GLY A 156 44.85 16.42 -32.81
C GLY A 156 44.70 17.93 -32.90
N GLU A 157 45.50 18.60 -33.72
CA GLU A 157 45.41 20.04 -33.81
C GLU A 157 44.21 20.47 -34.62
N GLN A 158 43.43 19.48 -35.04
CA GLN A 158 42.22 19.77 -35.79
C GLN A 158 41.01 19.81 -34.86
N LEU A 159 40.93 18.88 -33.89
CA LEU A 159 39.82 18.81 -32.91
C LEU A 159 40.16 18.88 -31.41
N GLY A 160 41.45 19.12 -31.15
CA GLY A 160 41.95 19.27 -29.79
C GLY A 160 42.04 18.07 -28.84
N TYR A 161 42.50 18.34 -27.62
CA TYR A 161 42.65 17.27 -26.65
C TYR A 161 41.87 17.57 -25.40
N PRO A 162 41.46 16.53 -24.69
CA PRO A 162 41.76 15.19 -25.16
C PRO A 162 40.81 14.94 -26.31
N LEU A 163 40.88 13.71 -26.82
CA LEU A 163 39.98 13.31 -27.88
C LEU A 163 39.76 11.81 -27.69
N MET A 164 38.71 11.29 -28.31
CA MET A 164 38.47 9.85 -28.13
C MET A 164 39.02 9.09 -29.31
N LEU A 165 40.02 8.25 -29.12
CA LEU A 165 40.49 7.56 -30.30
C LEU A 165 39.60 6.35 -30.46
N LYS A 166 39.11 6.07 -31.67
CA LYS A 166 38.24 4.90 -31.79
C LYS A 166 38.44 4.04 -33.05
N SER A 167 38.30 2.72 -32.87
CA SER A 167 38.39 1.73 -33.94
C SER A 167 37.03 1.84 -34.62
N LYS A 168 37.07 1.83 -35.95
CA LYS A 168 35.81 1.88 -36.69
C LYS A 168 35.09 0.52 -36.58
N THR A 169 35.83 -0.55 -36.57
CA THR A 169 35.11 -1.81 -36.51
C THR A 169 35.42 -2.57 -35.26
N MET A 170 34.59 -3.60 -35.07
CA MET A 170 34.74 -4.52 -33.97
C MET A 170 34.64 -3.93 -32.56
N ALA A 171 34.16 -2.70 -32.36
CA ALA A 171 34.16 -2.15 -31.01
C ALA A 171 32.87 -2.26 -30.25
N TYR A 172 33.02 -2.71 -29.01
CA TYR A 172 31.86 -2.80 -28.16
C TYR A 172 32.54 -2.83 -26.82
N ASP A 173 31.75 -2.48 -25.83
CA ASP A 173 32.23 -2.41 -24.45
C ASP A 173 33.54 -1.64 -24.31
N GLY A 174 33.67 -0.46 -24.90
CA GLY A 174 34.89 0.34 -24.77
C GLY A 174 36.16 -0.30 -25.36
N ARG A 175 35.96 -1.49 -25.90
CA ARG A 175 37.04 -2.26 -26.49
C ARG A 175 37.83 -1.68 -27.65
N GLY A 176 37.31 -0.66 -28.35
CA GLY A 176 38.02 -0.01 -29.48
C GLY A 176 38.10 1.50 -29.22
N ASN A 177 38.08 1.93 -27.97
CA ASN A 177 38.12 3.36 -27.62
C ASN A 177 39.44 3.64 -26.88
N PHE A 178 39.98 4.83 -27.06
CA PHE A 178 41.20 5.18 -26.37
C PHE A 178 41.27 6.68 -26.28
N ARG A 179 41.12 7.13 -25.04
CA ARG A 179 41.21 8.53 -24.70
C ARG A 179 42.61 9.06 -24.94
N VAL A 180 42.71 10.12 -25.73
CA VAL A 180 44.01 10.71 -26.02
C VAL A 180 43.97 12.07 -25.30
N ASN A 181 44.79 12.32 -24.28
CA ASN A 181 44.75 13.59 -23.53
C ASN A 181 45.75 14.64 -24.00
N SER A 182 46.84 14.13 -24.55
CA SER A 182 47.90 14.98 -25.05
C SER A 182 48.53 14.29 -26.23
N GLN A 183 49.38 15.07 -26.89
CA GLN A 183 50.08 14.58 -28.06
C GLN A 183 51.12 13.58 -27.62
N ASP A 184 51.32 13.50 -26.30
CA ASP A 184 52.33 12.60 -25.79
C ASP A 184 51.84 11.19 -25.61
N ASP A 185 50.53 11.02 -25.68
CA ASP A 185 49.86 9.73 -25.54
C ASP A 185 49.81 9.01 -26.88
N ILE A 186 50.00 9.76 -27.96
CA ILE A 186 49.99 9.22 -29.31
C ILE A 186 50.51 7.82 -29.60
N PRO A 187 51.70 7.49 -29.15
CA PRO A 187 52.17 6.15 -29.46
C PRO A 187 51.39 5.12 -28.69
N GLU A 188 51.06 5.48 -27.46
CA GLU A 188 50.33 4.48 -26.67
C GLU A 188 48.98 4.21 -27.28
N ALA A 189 48.29 5.29 -27.66
CA ALA A 189 46.97 5.20 -28.29
C ALA A 189 47.04 4.29 -29.50
N LEU A 190 47.99 4.60 -30.37
CA LEU A 190 48.14 3.80 -31.58
C LEU A 190 48.47 2.35 -31.21
N GLU A 191 49.46 2.17 -30.38
CA GLU A 191 49.74 0.80 -30.00
C GLU A 191 48.42 0.17 -29.56
N ALA A 192 47.79 0.82 -28.58
CA ALA A 192 46.54 0.30 -28.00
C ALA A 192 45.48 -0.28 -28.93
N LEU A 193 45.24 0.46 -30.00
CA LEU A 193 44.26 0.13 -31.02
C LEU A 193 45.00 -0.28 -32.27
N LYS A 194 46.12 -0.94 -32.02
CA LYS A 194 46.96 -1.39 -33.10
C LYS A 194 46.21 -2.06 -34.22
N ASP A 195 46.75 -1.90 -35.42
CA ASP A 195 46.24 -2.57 -36.61
C ASP A 195 44.77 -2.61 -36.82
N ARG A 196 44.06 -1.53 -36.53
CA ARG A 196 42.63 -1.45 -36.74
C ARG A 196 42.39 -0.16 -37.59
N PRO A 197 41.26 -0.04 -38.28
CA PRO A 197 40.96 1.18 -39.05
C PRO A 197 40.43 2.11 -37.94
N LEU A 198 40.89 3.36 -37.90
CA LEU A 198 40.52 4.32 -36.85
C LEU A 198 39.99 5.64 -37.34
N TYR A 199 39.46 6.37 -36.38
CA TYR A 199 39.00 7.72 -36.63
C TYR A 199 39.02 8.31 -35.22
N ALA A 200 39.13 9.61 -35.07
CA ALA A 200 39.16 10.25 -33.75
C ALA A 200 37.90 11.09 -33.59
N GLU A 201 37.47 11.29 -32.34
CA GLU A 201 36.28 12.11 -32.28
C GLU A 201 36.55 13.32 -31.40
N LYS A 202 35.99 14.47 -31.74
CA LYS A 202 36.26 15.64 -30.92
C LYS A 202 35.60 15.31 -29.60
N TRP A 203 36.15 15.77 -28.49
CA TRP A 203 35.59 15.48 -27.17
C TRP A 203 34.14 15.81 -27.03
N ALA A 204 33.45 15.04 -26.20
CA ALA A 204 32.02 15.33 -25.95
C ALA A 204 31.89 15.72 -24.46
N TYR A 205 31.72 17.01 -24.19
CA TYR A 205 31.62 17.35 -22.77
C TYR A 205 30.19 17.21 -22.30
N PHE A 206 29.73 16.00 -21.97
CA PHE A 206 28.35 15.73 -21.55
C PHE A 206 28.15 15.91 -20.06
N LYS A 207 26.98 16.44 -19.66
CA LYS A 207 26.73 16.58 -18.23
C LYS A 207 26.17 15.27 -17.75
N MET A 208 25.77 14.46 -18.72
CA MET A 208 25.21 13.13 -18.52
C MET A 208 25.01 12.45 -19.85
N GLU A 209 24.75 11.15 -19.77
CA GLU A 209 24.51 10.37 -20.96
C GLU A 209 23.18 9.72 -20.85
N LEU A 210 22.58 9.61 -22.03
CA LEU A 210 21.27 8.99 -22.08
C LEU A 210 21.14 7.92 -23.15
N ALA A 211 20.14 7.10 -22.93
CA ALA A 211 19.85 6.06 -23.89
C ALA A 211 18.35 5.81 -24.03
N VAL A 212 17.83 5.50 -25.22
CA VAL A 212 16.40 5.16 -25.40
C VAL A 212 16.41 3.82 -26.16
N ILE A 213 15.66 2.83 -25.66
CA ILE A 213 15.51 1.56 -26.37
C ILE A 213 14.26 1.72 -27.32
N VAL A 214 14.44 1.72 -28.66
CA VAL A 214 13.38 1.83 -29.68
C VAL A 214 13.01 0.48 -30.25
N VAL A 215 11.72 0.30 -30.52
CA VAL A 215 11.24 -0.96 -31.09
C VAL A 215 10.54 -0.75 -32.43
N LYS A 216 11.18 -1.28 -33.47
CA LYS A 216 10.68 -1.14 -34.84
C LYS A 216 9.81 -2.35 -35.20
N THR A 217 8.53 -2.11 -35.45
CA THR A 217 7.61 -3.20 -35.79
C THR A 217 7.01 -3.14 -37.19
N LYS A 218 6.30 -4.21 -37.56
CA LYS A 218 5.71 -4.21 -38.91
C LYS A 218 4.90 -2.93 -39.09
N ASP A 219 4.14 -2.52 -38.07
CA ASP A 219 3.39 -1.33 -38.36
C ASP A 219 3.54 -0.30 -37.26
N GLU A 220 4.53 -0.41 -36.39
CA GLU A 220 4.55 0.61 -35.38
C GLU A 220 5.94 0.97 -34.90
N VAL A 221 6.04 2.13 -34.25
CA VAL A 221 7.32 2.50 -33.69
C VAL A 221 7.01 2.77 -32.22
N LEU A 222 7.59 1.91 -31.40
CA LEU A 222 7.44 1.94 -29.96
C LEU A 222 8.80 2.33 -29.33
N SER A 223 8.83 2.49 -28.00
CA SER A 223 10.06 2.87 -27.30
C SER A 223 9.84 2.90 -25.79
N TYR A 224 10.93 2.71 -25.05
CA TYR A 224 10.86 2.69 -23.61
C TYR A 224 11.24 4.06 -23.10
N PRO A 225 11.08 4.31 -21.80
CA PRO A 225 11.46 5.65 -21.33
C PRO A 225 12.97 5.91 -21.47
N THR A 226 13.34 7.17 -21.48
CA THR A 226 14.73 7.59 -21.58
C THR A 226 15.31 7.26 -20.19
N VAL A 227 16.48 6.65 -20.22
CA VAL A 227 17.26 6.26 -19.04
C VAL A 227 18.60 7.02 -19.04
N GLU A 228 19.20 7.11 -17.85
CA GLU A 228 20.43 7.85 -17.62
C GLU A 228 21.48 6.78 -17.43
N THR A 229 22.58 6.86 -18.15
CA THR A 229 23.55 5.82 -17.98
C THR A 229 24.87 6.38 -17.47
N VAL A 230 25.67 5.55 -16.83
CA VAL A 230 26.97 6.03 -16.35
C VAL A 230 28.04 5.08 -16.84
N GLN A 231 29.01 5.67 -17.55
CA GLN A 231 30.08 4.87 -18.13
C GLN A 231 31.39 5.21 -17.48
N GLU A 232 32.25 4.23 -17.39
CA GLU A 232 33.60 4.46 -16.86
C GLU A 232 34.59 3.65 -17.67
N ASP A 233 35.62 4.36 -18.12
CA ASP A 233 36.66 3.81 -18.96
C ASP A 233 35.95 3.38 -20.19
N SER A 234 34.97 4.15 -20.62
CA SER A 234 34.28 3.77 -21.87
C SER A 234 33.32 2.56 -21.73
N ILE A 235 33.09 2.04 -20.54
CA ILE A 235 32.17 0.90 -20.43
C ILE A 235 30.94 1.28 -19.61
N CYS A 236 29.76 0.75 -19.89
CA CYS A 236 28.61 1.11 -19.08
C CYS A 236 28.79 0.48 -17.69
N LYS A 237 28.33 1.25 -16.71
CA LYS A 237 28.44 0.83 -15.33
C LYS A 237 27.06 0.77 -14.68
N LEU A 238 26.39 1.90 -14.69
CA LEU A 238 25.06 1.94 -14.08
C LEU A 238 24.04 2.47 -15.06
N VAL A 239 22.79 2.08 -14.79
CA VAL A 239 21.63 2.56 -15.53
C VAL A 239 20.55 2.95 -14.49
N TYR A 240 19.94 4.15 -14.57
CA TYR A 240 18.85 4.63 -13.67
C TYR A 240 17.65 4.79 -14.58
N ALA A 241 16.61 4.04 -14.25
CA ALA A 241 15.48 4.10 -15.14
C ALA A 241 14.21 4.41 -14.36
N PRO A 242 13.50 5.48 -14.72
CA PRO A 242 13.84 6.36 -15.83
C PRO A 242 14.96 7.30 -15.37
N ALA A 243 15.51 8.11 -16.29
CA ALA A 243 16.60 9.07 -16.08
C ALA A 243 16.20 10.10 -15.01
N ARG A 244 17.13 10.37 -14.08
CA ARG A 244 16.92 11.32 -12.98
C ARG A 244 17.24 12.79 -13.35
N ASN A 245 16.49 13.75 -12.82
CA ASN A 245 16.83 15.16 -13.07
C ASN A 245 16.89 15.60 -14.52
N VAL A 246 15.87 15.20 -15.24
CA VAL A 246 15.84 15.51 -16.65
C VAL A 246 14.39 15.96 -16.81
N SER A 247 14.21 17.12 -17.43
CA SER A 247 12.89 17.68 -17.64
C SER A 247 12.13 16.88 -18.70
N ASP A 248 10.81 16.93 -18.64
CA ASP A 248 10.01 16.22 -19.64
C ASP A 248 10.41 16.79 -20.99
N ALA A 249 11.04 17.96 -21.01
CA ALA A 249 11.44 18.62 -22.25
C ALA A 249 12.64 17.95 -22.84
N ILE A 250 13.50 17.53 -21.92
CA ILE A 250 14.68 16.84 -22.37
C ILE A 250 14.26 15.43 -22.74
N ASN A 251 13.57 14.71 -21.85
CA ASN A 251 13.19 13.35 -22.18
C ASN A 251 12.63 13.32 -23.59
N GLN A 252 11.88 14.37 -23.88
CA GLN A 252 11.28 14.40 -25.17
C GLN A 252 12.15 14.55 -26.40
N LYS A 253 13.07 15.50 -26.27
CA LYS A 253 13.96 15.76 -27.38
C LYS A 253 14.76 14.46 -27.57
N ALA A 254 15.10 13.82 -26.47
CA ALA A 254 15.83 12.56 -26.46
C ALA A 254 15.05 11.50 -27.29
N GLN A 255 13.79 11.31 -26.94
CA GLN A 255 12.96 10.34 -27.63
C GLN A 255 12.81 10.50 -29.16
N GLU A 256 12.61 11.75 -29.58
CA GLU A 256 12.49 12.18 -30.98
C GLU A 256 13.79 11.89 -31.67
N LEU A 257 14.82 12.33 -30.98
CA LEU A 257 16.14 12.10 -31.53
C LEU A 257 16.35 10.62 -31.83
N ALA A 258 16.03 9.79 -30.85
CA ALA A 258 16.20 8.35 -30.96
C ALA A 258 15.39 7.70 -32.05
N ARG A 259 14.16 8.18 -32.20
CA ARG A 259 13.30 7.58 -33.22
C ARG A 259 13.77 7.98 -34.60
N LYS A 260 14.37 9.16 -34.61
CA LYS A 260 14.86 9.65 -35.88
C LYS A 260 16.04 8.83 -36.38
N ALA A 261 16.92 8.48 -35.46
CA ALA A 261 18.11 7.73 -35.80
C ALA A 261 17.71 6.37 -36.32
N VAL A 262 16.70 5.86 -35.62
CA VAL A 262 16.25 4.55 -36.01
C VAL A 262 15.58 4.51 -37.36
N ALA A 263 14.73 5.50 -37.60
CA ALA A 263 13.99 5.53 -38.85
C ALA A 263 14.94 5.53 -40.06
N ALA A 264 16.19 5.82 -39.77
CA ALA A 264 17.23 5.85 -40.80
C ALA A 264 17.66 4.47 -41.20
N PHE A 265 17.14 3.52 -40.44
CA PHE A 265 17.55 2.17 -40.74
C PHE A 265 16.35 1.31 -41.04
N ASP A 266 16.58 0.31 -41.89
CA ASP A 266 15.56 -0.66 -42.33
C ASP A 266 15.69 -1.78 -41.30
N GLY A 267 14.58 -2.48 -41.06
CA GLY A 267 14.44 -3.59 -40.15
C GLY A 267 13.42 -3.50 -39.00
N LYS A 268 13.06 -4.67 -38.51
CA LYS A 268 12.13 -4.78 -37.41
C LYS A 268 13.09 -5.20 -36.32
N GLY A 269 12.80 -4.84 -35.08
CA GLY A 269 13.72 -5.24 -34.04
C GLY A 269 13.96 -4.11 -33.05
N VAL A 270 14.59 -4.51 -31.97
CA VAL A 270 14.94 -3.53 -30.98
C VAL A 270 16.27 -2.90 -31.40
N PHE A 271 16.29 -1.59 -31.18
CA PHE A 271 17.38 -0.66 -31.41
C PHE A 271 17.69 0.09 -30.12
N GLY A 272 18.99 0.24 -29.93
CA GLY A 272 19.53 0.94 -28.78
C GLY A 272 20.10 2.29 -29.17
N VAL A 273 19.61 3.35 -28.54
CA VAL A 273 20.14 4.71 -28.84
C VAL A 273 20.92 5.43 -27.70
N GLU A 274 22.20 5.74 -27.89
CA GLU A 274 23.06 6.39 -26.89
C GLU A 274 23.23 7.88 -27.20
N MET A 275 22.89 8.78 -26.27
CA MET A 275 23.01 10.22 -26.51
C MET A 275 23.70 10.90 -25.36
N PHE A 276 24.25 12.06 -25.64
CA PHE A 276 24.92 12.72 -24.55
C PHE A 276 24.08 13.95 -24.26
N LEU A 277 24.12 14.43 -23.02
CA LEU A 277 23.35 15.61 -22.66
C LEU A 277 24.38 16.68 -22.49
N LEU A 278 24.16 17.75 -23.25
CA LEU A 278 25.09 18.87 -23.20
C LEU A 278 24.82 19.84 -22.06
N GLU A 279 25.91 20.48 -21.62
CA GLU A 279 25.85 21.42 -20.51
C GLU A 279 24.88 22.50 -20.92
N ASP A 280 24.69 22.58 -22.24
CA ASP A 280 23.76 23.53 -22.82
C ASP A 280 22.33 23.00 -22.88
N ASP A 281 22.15 21.73 -22.52
CA ASP A 281 20.85 21.07 -22.53
C ASP A 281 20.41 20.59 -23.90
N SER A 282 21.31 20.73 -24.88
CA SER A 282 20.97 20.26 -26.22
C SER A 282 21.43 18.79 -26.30
N ILE A 283 21.02 18.10 -27.34
CA ILE A 283 21.36 16.69 -27.46
C ILE A 283 22.16 16.21 -28.64
N MET A 284 22.97 15.23 -28.28
CA MET A 284 23.85 14.62 -29.25
C MET A 284 23.68 13.10 -29.19
N LEU A 285 23.82 12.54 -30.37
CA LEU A 285 23.72 11.11 -30.45
C LEU A 285 25.15 10.66 -30.17
N CYS A 286 25.32 9.53 -29.49
CA CYS A 286 26.65 9.00 -29.16
C CYS A 286 26.84 7.82 -30.12
N GLU A 287 25.80 6.99 -30.29
CA GLU A 287 25.89 5.83 -31.17
C GLU A 287 24.53 5.13 -31.13
N ILE A 288 24.30 4.35 -32.19
CA ILE A 288 23.06 3.60 -32.35
C ILE A 288 23.48 2.13 -32.58
N ALA A 289 22.72 1.22 -31.94
CA ALA A 289 22.86 -0.25 -31.92
C ALA A 289 21.61 -0.92 -32.54
N SER A 290 21.81 -1.76 -33.57
CA SER A 290 20.71 -2.48 -34.23
C SER A 290 20.46 -3.79 -33.48
N ARG A 291 20.25 -3.72 -32.17
CA ARG A 291 20.02 -4.91 -31.30
C ARG A 291 19.65 -4.52 -29.90
N ILE A 292 19.35 -5.55 -29.12
CA ILE A 292 19.01 -5.55 -27.69
C ILE A 292 20.30 -4.89 -27.12
N HIS A 293 20.13 -4.03 -26.12
CA HIS A 293 21.24 -3.22 -25.61
C HIS A 293 21.35 -3.24 -24.10
N ASN A 294 22.56 -2.99 -23.62
CA ASN A 294 22.82 -3.01 -22.18
C ASN A 294 21.96 -2.00 -21.50
N SER A 295 21.74 -0.92 -22.22
CA SER A 295 20.92 0.12 -21.60
C SER A 295 19.52 -0.32 -21.28
N GLY A 296 19.13 -1.43 -21.90
CA GLY A 296 17.78 -1.89 -21.63
C GLY A 296 17.62 -3.09 -20.71
N HIS A 297 18.69 -3.51 -20.05
CA HIS A 297 18.48 -4.66 -19.17
C HIS A 297 17.43 -4.52 -18.06
N TYR A 298 17.28 -3.27 -17.60
CA TYR A 298 16.33 -2.99 -16.54
C TYR A 298 14.90 -3.37 -16.98
N THR A 299 14.70 -3.54 -18.28
CA THR A 299 13.31 -3.84 -18.71
C THR A 299 12.70 -5.14 -18.20
N ILE A 300 13.62 -6.06 -17.87
CA ILE A 300 13.21 -7.37 -17.35
C ILE A 300 12.41 -7.26 -16.10
N GLU A 301 12.95 -6.57 -15.12
CA GLU A 301 12.12 -6.48 -13.91
C GLU A 301 11.36 -5.16 -13.94
N GLY A 302 11.80 -4.29 -14.83
CA GLY A 302 11.19 -2.98 -14.89
C GLY A 302 9.91 -2.73 -15.62
N CYS A 303 9.56 -3.62 -16.54
CA CYS A 303 8.35 -3.47 -17.34
C CYS A 303 7.71 -4.82 -17.58
N ALA A 304 6.46 -4.85 -18.06
CA ALA A 304 5.77 -6.11 -18.35
C ALA A 304 6.41 -6.85 -19.49
N LEU A 305 6.90 -6.17 -20.55
CA LEU A 305 7.51 -6.82 -21.73
C LEU A 305 8.91 -6.30 -21.73
N SER A 306 9.88 -7.20 -21.58
CA SER A 306 11.24 -6.72 -21.56
C SER A 306 11.66 -6.52 -23.00
N GLN A 307 12.81 -5.89 -23.15
CA GLN A 307 13.33 -5.61 -24.49
C GLN A 307 13.48 -6.88 -25.31
N PHE A 308 13.76 -7.92 -24.54
CA PHE A 308 14.04 -9.24 -25.08
C PHE A 308 12.74 -9.77 -25.55
N ASP A 309 11.65 -9.72 -24.77
CA ASP A 309 10.35 -10.19 -25.22
C ASP A 309 9.99 -9.31 -26.43
N ALA A 310 10.19 -8.02 -26.26
CA ALA A 310 9.83 -7.11 -27.34
C ALA A 310 10.46 -7.43 -28.69
N HIS A 311 11.76 -7.64 -28.66
CA HIS A 311 12.49 -7.96 -29.88
C HIS A 311 11.98 -9.21 -30.60
N LEU A 312 11.67 -10.27 -29.88
CA LEU A 312 11.16 -11.47 -30.53
C LEU A 312 9.86 -11.15 -31.20
N ARG A 313 8.96 -10.49 -30.46
CA ARG A 313 7.67 -10.15 -31.01
C ARG A 313 7.81 -9.37 -32.29
N ALA A 314 8.71 -8.38 -32.22
CA ALA A 314 8.88 -7.51 -33.38
C ALA A 314 9.30 -8.25 -34.64
N ILE A 315 10.30 -9.10 -34.49
CA ILE A 315 10.78 -9.81 -35.64
C ILE A 315 9.87 -10.97 -36.06
N LEU A 316 8.86 -11.26 -35.25
CA LEU A 316 7.91 -12.36 -35.50
C LEU A 316 6.53 -11.82 -35.80
N ASP A 317 6.43 -10.49 -35.89
CA ASP A 317 5.18 -9.81 -36.15
C ASP A 317 4.13 -10.16 -35.12
N LEU A 318 4.56 -10.25 -33.87
CA LEU A 318 3.59 -10.56 -32.79
C LEU A 318 3.30 -9.23 -32.13
N PRO A 319 2.14 -9.20 -31.48
CA PRO A 319 1.65 -8.00 -30.82
C PRO A 319 2.50 -7.42 -29.74
N ILE A 320 2.43 -6.13 -29.61
CA ILE A 320 3.17 -5.59 -28.49
C ILE A 320 2.36 -4.45 -27.84
N PRO A 321 1.49 -4.80 -26.90
CA PRO A 321 0.71 -3.75 -26.20
C PRO A 321 1.68 -2.67 -25.69
N ALA A 322 1.48 -1.41 -26.05
CA ALA A 322 2.41 -0.33 -25.71
C ALA A 322 2.50 -0.15 -24.18
N GLN A 323 1.38 -0.39 -23.53
CA GLN A 323 1.29 -0.27 -22.07
C GLN A 323 2.40 -1.12 -21.41
N SER A 324 2.75 -2.25 -22.02
CA SER A 324 3.75 -3.17 -21.50
C SER A 324 5.21 -2.74 -21.47
N LEU A 325 5.49 -1.59 -22.07
CA LEU A 325 6.84 -1.02 -22.17
C LEU A 325 6.92 0.17 -21.24
N GLU A 326 5.90 0.31 -20.40
CA GLU A 326 5.88 1.43 -19.45
C GLU A 326 6.64 0.84 -18.27
N ILE A 327 7.36 1.70 -17.57
CA ILE A 327 8.13 1.29 -16.39
C ILE A 327 7.23 1.09 -15.19
N ARG A 328 7.26 -0.11 -14.62
CA ARG A 328 6.43 -0.42 -13.44
C ARG A 328 6.86 0.31 -12.17
N GLN A 329 8.16 0.44 -11.85
CA GLN A 329 8.62 1.14 -10.65
C GLN A 329 10.03 1.54 -10.98
N PRO A 330 10.60 2.46 -10.21
CA PRO A 330 11.99 2.88 -10.47
C PRO A 330 13.02 1.77 -10.27
N SER A 331 14.12 1.85 -11.03
CA SER A 331 15.17 0.86 -10.92
C SER A 331 16.56 1.30 -11.32
N ILE A 332 17.52 0.53 -10.85
CA ILE A 332 18.90 0.85 -11.16
C ILE A 332 19.58 -0.46 -11.58
N MET A 333 20.36 -0.44 -12.67
CA MET A 333 21.07 -1.67 -13.05
C MET A 333 22.53 -1.26 -12.93
N LEU A 334 23.26 -2.18 -12.31
CA LEU A 334 24.71 -2.07 -12.12
C LEU A 334 25.39 -3.22 -12.91
N ASN A 335 26.43 -2.97 -13.70
CA ASN A 335 27.04 -4.07 -14.43
C ASN A 335 28.03 -4.69 -13.49
N ILE A 336 28.35 -5.98 -13.66
CA ILE A 336 29.35 -6.70 -12.91
C ILE A 336 30.40 -6.94 -13.97
N ILE A 337 31.45 -6.15 -13.87
CA ILE A 337 32.57 -6.14 -14.80
C ILE A 337 33.73 -6.95 -14.27
N GLY A 338 34.47 -7.68 -15.10
CA GLY A 338 35.64 -8.44 -14.61
C GLY A 338 36.61 -7.48 -13.85
N GLY A 339 37.18 -7.88 -12.72
CA GLY A 339 38.09 -6.98 -12.00
C GLY A 339 39.54 -7.41 -12.16
N ALA A 340 40.36 -6.98 -11.21
CA ALA A 340 41.76 -7.42 -11.28
C ALA A 340 41.85 -8.99 -11.25
N ALA A 341 41.16 -9.62 -10.29
CA ALA A 341 41.13 -11.09 -10.12
C ALA A 341 40.05 -11.78 -10.92
N PRO A 342 40.16 -13.07 -11.12
CA PRO A 342 39.08 -13.67 -11.89
C PRO A 342 37.93 -14.19 -11.01
N ASP A 343 37.99 -14.02 -9.68
CA ASP A 343 36.95 -14.52 -8.75
C ASP A 343 36.01 -13.40 -8.36
N THR A 344 36.63 -12.22 -8.48
CA THR A 344 36.13 -10.90 -8.21
C THR A 344 34.68 -10.77 -8.66
N HIS A 345 34.36 -10.94 -9.94
CA HIS A 345 32.93 -10.83 -10.16
C HIS A 345 32.09 -11.68 -9.18
N LEU A 346 32.57 -12.79 -8.61
CA LEU A 346 31.61 -13.52 -7.76
C LEU A 346 31.29 -12.89 -6.44
N GLN A 347 32.31 -12.18 -6.01
CA GLN A 347 32.19 -11.46 -4.77
C GLN A 347 31.07 -10.40 -4.89
N ALA A 348 30.98 -9.73 -6.02
CA ALA A 348 29.91 -8.75 -6.22
C ALA A 348 28.53 -9.41 -6.22
N ALA A 349 28.37 -10.53 -6.93
CA ALA A 349 27.07 -11.21 -6.99
C ALA A 349 26.66 -11.66 -5.59
N GLU A 350 27.69 -12.05 -4.88
CA GLU A 350 27.49 -12.52 -3.53
C GLU A 350 26.97 -11.42 -2.64
N CYS A 351 27.50 -10.22 -2.78
CA CYS A 351 27.04 -9.09 -2.01
C CYS A 351 25.60 -8.76 -2.42
N ALA A 352 25.34 -8.91 -3.74
CA ALA A 352 24.00 -8.62 -4.28
C ALA A 352 22.95 -9.53 -3.63
N LEU A 353 23.36 -10.72 -3.20
CA LEU A 353 22.39 -11.64 -2.60
C LEU A 353 21.75 -10.95 -1.42
N SER A 354 22.46 -9.97 -0.85
CA SER A 354 21.85 -9.30 0.31
C SER A 354 21.26 -7.95 0.07
N ILE A 355 21.22 -7.44 -1.15
CA ILE A 355 20.64 -6.10 -1.34
C ILE A 355 19.12 -6.30 -1.41
N PRO A 356 18.32 -5.45 -0.74
CA PRO A 356 16.89 -5.79 -0.84
C PRO A 356 16.51 -5.53 -2.31
N ASN A 357 15.54 -6.25 -2.87
CA ASN A 357 15.07 -6.00 -4.25
C ASN A 357 15.99 -6.12 -5.41
N ALA A 358 17.10 -6.81 -5.18
CA ALA A 358 18.08 -6.91 -6.21
C ALA A 358 17.96 -8.18 -7.02
N SER A 359 17.82 -8.03 -8.33
CA SER A 359 17.67 -9.22 -9.14
C SER A 359 19.05 -9.47 -9.74
N ILE A 360 19.57 -10.67 -9.48
CA ILE A 360 20.89 -11.02 -9.98
C ILE A 360 20.91 -11.79 -11.29
N HIS A 361 21.74 -11.39 -12.25
CA HIS A 361 21.84 -12.06 -13.51
C HIS A 361 23.30 -12.27 -13.77
N LEU A 362 23.73 -13.52 -13.72
CA LEU A 362 25.13 -13.85 -14.07
C LEU A 362 24.99 -14.45 -15.48
N TYR A 363 25.96 -14.11 -16.32
CA TYR A 363 26.04 -14.53 -17.71
C TYR A 363 26.58 -15.93 -18.07
N SER A 364 27.07 -16.72 -17.11
CA SER A 364 27.62 -18.05 -17.41
C SER A 364 28.76 -17.83 -18.45
N LYS A 365 29.54 -16.73 -18.36
CA LYS A 365 30.63 -16.41 -19.35
C LYS A 365 32.05 -17.01 -19.29
N GLY A 366 32.30 -17.70 -18.20
CA GLY A 366 33.61 -18.35 -18.02
C GLY A 366 34.63 -17.53 -17.29
N ALA A 367 35.80 -17.45 -17.92
CA ALA A 367 36.88 -16.69 -17.35
C ALA A 367 36.50 -15.23 -17.36
N ALA A 368 36.50 -14.68 -16.16
CA ALA A 368 36.20 -13.29 -15.96
C ALA A 368 37.52 -12.55 -16.29
N LYS A 369 37.54 -11.75 -17.38
CA LYS A 369 38.65 -10.87 -17.84
C LYS A 369 38.42 -9.43 -17.32
N PRO A 370 39.47 -8.72 -16.97
CA PRO A 370 39.23 -7.38 -16.46
C PRO A 370 38.42 -6.52 -17.44
N GLY A 371 37.37 -5.87 -16.96
CA GLY A 371 36.60 -5.03 -17.88
C GLY A 371 35.52 -5.88 -18.57
N ARG A 372 35.58 -7.20 -18.46
CA ARG A 372 34.59 -8.07 -19.10
C ARG A 372 33.29 -8.06 -18.31
N LYS A 373 32.25 -7.84 -19.13
CA LYS A 373 30.86 -7.85 -18.66
C LYS A 373 30.48 -9.31 -18.36
N MET A 374 30.36 -9.56 -17.07
CA MET A 374 30.07 -10.85 -16.54
C MET A 374 28.70 -11.14 -15.97
N GLY A 375 27.89 -10.10 -15.79
CA GLY A 375 26.58 -10.31 -15.26
C GLY A 375 26.08 -8.86 -14.92
N HIS A 376 24.89 -8.70 -14.34
CA HIS A 376 24.28 -7.43 -13.94
C HIS A 376 23.32 -7.70 -12.82
N ILE A 377 23.07 -6.64 -12.03
CA ILE A 377 22.17 -6.71 -10.89
C ILE A 377 21.19 -5.60 -11.18
N THR A 378 19.93 -5.93 -10.97
CA THR A 378 18.96 -4.86 -11.21
C THR A 378 18.21 -4.66 -9.91
N VAL A 379 18.18 -3.42 -9.42
CA VAL A 379 17.40 -3.16 -8.19
C VAL A 379 16.17 -2.24 -8.41
N THR A 380 14.99 -2.69 -7.95
CA THR A 380 13.79 -1.87 -8.15
C THR A 380 13.36 -1.22 -6.80
N ALA A 381 12.36 -0.35 -6.85
CA ALA A 381 11.85 0.27 -5.64
C ALA A 381 10.75 1.22 -6.04
N PRO A 382 9.79 1.45 -5.14
CA PRO A 382 8.67 2.31 -5.51
C PRO A 382 9.19 3.70 -5.85
N THR A 383 10.39 4.07 -5.37
CA THR A 383 11.02 5.39 -5.59
C THR A 383 12.51 5.24 -5.93
N MET A 384 13.06 6.22 -6.64
CA MET A 384 14.47 6.10 -7.02
C MET A 384 15.26 6.20 -5.73
N HIS A 385 14.86 7.20 -4.95
CA HIS A 385 15.55 7.47 -3.75
C HIS A 385 15.84 6.12 -3.13
N GLU A 386 14.75 5.44 -2.81
CA GLU A 386 14.88 4.19 -2.10
C GLU A 386 15.69 3.09 -2.83
N ALA A 387 15.56 3.06 -4.17
CA ALA A 387 16.30 2.09 -5.02
C ALA A 387 17.77 2.48 -4.87
N GLU A 388 18.03 3.79 -4.90
CA GLU A 388 19.40 4.28 -4.75
C GLU A 388 20.00 3.85 -3.40
N THR A 389 19.19 3.95 -2.36
CA THR A 389 19.70 3.49 -1.06
C THR A 389 19.94 1.98 -0.96
N HIS A 390 19.06 1.20 -1.58
CA HIS A 390 19.27 -0.24 -1.48
C HIS A 390 20.53 -0.64 -2.18
N ILE A 391 20.83 0.03 -3.29
CA ILE A 391 22.03 -0.34 -4.02
C ILE A 391 23.38 0.25 -3.57
N GLN A 392 23.38 1.39 -2.89
CA GLN A 392 24.70 1.93 -2.52
C GLN A 392 25.86 1.05 -2.07
N PRO A 393 25.59 0.27 -1.04
CA PRO A 393 26.60 -0.61 -0.49
C PRO A 393 27.24 -1.58 -1.49
N LEU A 394 26.45 -2.04 -2.44
CA LEU A 394 26.91 -2.97 -3.48
C LEU A 394 27.78 -2.19 -4.47
N ILE A 395 27.41 -0.93 -4.73
CA ILE A 395 28.25 -0.12 -5.63
C ILE A 395 29.51 0.11 -4.79
N ASP A 396 29.32 0.35 -3.50
CA ASP A 396 30.46 0.56 -2.61
C ASP A 396 31.47 -0.58 -2.64
N VAL A 397 30.97 -1.80 -2.58
CA VAL A 397 31.84 -2.98 -2.60
C VAL A 397 32.44 -3.17 -3.98
N VAL A 398 31.61 -2.85 -4.96
CA VAL A 398 32.02 -3.05 -6.31
C VAL A 398 33.18 -2.11 -6.57
N ASP A 399 32.97 -0.89 -6.10
CA ASP A 399 33.97 0.13 -6.29
C ASP A 399 35.38 -0.23 -5.79
N ARG A 400 35.49 -0.77 -4.59
CA ARG A 400 36.79 -1.13 -4.03
C ARG A 400 37.34 -2.44 -4.61
N ILE A 401 37.23 -2.67 -5.92
CA ILE A 401 37.76 -3.86 -6.60
C ILE A 401 37.99 -3.81 -8.12
N MET B 21 33.01 -21.22 -5.97
CA MET B 21 32.30 -20.19 -5.20
C MET B 21 30.90 -20.50 -4.57
N TRP B 22 30.20 -19.55 -3.98
CA TRP B 22 28.91 -19.79 -3.32
C TRP B 22 27.91 -20.45 -4.23
N ASN B 23 28.20 -20.45 -5.54
CA ASN B 23 27.31 -21.00 -6.56
C ASN B 23 27.92 -22.13 -7.41
N SER B 24 28.85 -22.83 -6.79
CA SER B 24 29.53 -24.01 -7.33
C SER B 24 28.83 -25.28 -6.72
N ARG B 25 27.96 -25.20 -5.72
CA ARG B 25 27.28 -26.46 -5.27
C ARG B 25 26.20 -27.03 -6.20
N LYS B 26 26.12 -28.35 -6.26
CA LYS B 26 25.14 -28.85 -7.18
C LYS B 26 23.74 -29.14 -6.66
N VAL B 27 22.66 -28.74 -7.34
CA VAL B 27 21.29 -29.04 -6.92
C VAL B 27 20.68 -30.10 -7.83
N GLY B 28 20.15 -31.17 -7.24
CA GLY B 28 19.52 -32.30 -7.90
C GLY B 28 18.08 -32.09 -7.46
N VAL B 29 17.17 -32.23 -8.40
CA VAL B 29 15.79 -32.00 -8.03
C VAL B 29 15.07 -33.22 -8.60
N LEU B 30 14.13 -33.77 -7.83
CA LEU B 30 13.32 -34.91 -8.27
C LEU B 30 12.14 -34.28 -9.05
N GLY B 31 11.99 -34.66 -10.32
CA GLY B 31 10.89 -34.09 -11.08
C GLY B 31 11.42 -33.05 -12.06
N GLY B 32 10.83 -32.90 -13.24
CA GLY B 32 11.27 -31.91 -14.21
C GLY B 32 10.11 -31.31 -15.00
N GLY B 33 8.96 -31.14 -14.33
CA GLY B 33 7.72 -30.56 -14.83
C GLY B 33 7.81 -29.02 -14.78
N GLN B 34 6.69 -28.32 -14.91
CA GLN B 34 6.76 -26.88 -14.90
C GLN B 34 7.42 -26.35 -13.63
N LEU B 35 7.32 -27.09 -12.52
CA LEU B 35 7.91 -26.63 -11.27
C LEU B 35 9.43 -26.69 -11.33
N GLY B 36 9.96 -27.87 -11.68
CA GLY B 36 11.42 -27.93 -11.78
C GLY B 36 11.88 -26.89 -12.84
N ARG B 37 11.05 -26.64 -13.83
CA ARG B 37 11.48 -25.73 -14.87
C ARG B 37 11.76 -24.37 -14.34
N MET B 38 10.82 -23.77 -13.60
CA MET B 38 10.98 -22.43 -13.04
C MET B 38 12.10 -22.39 -12.03
N LEU B 39 12.23 -23.52 -11.35
CA LEU B 39 13.34 -23.67 -10.38
C LEU B 39 14.66 -23.61 -11.20
N VAL B 40 14.71 -24.32 -12.33
CA VAL B 40 15.88 -24.24 -13.19
C VAL B 40 16.12 -22.80 -13.73
N GLU B 41 15.07 -22.10 -14.12
CA GLU B 41 15.16 -20.71 -14.59
C GLU B 41 15.96 -19.92 -13.55
N SER B 42 15.47 -19.98 -12.30
CA SER B 42 16.18 -19.30 -11.21
C SER B 42 17.65 -19.68 -11.03
N ALA B 43 17.98 -20.96 -11.19
CA ALA B 43 19.39 -21.33 -10.96
C ALA B 43 20.19 -20.92 -12.12
N ASN B 44 19.61 -20.88 -13.32
CA ASN B 44 20.39 -20.43 -14.46
C ASN B 44 20.76 -19.01 -14.25
N ARG B 45 19.93 -18.22 -13.55
CA ARG B 45 20.33 -16.81 -13.32
C ARG B 45 21.55 -16.61 -12.43
N LEU B 46 21.67 -17.58 -11.53
CA LEU B 46 22.77 -17.60 -10.58
C LEU B 46 23.94 -18.46 -11.02
N ASN B 47 23.76 -19.15 -12.15
CA ASN B 47 24.62 -20.13 -12.77
C ASN B 47 24.91 -21.24 -11.72
N ILE B 48 23.85 -21.73 -11.11
CA ILE B 48 24.01 -22.80 -10.09
C ILE B 48 23.56 -23.95 -10.92
N GLN B 49 24.33 -25.04 -10.96
CA GLN B 49 23.96 -26.24 -11.73
C GLN B 49 22.82 -27.03 -11.08
N VAL B 50 21.86 -27.47 -11.90
CA VAL B 50 20.75 -28.31 -11.45
C VAL B 50 20.68 -29.68 -12.18
N ASN B 51 20.83 -30.78 -11.47
CA ASN B 51 20.72 -32.09 -12.15
C ASN B 51 19.30 -32.52 -11.87
N VAL B 52 18.50 -32.58 -12.91
CA VAL B 52 17.13 -33.01 -12.74
C VAL B 52 16.92 -34.52 -12.94
N LEU B 53 16.21 -35.18 -12.04
CA LEU B 53 15.94 -36.57 -12.32
C LEU B 53 14.47 -36.60 -12.85
N ASP B 54 14.30 -37.06 -14.08
CA ASP B 54 12.95 -37.16 -14.69
C ASP B 54 13.27 -37.78 -16.09
N ALA B 55 12.22 -37.93 -16.89
CA ALA B 55 12.28 -38.45 -18.24
C ALA B 55 13.20 -37.62 -19.14
N ASP B 56 13.44 -38.05 -20.38
CA ASP B 56 14.32 -37.19 -21.17
C ASP B 56 13.64 -35.99 -21.80
N ASN B 57 14.38 -34.90 -21.97
CA ASN B 57 13.77 -33.70 -22.56
C ASN B 57 12.60 -33.26 -21.67
N SER B 58 12.68 -33.43 -20.36
CA SER B 58 11.54 -32.98 -19.58
C SER B 58 11.46 -31.40 -19.66
N PRO B 59 10.32 -30.76 -19.38
CA PRO B 59 10.30 -29.32 -19.50
C PRO B 59 11.50 -28.69 -18.89
N ALA B 60 11.83 -29.17 -17.72
CA ALA B 60 13.02 -28.53 -17.15
C ALA B 60 14.35 -28.77 -17.81
N LYS B 61 14.59 -30.02 -18.15
CA LYS B 61 15.91 -30.25 -18.73
C LYS B 61 16.17 -29.44 -20.01
N GLN B 62 15.12 -29.15 -20.77
CA GLN B 62 15.25 -28.49 -22.05
C GLN B 62 15.84 -27.12 -21.89
N ILE B 63 15.82 -26.58 -20.67
CA ILE B 63 16.40 -25.26 -20.53
C ILE B 63 17.69 -25.31 -19.79
N SER B 64 18.29 -26.50 -19.80
CA SER B 64 19.52 -26.77 -19.03
C SER B 64 20.37 -27.75 -19.81
N ALA B 65 21.17 -27.24 -20.72
CA ALA B 65 22.02 -28.07 -21.55
C ALA B 65 23.36 -28.43 -20.92
N HIS B 66 23.38 -29.52 -20.16
CA HIS B 66 24.63 -30.02 -19.52
C HIS B 66 24.47 -31.49 -19.41
N ASP B 67 25.51 -32.10 -18.86
CA ASP B 67 25.47 -33.57 -18.75
C ASP B 67 25.15 -34.22 -17.40
N GLY B 68 24.89 -33.41 -16.38
CA GLY B 68 24.59 -33.91 -15.07
C GLY B 68 23.18 -34.43 -14.88
N HIS B 69 22.37 -34.27 -15.92
CA HIS B 69 21.01 -34.76 -15.71
C HIS B 69 21.02 -36.29 -15.67
N VAL B 70 19.98 -36.84 -15.06
CA VAL B 70 19.73 -38.27 -14.92
C VAL B 70 18.40 -38.58 -15.58
N THR B 71 18.39 -39.67 -16.33
CA THR B 71 17.12 -40.07 -16.93
C THR B 71 16.41 -41.15 -16.09
N GLY B 72 15.18 -40.87 -15.68
CA GLY B 72 14.45 -41.83 -14.89
C GLY B 72 13.21 -41.24 -14.25
N SER B 73 12.68 -42.00 -13.30
CA SER B 73 11.51 -41.64 -12.49
C SER B 73 12.09 -41.51 -11.08
N PHE B 74 11.47 -40.57 -10.35
CA PHE B 74 11.71 -40.19 -8.95
C PHE B 74 10.90 -41.11 -8.03
N LYS B 75 10.61 -42.29 -8.56
CA LYS B 75 9.83 -43.27 -7.82
C LYS B 75 10.58 -44.58 -7.75
N GLU B 76 11.64 -44.59 -8.55
CA GLU B 76 12.55 -45.72 -8.63
C GLU B 76 13.83 -45.53 -7.83
N ARG B 77 13.97 -46.34 -6.78
CA ARG B 77 15.10 -46.38 -5.82
C ARG B 77 16.47 -46.01 -6.34
N GLU B 78 16.75 -46.59 -7.49
CA GLU B 78 18.02 -46.47 -8.20
C GLU B 78 18.24 -45.19 -9.00
N ALA B 79 17.17 -44.62 -9.58
CA ALA B 79 17.28 -43.40 -10.38
C ALA B 79 17.78 -42.46 -9.30
N VAL B 80 16.96 -42.41 -8.27
CA VAL B 80 17.21 -41.56 -7.10
C VAL B 80 18.59 -41.58 -6.47
N ARG B 81 19.07 -42.79 -6.22
CA ARG B 81 20.37 -43.03 -5.59
C ARG B 81 21.52 -42.45 -6.42
N GLN B 82 21.30 -42.48 -7.74
CA GLN B 82 22.20 -42.01 -8.80
C GLN B 82 22.28 -40.49 -8.75
N LEU B 83 21.13 -39.83 -8.66
CA LEU B 83 21.09 -38.36 -8.56
C LEU B 83 21.79 -37.79 -7.30
N ALA B 84 21.67 -38.46 -6.15
CA ALA B 84 22.29 -37.95 -4.90
C ALA B 84 23.74 -37.97 -4.98
N LYS B 85 24.13 -38.98 -5.74
CA LYS B 85 25.52 -39.25 -5.99
C LYS B 85 26.20 -38.17 -6.78
N THR B 86 25.38 -37.34 -7.37
CA THR B 86 25.98 -36.26 -8.15
C THR B 86 25.57 -34.89 -7.65
N CYS B 87 25.04 -34.80 -6.44
CA CYS B 87 24.62 -33.48 -5.95
C CYS B 87 25.12 -33.20 -4.57
N ASP B 88 24.91 -31.94 -4.20
CA ASP B 88 25.25 -31.44 -2.87
C ASP B 88 23.97 -31.53 -2.06
N VAL B 89 22.86 -31.05 -2.63
CA VAL B 89 21.61 -31.19 -1.94
C VAL B 89 20.61 -31.81 -2.88
N VAL B 90 19.62 -32.52 -2.32
CA VAL B 90 18.56 -33.06 -3.15
C VAL B 90 17.27 -32.43 -2.58
N THR B 91 16.46 -31.94 -3.53
CA THR B 91 15.17 -31.34 -3.22
C THR B 91 14.20 -31.95 -4.24
N ALA B 92 12.90 -31.67 -4.06
CA ALA B 92 11.87 -32.18 -4.96
C ALA B 92 10.87 -31.19 -5.57
N GLU B 93 10.33 -31.51 -6.74
CA GLU B 93 9.35 -30.58 -7.35
C GLU B 93 7.95 -31.16 -7.48
N ILE B 94 7.78 -32.31 -6.84
CA ILE B 94 6.50 -33.01 -6.85
C ILE B 94 6.43 -33.66 -5.48
N GLU B 95 5.24 -33.78 -4.95
CA GLU B 95 5.14 -34.39 -3.63
C GLU B 95 5.25 -35.92 -3.63
N HIS B 96 4.64 -36.55 -4.64
CA HIS B 96 4.67 -38.00 -4.73
C HIS B 96 6.04 -38.53 -5.04
N VAL B 97 6.99 -38.26 -4.13
CA VAL B 97 8.31 -38.77 -4.40
C VAL B 97 8.64 -39.90 -3.45
N ASP B 98 9.54 -40.76 -3.91
CA ASP B 98 9.94 -41.82 -3.01
C ASP B 98 10.80 -41.40 -1.75
N THR B 99 10.15 -41.09 -0.61
CA THR B 99 10.96 -40.74 0.54
C THR B 99 11.59 -41.90 1.32
N TYR B 100 11.34 -43.15 0.93
CA TYR B 100 12.07 -44.13 1.73
C TYR B 100 13.41 -44.10 1.01
N ALA B 101 13.26 -44.07 -0.32
CA ALA B 101 14.41 -44.04 -1.21
C ALA B 101 15.29 -42.85 -0.85
N LEU B 102 14.58 -41.78 -0.50
CA LEU B 102 15.31 -40.58 -0.13
C LEU B 102 15.91 -40.80 1.22
N GLU B 103 15.15 -41.51 2.05
CA GLU B 103 15.66 -41.68 3.40
C GLU B 103 17.01 -42.36 3.39
N GLU B 104 17.05 -43.48 2.67
CA GLU B 104 18.19 -44.35 2.44
C GLU B 104 19.47 -43.55 2.27
N VAL B 105 19.37 -42.56 1.39
CA VAL B 105 20.49 -41.68 1.05
C VAL B 105 20.76 -40.43 1.86
N ALA B 106 19.91 -40.12 2.83
CA ALA B 106 20.17 -38.91 3.60
C ALA B 106 21.57 -39.03 4.21
N SER B 107 22.20 -40.19 4.06
CA SER B 107 23.54 -40.47 4.58
C SER B 107 24.66 -39.97 3.63
N GLU B 108 24.31 -39.99 2.35
CA GLU B 108 25.25 -39.56 1.32
C GLU B 108 24.98 -38.13 0.88
N VAL B 109 23.73 -37.74 0.78
CA VAL B 109 23.46 -36.36 0.37
C VAL B 109 22.45 -35.61 1.26
N LYS B 110 22.62 -34.30 1.34
CA LYS B 110 21.66 -33.53 2.13
C LYS B 110 20.39 -33.41 1.27
N ILE B 111 19.25 -33.60 1.97
CA ILE B 111 17.89 -33.55 1.42
C ILE B 111 17.16 -32.34 2.07
N GLU B 112 16.72 -31.39 1.24
CA GLU B 112 16.00 -30.21 1.74
C GLU B 112 14.72 -29.98 0.97
N PRO B 113 13.56 -29.92 1.62
CA PRO B 113 13.48 -30.06 3.07
C PRO B 113 13.47 -31.56 3.40
N SER B 114 13.46 -31.92 4.71
CA SER B 114 13.40 -33.32 5.19
C SER B 114 12.57 -34.46 4.58
N TRP B 115 13.16 -35.63 4.44
CA TRP B 115 12.41 -36.69 3.82
C TRP B 115 11.29 -37.06 4.76
N GLN B 116 11.55 -36.73 6.03
CA GLN B 116 10.59 -37.03 7.09
C GLN B 116 9.42 -36.06 6.94
N ALA B 117 9.78 -34.78 6.87
CA ALA B 117 8.74 -33.79 6.71
C ALA B 117 8.06 -34.18 5.39
N ILE B 118 8.77 -34.47 4.30
CA ILE B 118 8.05 -34.83 3.09
C ILE B 118 7.11 -36.03 3.25
N ARG B 119 7.63 -37.00 3.99
CA ARG B 119 6.90 -38.21 4.20
C ARG B 119 5.68 -37.98 5.04
N THR B 120 5.84 -37.11 6.01
CA THR B 120 4.69 -36.81 6.83
C THR B 120 3.56 -36.06 6.05
N ILE B 121 3.99 -35.10 5.23
CA ILE B 121 3.13 -34.19 4.55
C ILE B 121 2.35 -34.93 3.45
N GLN B 122 3.01 -35.81 2.75
CA GLN B 122 2.41 -36.42 1.58
C GLN B 122 1.22 -37.34 1.94
N ASN B 123 1.07 -37.62 3.24
CA ASN B 123 -0.14 -38.18 3.85
C ASN B 123 -0.88 -37.14 4.72
N LYS B 124 -1.95 -36.70 4.14
CA LYS B 124 -2.83 -35.63 4.57
C LYS B 124 -3.48 -35.91 5.89
N PHE B 125 -3.61 -37.20 6.20
CA PHE B 125 -4.23 -37.53 7.48
C PHE B 125 -3.14 -37.35 8.54
N ASN B 126 -2.00 -37.99 8.25
CA ASN B 126 -0.87 -37.88 9.15
C ASN B 126 -0.46 -36.42 9.18
N GLN B 127 -0.43 -35.83 7.98
CA GLN B 127 0.06 -34.46 8.01
C GLN B 127 -0.79 -33.79 9.09
N LYS B 128 -2.09 -34.04 9.01
CA LYS B 128 -3.07 -33.45 9.91
C LYS B 128 -2.88 -33.76 11.39
N GLU B 129 -2.52 -34.99 11.65
CA GLU B 129 -2.36 -35.33 13.05
C GLU B 129 -1.08 -34.73 13.59
N HIS B 130 -0.06 -34.63 12.74
CA HIS B 130 1.13 -34.04 13.34
C HIS B 130 0.75 -32.63 13.74
N LEU B 131 0.01 -31.94 12.87
CA LEU B 131 -0.29 -30.53 13.15
C LEU B 131 -1.27 -30.22 14.27
N ARG B 132 -1.91 -31.24 14.82
CA ARG B 132 -2.84 -30.92 15.89
C ARG B 132 -1.93 -30.82 17.12
N LYS B 133 -0.87 -31.62 17.19
CA LYS B 133 0.04 -31.55 18.35
C LYS B 133 0.57 -30.14 18.52
N TYR B 134 0.44 -29.43 17.39
CA TYR B 134 0.87 -28.05 17.30
C TYR B 134 -0.20 -26.94 17.38
N GLY B 135 -1.48 -27.30 17.38
CA GLY B 135 -2.45 -26.22 17.46
C GLY B 135 -2.80 -25.63 16.11
N ILE B 136 -2.68 -26.42 15.05
CA ILE B 136 -3.10 -25.83 13.80
C ILE B 136 -4.61 -25.98 13.67
N PRO B 137 -5.30 -24.85 13.67
CA PRO B 137 -6.74 -24.83 13.47
C PRO B 137 -7.03 -25.55 12.09
N MET B 138 -7.90 -26.53 12.14
CA MET B 138 -8.23 -27.30 10.95
C MET B 138 -9.63 -27.86 11.09
N ALA B 139 -10.05 -28.56 10.05
CA ALA B 139 -11.38 -29.19 10.03
C ALA B 139 -11.28 -30.46 10.86
N GLU B 140 -12.39 -30.76 11.53
CA GLU B 140 -12.35 -32.02 12.28
C GLU B 140 -12.46 -33.13 11.22
N HIS B 141 -12.02 -34.32 11.56
CA HIS B 141 -12.09 -35.23 10.42
C HIS B 141 -12.25 -36.55 11.11
N ARG B 142 -12.44 -37.63 10.35
CA ARG B 142 -12.57 -38.98 10.86
C ARG B 142 -11.91 -39.91 9.84
N GLU B 143 -11.01 -40.75 10.35
CA GLU B 143 -10.32 -41.75 9.59
C GLU B 143 -11.24 -42.95 9.27
N LEU B 144 -11.22 -43.39 8.02
CA LEU B 144 -12.04 -44.51 7.61
C LEU B 144 -11.04 -45.63 7.68
N VAL B 145 -11.38 -46.61 8.48
CA VAL B 145 -10.50 -47.77 8.57
C VAL B 145 -11.05 -48.76 7.54
N GLU B 146 -12.38 -48.90 7.53
CA GLU B 146 -13.00 -49.84 6.61
C GLU B 146 -13.52 -49.50 5.23
N ASN B 147 -13.63 -48.24 4.89
CA ASN B 147 -14.11 -48.00 3.55
C ASN B 147 -15.44 -48.72 3.34
N THR B 148 -16.16 -48.93 4.44
CA THR B 148 -17.47 -49.57 4.42
C THR B 148 -18.56 -48.51 4.57
N PRO B 149 -19.69 -48.77 3.93
CA PRO B 149 -20.84 -47.90 3.99
C PRO B 149 -21.27 -47.55 5.42
N ALA B 150 -21.32 -48.59 6.26
CA ALA B 150 -21.72 -48.52 7.65
C ALA B 150 -20.83 -47.63 8.52
N GLU B 151 -19.55 -47.68 8.17
CA GLU B 151 -18.52 -46.89 8.86
C GLU B 151 -18.75 -45.47 8.39
N LEU B 152 -18.77 -45.25 7.09
CA LEU B 152 -18.98 -43.88 6.69
C LEU B 152 -20.22 -43.26 7.34
N ALA B 153 -21.32 -43.99 7.27
CA ALA B 153 -22.59 -43.53 7.81
C ALA B 153 -22.53 -43.03 9.22
N LYS B 154 -21.75 -43.75 10.02
CA LYS B 154 -21.55 -43.40 11.42
C LYS B 154 -20.85 -42.06 11.49
N VAL B 155 -19.71 -41.95 10.80
CA VAL B 155 -18.90 -40.73 10.77
C VAL B 155 -19.81 -39.53 10.49
N GLY B 156 -20.54 -39.68 9.38
CA GLY B 156 -21.48 -38.65 8.91
C GLY B 156 -22.30 -38.11 10.08
N GLU B 157 -22.77 -39.03 10.92
CA GLU B 157 -23.56 -38.69 12.08
C GLU B 157 -22.78 -37.87 13.11
N GLN B 158 -21.47 -38.00 13.08
CA GLN B 158 -20.76 -37.22 14.06
C GLN B 158 -20.44 -35.94 13.32
N LEU B 159 -20.02 -36.09 12.08
CA LEU B 159 -19.64 -34.85 11.44
C LEU B 159 -20.66 -33.94 10.77
N GLY B 160 -21.74 -34.57 10.32
CA GLY B 160 -22.79 -33.82 9.63
C GLY B 160 -22.52 -33.85 8.13
N TYR B 161 -23.50 -33.41 7.36
CA TYR B 161 -23.35 -33.33 5.93
C TYR B 161 -23.47 -31.86 5.52
N PRO B 162 -22.92 -31.51 4.35
CA PRO B 162 -22.23 -32.51 3.57
C PRO B 162 -20.88 -32.59 4.28
N LEU B 163 -20.01 -33.43 3.75
CA LEU B 163 -18.69 -33.56 4.34
C LEU B 163 -17.84 -33.94 3.16
N MET B 164 -16.52 -33.79 3.34
CA MET B 164 -15.54 -34.09 2.31
C MET B 164 -14.82 -35.41 2.50
N LEU B 165 -15.23 -36.37 1.67
CA LEU B 165 -14.63 -37.71 1.64
C LEU B 165 -13.21 -37.46 1.08
N LYS B 166 -12.14 -37.83 1.82
CA LYS B 166 -10.78 -37.61 1.28
C LYS B 166 -9.71 -38.73 1.29
N SER B 167 -8.85 -38.79 0.26
CA SER B 167 -7.80 -39.79 0.33
C SER B 167 -6.60 -39.14 0.99
N LYS B 168 -5.90 -39.96 1.75
CA LYS B 168 -4.73 -39.44 2.43
C LYS B 168 -3.55 -39.22 1.47
N THR B 169 -3.51 -40.10 0.45
CA THR B 169 -2.45 -40.10 -0.58
C THR B 169 -2.43 -39.40 -1.94
N ARG B 175 -9.72 -35.19 -7.54
CA ARG B 175 -9.46 -36.46 -8.21
C ARG B 175 -9.46 -37.57 -7.15
N GLY B 176 -9.11 -37.17 -5.93
CA GLY B 176 -9.06 -38.06 -4.78
C GLY B 176 -10.04 -37.61 -3.68
N ASN B 177 -10.97 -36.73 -4.04
CA ASN B 177 -11.98 -36.22 -3.12
C ASN B 177 -13.40 -36.45 -3.59
N PHE B 178 -14.30 -36.55 -2.62
CA PHE B 178 -15.69 -36.75 -2.93
C PHE B 178 -16.53 -36.08 -1.85
N ARG B 179 -17.27 -35.09 -2.30
CA ARG B 179 -18.15 -34.31 -1.44
C ARG B 179 -19.35 -35.19 -1.16
N VAL B 180 -19.61 -35.54 0.10
CA VAL B 180 -20.77 -36.39 0.32
C VAL B 180 -21.90 -35.59 0.98
N ASN B 181 -23.01 -35.38 0.27
CA ASN B 181 -24.16 -34.63 0.79
C ASN B 181 -25.11 -35.10 1.90
N SER B 182 -25.38 -36.41 1.92
CA SER B 182 -26.28 -37.01 2.91
C SER B 182 -25.90 -38.47 3.00
N GLN B 183 -26.67 -39.20 3.80
CA GLN B 183 -26.45 -40.63 3.93
C GLN B 183 -26.42 -41.35 2.57
N ASP B 184 -27.48 -41.16 1.82
CA ASP B 184 -27.50 -41.83 0.53
C ASP B 184 -26.33 -41.74 -0.48
N ASP B 185 -25.49 -40.71 -0.42
CA ASP B 185 -24.41 -40.62 -1.42
C ASP B 185 -23.25 -41.55 -1.17
N ILE B 186 -23.30 -42.11 0.06
CA ILE B 186 -22.32 -43.04 0.61
C ILE B 186 -21.76 -44.11 -0.36
N PRO B 187 -22.73 -44.75 -1.02
CA PRO B 187 -22.49 -45.76 -2.00
C PRO B 187 -21.58 -45.27 -3.14
N GLU B 188 -22.13 -44.30 -3.83
CA GLU B 188 -21.44 -43.71 -4.95
C GLU B 188 -20.11 -43.17 -4.43
N ALA B 189 -20.14 -42.45 -3.31
CA ALA B 189 -18.93 -41.92 -2.71
C ALA B 189 -17.79 -42.92 -2.49
N LEU B 190 -18.13 -44.15 -2.10
CA LEU B 190 -17.17 -45.23 -1.81
C LEU B 190 -16.53 -45.98 -2.99
N GLU B 191 -17.32 -46.25 -4.01
CA GLU B 191 -16.68 -46.90 -5.12
C GLU B 191 -15.79 -45.71 -5.44
N ALA B 192 -16.42 -44.61 -5.80
CA ALA B 192 -15.72 -43.40 -6.21
C ALA B 192 -14.28 -43.19 -5.79
N LEU B 193 -13.96 -43.69 -4.60
CA LEU B 193 -12.63 -43.57 -4.01
C LEU B 193 -12.32 -44.95 -3.51
N LYS B 194 -12.36 -45.87 -4.45
CA LYS B 194 -12.14 -47.29 -4.19
C LYS B 194 -10.83 -47.71 -3.57
N ASP B 195 -9.94 -48.07 -4.49
CA ASP B 195 -8.61 -48.56 -4.16
C ASP B 195 -8.00 -47.88 -2.93
N ARG B 196 -8.16 -46.56 -2.87
CA ARG B 196 -7.58 -45.73 -1.81
C ARG B 196 -8.07 -45.71 -0.38
N PRO B 197 -7.17 -45.61 0.58
CA PRO B 197 -7.63 -45.50 1.95
C PRO B 197 -8.04 -44.04 2.25
N LEU B 198 -8.99 -43.84 3.16
CA LEU B 198 -9.45 -42.49 3.46
C LEU B 198 -9.85 -42.08 4.87
N TYR B 199 -10.30 -40.83 4.96
CA TYR B 199 -10.83 -40.22 6.18
C TYR B 199 -11.73 -39.13 5.56
N ALA B 200 -12.75 -38.75 6.33
CA ALA B 200 -13.61 -37.73 5.79
C ALA B 200 -13.47 -36.57 6.69
N GLU B 201 -13.57 -35.48 5.95
CA GLU B 201 -13.53 -34.17 6.56
C GLU B 201 -14.87 -33.48 6.66
N LYS B 202 -15.01 -32.81 7.80
CA LYS B 202 -16.18 -32.03 8.21
C LYS B 202 -16.18 -30.82 7.28
N TRP B 203 -17.34 -30.42 6.80
CA TRP B 203 -17.39 -29.31 5.87
C TRP B 203 -16.84 -28.01 6.35
N ALA B 204 -16.22 -27.34 5.39
CA ALA B 204 -15.68 -26.05 5.69
C ALA B 204 -16.52 -25.06 4.87
N TYR B 205 -17.26 -24.17 5.52
CA TYR B 205 -18.04 -23.17 4.78
C TYR B 205 -17.14 -21.96 4.58
N PHE B 206 -16.22 -22.00 3.62
CA PHE B 206 -15.41 -20.79 3.50
C PHE B 206 -16.04 -19.81 2.56
N LYS B 207 -15.71 -18.54 2.72
CA LYS B 207 -16.22 -17.59 1.74
C LYS B 207 -15.13 -17.33 0.70
N MET B 208 -13.92 -17.81 1.00
CA MET B 208 -12.76 -17.67 0.11
C MET B 208 -11.64 -18.62 0.43
N GLU B 209 -10.90 -18.96 -0.61
CA GLU B 209 -9.77 -19.83 -0.42
C GLU B 209 -8.47 -19.04 -0.30
N LEU B 210 -7.59 -19.45 0.62
CA LEU B 210 -6.38 -18.65 0.62
C LEU B 210 -5.04 -19.35 0.53
N ALA B 211 -4.00 -18.66 0.06
CA ALA B 211 -2.70 -19.35 -0.01
C ALA B 211 -1.59 -18.41 0.42
N VAL B 212 -0.55 -18.97 1.05
CA VAL B 212 0.64 -18.28 1.54
C VAL B 212 1.88 -19.08 1.15
N ILE B 213 2.89 -18.46 0.52
CA ILE B 213 4.08 -19.24 0.16
C ILE B 213 5.00 -18.97 1.34
N VAL B 214 5.39 -20.03 2.06
CA VAL B 214 6.24 -19.86 3.27
C VAL B 214 7.64 -20.29 2.80
N VAL B 215 8.63 -19.67 3.43
CA VAL B 215 10.06 -19.89 3.20
C VAL B 215 10.80 -20.20 4.52
N LYS B 216 11.19 -21.47 4.66
CA LYS B 216 11.89 -22.02 5.85
C LYS B 216 13.40 -22.07 5.54
N THR B 217 14.09 -21.21 6.28
CA THR B 217 15.52 -21.00 6.20
C THR B 217 16.12 -21.67 7.42
N LYS B 218 17.37 -22.01 7.20
CA LYS B 218 18.18 -22.66 8.17
C LYS B 218 17.75 -22.00 9.48
N ASP B 219 17.59 -20.69 9.54
CA ASP B 219 17.25 -19.85 10.67
C ASP B 219 15.87 -19.26 10.96
N GLU B 220 15.05 -19.08 9.93
CA GLU B 220 13.76 -18.43 10.11
C GLU B 220 12.73 -19.10 9.22
N VAL B 221 11.51 -18.59 9.39
CA VAL B 221 10.35 -18.99 8.64
C VAL B 221 9.79 -17.65 8.17
N LEU B 222 9.88 -17.42 6.86
CA LEU B 222 9.39 -16.17 6.29
C LEU B 222 8.17 -16.51 5.45
N SER B 223 7.38 -15.52 4.99
CA SER B 223 6.25 -15.95 4.14
C SER B 223 6.02 -14.85 3.14
N TYR B 224 5.43 -15.09 1.99
CA TYR B 224 5.16 -13.97 1.13
C TYR B 224 3.72 -13.61 1.57
N PRO B 225 3.14 -12.55 1.02
CA PRO B 225 1.78 -12.18 1.40
C PRO B 225 0.64 -13.17 1.11
N THR B 226 -0.49 -13.01 1.78
CA THR B 226 -1.60 -13.91 1.54
C THR B 226 -2.27 -13.59 0.22
N VAL B 227 -2.59 -14.59 -0.58
CA VAL B 227 -3.25 -14.39 -1.87
C VAL B 227 -4.57 -15.18 -1.91
N GLU B 228 -5.46 -14.80 -2.82
CA GLU B 228 -6.75 -15.45 -2.99
C GLU B 228 -6.71 -16.47 -4.14
N THR B 229 -7.23 -17.65 -3.92
CA THR B 229 -7.06 -18.53 -5.07
C THR B 229 -8.43 -19.01 -5.55
N VAL B 230 -8.48 -19.27 -6.84
CA VAL B 230 -9.74 -19.71 -7.43
C VAL B 230 -9.68 -20.97 -8.27
N GLN B 231 -10.52 -21.93 -7.90
CA GLN B 231 -10.56 -23.20 -8.62
C GLN B 231 -11.67 -23.39 -9.64
N GLU B 232 -11.58 -24.45 -10.44
CA GLU B 232 -12.67 -24.66 -11.39
C GLU B 232 -12.62 -26.13 -11.74
N ASP B 233 -13.69 -26.89 -11.47
CA ASP B 233 -13.64 -28.30 -11.80
C ASP B 233 -12.48 -28.87 -10.96
N SER B 234 -12.34 -28.33 -9.76
CA SER B 234 -11.29 -28.82 -8.89
C SER B 234 -9.79 -28.49 -9.16
N ILE B 235 -9.50 -27.67 -10.15
CA ILE B 235 -8.14 -27.28 -10.45
C ILE B 235 -7.93 -25.76 -10.29
N CYS B 236 -6.81 -25.36 -9.68
CA CYS B 236 -6.56 -23.95 -9.49
C CYS B 236 -6.74 -23.37 -10.87
N LYS B 237 -7.47 -22.25 -10.89
CA LYS B 237 -7.72 -21.52 -12.14
C LYS B 237 -7.04 -20.15 -12.06
N LEU B 238 -7.40 -19.46 -10.98
CA LEU B 238 -6.89 -18.11 -10.76
C LEU B 238 -6.39 -17.79 -9.36
N VAL B 239 -5.46 -16.83 -9.27
CA VAL B 239 -4.92 -16.37 -8.00
C VAL B 239 -4.78 -14.88 -8.07
N TYR B 240 -5.32 -14.20 -7.06
CA TYR B 240 -5.29 -12.74 -6.88
C TYR B 240 -4.35 -12.30 -5.75
N ALA B 241 -3.24 -11.71 -6.18
CA ALA B 241 -2.17 -11.23 -5.31
C ALA B 241 -1.98 -9.72 -5.15
N PRO B 242 -2.31 -9.25 -3.96
CA PRO B 242 -2.82 -10.11 -2.86
C PRO B 242 -4.33 -10.32 -2.88
N ALA B 243 -4.83 -11.17 -1.99
CA ALA B 243 -6.26 -11.48 -1.87
C ALA B 243 -7.01 -10.17 -1.76
N ARG B 244 -8.04 -10.10 -2.59
CA ARG B 244 -8.98 -8.99 -2.75
C ARG B 244 -9.92 -8.78 -1.60
N ASN B 245 -10.10 -7.52 -1.24
CA ASN B 245 -10.96 -7.13 -0.13
C ASN B 245 -10.93 -8.11 1.01
N VAL B 246 -9.71 -8.19 1.53
CA VAL B 246 -9.38 -9.05 2.64
C VAL B 246 -8.56 -8.09 3.47
N SER B 247 -9.01 -7.80 4.68
CA SER B 247 -8.30 -6.88 5.55
C SER B 247 -6.86 -7.32 5.77
N ASP B 248 -6.07 -6.33 6.12
CA ASP B 248 -4.69 -6.45 6.46
C ASP B 248 -4.58 -7.49 7.56
N ALA B 249 -5.47 -7.47 8.56
CA ALA B 249 -5.44 -8.47 9.68
C ALA B 249 -5.64 -9.92 9.19
N ILE B 250 -6.60 -10.13 8.30
CA ILE B 250 -6.72 -11.50 7.86
C ILE B 250 -5.45 -11.96 7.15
N ASN B 251 -4.91 -11.07 6.34
CA ASN B 251 -3.69 -11.34 5.61
C ASN B 251 -2.62 -11.82 6.56
N GLN B 252 -2.36 -11.04 7.61
CA GLN B 252 -1.33 -11.34 8.59
C GLN B 252 -1.78 -12.56 9.38
N LYS B 253 -3.07 -12.67 9.62
CA LYS B 253 -3.37 -13.87 10.42
C LYS B 253 -2.98 -15.15 9.66
N ALA B 254 -3.35 -15.15 8.37
CA ALA B 254 -3.07 -16.27 7.47
C ALA B 254 -1.58 -16.60 7.40
N GLN B 255 -0.79 -15.52 7.24
CA GLN B 255 0.67 -15.58 7.16
C GLN B 255 1.22 -16.22 8.41
N GLU B 256 0.65 -15.80 9.54
CA GLU B 256 1.06 -16.34 10.83
C GLU B 256 0.81 -17.81 11.00
N LEU B 257 -0.41 -18.20 10.63
CA LEU B 257 -0.83 -19.57 10.72
C LEU B 257 0.06 -20.35 9.79
N ALA B 258 0.17 -19.89 8.55
CA ALA B 258 1.04 -20.60 7.60
C ALA B 258 2.46 -20.90 8.16
N ARG B 259 3.14 -19.83 8.59
CA ARG B 259 4.50 -19.89 9.12
C ARG B 259 4.56 -20.87 10.29
N LYS B 260 3.59 -20.70 11.17
CA LYS B 260 3.50 -21.60 12.29
C LYS B 260 3.28 -23.07 11.92
N ALA B 261 2.54 -23.42 10.88
CA ALA B 261 2.34 -24.84 10.56
C ALA B 261 3.60 -25.37 9.93
N VAL B 262 4.17 -24.55 9.06
CA VAL B 262 5.41 -24.97 8.43
C VAL B 262 6.54 -25.08 9.45
N ALA B 263 6.52 -24.29 10.51
CA ALA B 263 7.64 -24.44 11.43
C ALA B 263 7.63 -25.76 12.18
N ALA B 264 6.55 -26.51 12.06
CA ALA B 264 6.34 -27.81 12.74
C ALA B 264 7.14 -28.88 11.98
N PHE B 265 7.78 -28.47 10.89
CA PHE B 265 8.57 -29.40 10.07
C PHE B 265 10.09 -29.21 10.10
N ASP B 266 10.79 -30.30 9.84
CA ASP B 266 12.24 -30.25 9.82
C ASP B 266 12.68 -30.01 8.34
N GLY B 267 13.72 -29.20 8.14
CA GLY B 267 14.18 -28.96 6.78
C GLY B 267 13.88 -27.54 6.32
N LYS B 268 14.58 -27.15 5.27
CA LYS B 268 14.54 -25.82 4.66
C LYS B 268 13.81 -25.85 3.30
N GLY B 269 13.43 -24.69 2.74
CA GLY B 269 12.82 -24.77 1.38
C GLY B 269 11.48 -24.11 1.28
N VAL B 270 10.97 -23.85 0.07
CA VAL B 270 9.66 -23.19 0.02
C VAL B 270 8.52 -24.18 0.21
N PHE B 271 7.53 -23.76 1.02
CA PHE B 271 6.36 -24.61 1.31
C PHE B 271 5.08 -23.85 0.96
N GLY B 272 4.07 -24.49 0.35
CA GLY B 272 2.83 -23.77 0.01
C GLY B 272 1.70 -24.22 0.94
N VAL B 273 1.09 -23.28 1.66
CA VAL B 273 0.03 -23.53 2.66
C VAL B 273 -1.32 -23.03 2.17
N GLU B 274 -2.30 -23.91 1.98
CA GLU B 274 -3.61 -23.42 1.51
C GLU B 274 -4.53 -23.26 2.69
N MET B 275 -5.24 -22.16 2.76
CA MET B 275 -6.16 -21.95 3.89
C MET B 275 -7.61 -21.62 3.55
N PHE B 276 -8.53 -21.76 4.51
CA PHE B 276 -9.94 -21.43 4.28
C PHE B 276 -10.19 -20.19 5.15
N LEU B 277 -10.92 -19.25 4.57
CA LEU B 277 -11.31 -18.03 5.24
C LEU B 277 -12.73 -18.45 5.61
N LEU B 278 -13.04 -18.45 6.90
CA LEU B 278 -14.35 -18.87 7.27
C LEU B 278 -15.25 -17.62 7.32
N GLU B 279 -16.56 -17.82 7.23
CA GLU B 279 -17.45 -16.67 7.29
C GLU B 279 -17.22 -15.69 8.38
N ASP B 280 -16.76 -16.23 9.50
CA ASP B 280 -16.52 -15.35 10.64
C ASP B 280 -15.13 -14.73 10.57
N ASP B 281 -14.56 -14.74 9.37
CA ASP B 281 -13.24 -14.16 9.21
C ASP B 281 -12.10 -14.90 9.87
N SER B 282 -12.42 -16.03 10.50
CA SER B 282 -11.42 -16.89 11.10
C SER B 282 -10.81 -17.73 9.95
N ILE B 283 -9.55 -18.13 10.15
CA ILE B 283 -8.74 -18.92 9.19
C ILE B 283 -8.52 -20.43 9.51
N MET B 284 -8.80 -21.30 8.56
CA MET B 284 -8.59 -22.73 8.85
C MET B 284 -7.63 -23.25 7.79
N LEU B 285 -6.77 -24.15 8.25
CA LEU B 285 -5.80 -24.69 7.31
C LEU B 285 -6.49 -25.72 6.46
N CYS B 286 -6.22 -25.63 5.16
CA CYS B 286 -6.72 -26.59 4.21
C CYS B 286 -5.64 -27.70 4.08
N GLU B 287 -4.46 -27.38 3.56
CA GLU B 287 -3.38 -28.35 3.46
C GLU B 287 -2.06 -27.61 3.24
N ILE B 288 -0.96 -28.34 3.35
CA ILE B 288 0.35 -27.74 3.13
C ILE B 288 0.99 -28.64 2.09
N ALA B 289 1.75 -28.05 1.19
CA ALA B 289 2.44 -28.81 0.16
C ALA B 289 3.91 -28.48 0.48
N SER B 290 4.80 -29.48 0.58
CA SER B 290 6.24 -29.35 0.88
C SER B 290 7.12 -28.90 -0.28
N ARG B 291 6.66 -27.90 -1.01
CA ARG B 291 7.42 -27.42 -2.15
C ARG B 291 6.83 -26.14 -2.75
N ILE B 292 7.51 -25.62 -3.76
CA ILE B 292 7.16 -24.45 -4.55
C ILE B 292 5.81 -24.93 -5.09
N HIS B 293 4.86 -24.01 -5.07
CA HIS B 293 3.48 -24.38 -5.37
C HIS B 293 2.74 -23.41 -6.26
N ASN B 294 1.79 -23.97 -7.02
CA ASN B 294 1.00 -23.20 -7.97
C ASN B 294 0.52 -21.79 -7.60
N SER B 295 0.08 -21.68 -6.36
CA SER B 295 -0.39 -20.39 -5.85
C SER B 295 0.73 -19.40 -5.79
N GLY B 296 1.98 -19.84 -5.86
CA GLY B 296 3.02 -18.80 -5.77
C GLY B 296 3.61 -18.33 -7.08
N HIS B 297 3.05 -18.74 -8.22
CA HIS B 297 3.68 -18.32 -9.44
C HIS B 297 3.70 -16.83 -9.64
N TYR B 298 2.76 -16.16 -9.01
CA TYR B 298 2.78 -14.74 -9.28
C TYR B 298 4.05 -14.05 -8.79
N THR B 299 4.80 -14.73 -7.93
CA THR B 299 5.99 -14.14 -7.31
C THR B 299 7.08 -13.84 -8.39
N ILE B 300 6.86 -14.32 -9.61
CA ILE B 300 7.88 -14.09 -10.64
C ILE B 300 7.93 -12.62 -11.03
N GLU B 301 6.78 -12.06 -11.39
CA GLU B 301 6.68 -10.68 -11.79
C GLU B 301 6.23 -9.90 -10.56
N GLY B 302 5.63 -10.59 -9.61
CA GLY B 302 5.14 -9.89 -8.41
C GLY B 302 6.13 -9.45 -7.36
N CYS B 303 7.20 -10.21 -7.20
CA CYS B 303 8.10 -9.82 -6.14
C CYS B 303 9.47 -9.68 -6.71
N ALA B 304 10.36 -9.04 -5.95
CA ALA B 304 11.72 -8.91 -6.39
C ALA B 304 12.32 -10.32 -6.32
N LEU B 305 11.90 -11.19 -5.42
CA LEU B 305 12.48 -12.54 -5.36
C LEU B 305 11.39 -13.56 -5.59
N SER B 306 11.41 -14.36 -6.67
CA SER B 306 10.32 -15.31 -6.77
C SER B 306 10.52 -16.46 -5.78
N GLN B 307 9.50 -17.30 -5.75
CA GLN B 307 9.37 -18.47 -4.88
C GLN B 307 10.39 -19.46 -5.37
N PHE B 308 10.76 -19.33 -6.64
CA PHE B 308 11.79 -20.20 -7.20
C PHE B 308 13.15 -19.71 -6.69
N ASP B 309 13.33 -18.40 -6.76
CA ASP B 309 14.55 -17.80 -6.26
C ASP B 309 14.63 -18.11 -4.76
N ALA B 310 13.52 -18.01 -4.08
CA ALA B 310 13.56 -18.18 -2.64
C ALA B 310 13.92 -19.56 -2.19
N HIS B 311 13.40 -20.54 -2.92
CA HIS B 311 13.68 -21.94 -2.59
C HIS B 311 15.19 -22.28 -2.71
N LEU B 312 15.77 -21.91 -3.85
CA LEU B 312 17.18 -22.18 -4.11
C LEU B 312 18.01 -21.54 -3.01
N ARG B 313 17.71 -20.29 -2.70
CA ARG B 313 18.46 -19.67 -1.59
C ARG B 313 18.33 -20.40 -0.25
N ALA B 314 17.09 -20.68 0.13
CA ALA B 314 16.74 -21.38 1.39
C ALA B 314 17.52 -22.69 1.58
N ILE B 315 17.45 -23.58 0.59
CA ILE B 315 18.17 -24.85 0.62
C ILE B 315 19.71 -24.83 0.65
N LEU B 316 20.24 -23.81 -0.02
CA LEU B 316 21.66 -23.53 -0.11
C LEU B 316 22.13 -22.49 0.91
N ASP B 317 21.24 -22.07 1.78
CA ASP B 317 21.68 -21.13 2.78
C ASP B 317 22.22 -19.82 2.22
N LEU B 318 21.44 -19.18 1.35
CA LEU B 318 21.86 -17.88 0.83
C LEU B 318 20.96 -16.80 1.44
N PRO B 319 21.43 -15.56 1.52
CA PRO B 319 20.54 -14.54 2.06
C PRO B 319 19.23 -14.52 1.31
N ILE B 320 18.27 -14.00 2.05
CA ILE B 320 16.92 -13.76 1.55
C ILE B 320 16.35 -12.47 2.14
N PRO B 321 16.70 -11.34 1.53
CA PRO B 321 16.16 -10.07 2.11
C PRO B 321 14.62 -10.01 2.20
N ALA B 322 14.07 -9.74 3.38
CA ALA B 322 12.62 -9.67 3.55
C ALA B 322 11.83 -8.81 2.56
N GLN B 323 12.36 -7.62 2.29
CA GLN B 323 11.63 -6.77 1.37
C GLN B 323 11.44 -7.43 0.01
N SER B 324 12.35 -8.33 -0.39
CA SER B 324 12.30 -9.00 -1.72
C SER B 324 11.13 -10.01 -1.86
N LEU B 325 10.48 -10.28 -0.72
CA LEU B 325 9.35 -11.15 -0.60
C LEU B 325 8.08 -10.30 -0.66
N GLU B 326 8.19 -8.98 -0.74
CA GLU B 326 6.94 -8.19 -0.76
C GLU B 326 6.29 -8.01 -2.13
N ILE B 327 4.98 -7.74 -2.23
CA ILE B 327 4.42 -7.60 -3.57
C ILE B 327 4.70 -6.25 -4.20
N ARG B 328 5.44 -6.23 -5.30
CA ARG B 328 5.71 -4.93 -5.97
C ARG B 328 4.40 -4.31 -6.48
N GLN B 329 3.53 -5.10 -7.10
CA GLN B 329 2.26 -4.54 -7.57
C GLN B 329 1.20 -5.65 -7.62
N PRO B 330 -0.09 -5.30 -7.62
CA PRO B 330 -1.17 -6.29 -7.66
C PRO B 330 -0.97 -7.10 -8.94
N SER B 331 -1.20 -8.42 -8.91
CA SER B 331 -1.01 -9.26 -10.09
C SER B 331 -2.05 -10.33 -9.96
N ILE B 332 -2.34 -10.92 -11.11
CA ILE B 332 -3.33 -11.97 -11.22
C ILE B 332 -2.70 -13.05 -12.09
N MET B 333 -2.68 -14.29 -11.62
CA MET B 333 -2.11 -15.39 -12.41
C MET B 333 -3.28 -16.22 -12.90
N LEU B 334 -3.25 -16.50 -14.19
CA LEU B 334 -4.27 -17.34 -14.80
C LEU B 334 -3.62 -18.61 -15.33
N ASN B 335 -4.07 -19.67 -14.69
CA ASN B 335 -3.44 -20.90 -15.16
C ASN B 335 -3.97 -21.22 -16.57
N ILE B 336 -3.15 -21.81 -17.43
CA ILE B 336 -3.53 -22.25 -18.77
C ILE B 336 -3.71 -23.77 -18.70
N ILE B 337 -4.98 -24.16 -18.68
CA ILE B 337 -5.41 -25.54 -18.54
C ILE B 337 -5.86 -26.26 -19.81
N GLY B 338 -5.26 -27.41 -20.01
CA GLY B 338 -5.62 -28.20 -21.16
C GLY B 338 -7.14 -28.29 -21.29
N GLY B 339 -7.60 -28.22 -22.53
CA GLY B 339 -9.03 -28.31 -22.83
C GLY B 339 -9.19 -29.67 -23.51
N ALA B 340 -10.10 -29.71 -24.49
CA ALA B 340 -10.48 -30.88 -25.31
C ALA B 340 -9.60 -31.05 -26.55
N ALA B 341 -9.08 -29.92 -27.00
CA ALA B 341 -8.18 -29.87 -28.15
C ALA B 341 -6.74 -29.79 -27.66
N PRO B 342 -5.85 -30.44 -28.40
CA PRO B 342 -4.45 -30.41 -28.01
C PRO B 342 -3.68 -29.18 -28.45
N ASP B 343 -4.41 -28.11 -28.77
CA ASP B 343 -3.82 -26.84 -29.21
C ASP B 343 -4.26 -25.61 -28.41
N THR B 344 -5.51 -25.68 -27.91
CA THR B 344 -6.18 -24.66 -27.12
C THR B 344 -5.27 -23.83 -26.23
N HIS B 345 -4.27 -24.50 -25.67
CA HIS B 345 -3.47 -23.68 -24.81
C HIS B 345 -2.92 -22.54 -25.68
N LEU B 346 -2.65 -22.88 -26.94
CA LEU B 346 -2.13 -21.92 -27.90
C LEU B 346 -3.00 -20.68 -28.13
N GLN B 347 -4.31 -20.83 -27.92
CA GLN B 347 -5.30 -19.77 -28.07
C GLN B 347 -5.22 -18.75 -26.94
N ALA B 348 -5.09 -19.41 -25.81
CA ALA B 348 -5.04 -18.74 -24.54
C ALA B 348 -3.83 -17.88 -24.64
N ALA B 349 -2.69 -18.52 -24.91
CA ALA B 349 -1.47 -17.70 -25.03
C ALA B 349 -1.49 -16.69 -26.20
N GLU B 350 -2.07 -17.09 -27.33
CA GLU B 350 -2.11 -16.15 -28.42
C GLU B 350 -3.00 -14.97 -28.05
N CYS B 351 -4.08 -15.24 -27.31
CA CYS B 351 -4.89 -14.10 -26.87
C CYS B 351 -4.09 -13.19 -25.90
N ALA B 352 -3.33 -13.84 -25.04
CA ALA B 352 -2.55 -13.14 -24.03
C ALA B 352 -1.44 -12.26 -24.63
N LEU B 353 -0.94 -12.61 -25.82
CA LEU B 353 0.10 -11.79 -26.48
C LEU B 353 -0.34 -10.32 -26.57
N SER B 354 -1.65 -10.19 -26.79
CA SER B 354 -2.27 -8.90 -26.89
C SER B 354 -2.78 -8.33 -25.58
N ILE B 355 -2.73 -9.02 -24.44
CA ILE B 355 -3.25 -8.44 -23.17
C ILE B 355 -2.22 -7.51 -22.53
N PRO B 356 -2.57 -6.26 -22.22
CA PRO B 356 -1.62 -5.32 -21.60
C PRO B 356 -1.06 -5.85 -20.27
N ASN B 357 0.24 -5.68 -20.09
CA ASN B 357 0.90 -6.19 -18.89
C ASN B 357 0.81 -7.68 -18.69
N ALA B 358 0.65 -8.45 -19.77
CA ALA B 358 0.61 -9.89 -19.67
C ALA B 358 1.86 -10.66 -19.96
N SER B 359 2.35 -11.25 -18.86
CA SER B 359 3.57 -12.08 -18.83
C SER B 359 3.24 -13.59 -18.91
N ILE B 360 3.50 -14.09 -20.11
CA ILE B 360 3.25 -15.44 -20.56
C ILE B 360 4.24 -16.54 -20.24
N HIS B 361 3.72 -17.61 -19.66
CA HIS B 361 4.62 -18.73 -19.34
C HIS B 361 4.16 -20.03 -19.92
N LEU B 362 4.85 -20.48 -20.96
CA LEU B 362 4.45 -21.76 -21.48
C LEU B 362 5.40 -22.83 -20.99
N TYR B 363 4.88 -23.97 -20.54
CA TYR B 363 5.70 -25.07 -20.05
C TYR B 363 6.46 -26.09 -20.90
N SER B 364 6.27 -25.91 -22.20
CA SER B 364 6.84 -26.78 -23.24
C SER B 364 6.47 -28.25 -22.98
N LYS B 365 5.25 -28.42 -22.46
CA LYS B 365 4.78 -29.75 -22.15
C LYS B 365 4.26 -30.30 -23.48
N GLY B 366 4.20 -29.41 -24.48
CA GLY B 366 3.70 -29.75 -25.80
C GLY B 366 2.20 -30.06 -25.86
N ALA B 367 1.92 -31.37 -25.80
CA ALA B 367 0.64 -32.12 -25.86
C ALA B 367 -0.53 -31.94 -24.88
N ALA B 368 -1.43 -31.02 -25.24
CA ALA B 368 -2.61 -30.68 -24.43
C ALA B 368 -3.63 -31.79 -24.22
N LYS B 369 -3.79 -32.14 -22.96
CA LYS B 369 -4.75 -33.16 -22.58
C LYS B 369 -5.73 -32.45 -21.66
N PRO B 370 -6.88 -33.08 -21.45
CA PRO B 370 -7.85 -32.40 -20.62
C PRO B 370 -7.57 -32.18 -19.15
N GLY B 371 -7.51 -30.88 -18.80
CA GLY B 371 -7.28 -30.40 -17.45
C GLY B 371 -5.77 -30.24 -17.16
N ARG B 372 -4.92 -30.72 -18.04
CA ARG B 372 -3.46 -30.60 -17.83
C ARG B 372 -3.01 -29.14 -17.83
N LYS B 373 -2.17 -28.89 -16.85
CA LYS B 373 -1.57 -27.56 -16.59
C LYS B 373 -0.55 -27.24 -17.70
N MET B 374 -0.95 -26.41 -18.66
CA MET B 374 -0.08 -26.07 -19.80
C MET B 374 0.84 -24.85 -19.76
N GLY B 375 0.50 -23.92 -18.88
CA GLY B 375 1.31 -22.70 -18.78
C GLY B 375 0.52 -21.84 -17.83
N HIS B 376 0.94 -20.60 -17.80
CA HIS B 376 0.21 -19.64 -16.98
C HIS B 376 0.54 -18.24 -17.44
N ILE B 377 -0.41 -17.36 -17.18
CA ILE B 377 -0.22 -15.96 -17.50
C ILE B 377 -0.36 -15.09 -16.24
N THR B 378 0.59 -14.20 -16.03
CA THR B 378 0.48 -13.27 -14.89
C THR B 378 0.45 -11.85 -15.46
N VAL B 379 -0.60 -11.16 -15.05
CA VAL B 379 -0.88 -9.78 -15.48
C VAL B 379 -0.68 -8.84 -14.34
N THR B 380 0.04 -7.73 -14.54
CA THR B 380 0.20 -6.83 -13.39
C THR B 380 -0.40 -5.46 -13.79
N ALA B 381 -0.47 -4.56 -12.80
CA ALA B 381 -0.96 -3.15 -12.86
C ALA B 381 -0.75 -2.56 -11.49
N PRO B 382 -0.84 -1.24 -11.43
CA PRO B 382 -0.61 -0.52 -10.19
C PRO B 382 -1.74 -0.78 -9.24
N THR B 383 -2.91 -1.14 -9.76
CA THR B 383 -4.06 -1.37 -8.87
C THR B 383 -4.76 -2.70 -9.19
N MET B 384 -5.30 -3.38 -8.21
CA MET B 384 -5.94 -4.61 -8.58
C MET B 384 -7.07 -4.44 -9.62
N HIS B 385 -7.77 -3.34 -9.47
CA HIS B 385 -8.86 -3.14 -10.39
C HIS B 385 -8.36 -3.08 -11.82
N GLU B 386 -7.26 -2.35 -11.90
CA GLU B 386 -6.64 -2.23 -13.20
C GLU B 386 -6.21 -3.60 -13.76
N ALA B 387 -5.66 -4.46 -12.92
CA ALA B 387 -5.25 -5.72 -13.52
C ALA B 387 -6.42 -6.59 -13.98
N GLU B 388 -7.51 -6.44 -13.24
CA GLU B 388 -8.71 -7.22 -13.52
C GLU B 388 -9.19 -6.70 -14.85
N THR B 389 -9.13 -5.38 -15.00
CA THR B 389 -9.56 -4.94 -16.31
C THR B 389 -8.78 -5.50 -17.46
N HIS B 390 -7.47 -5.48 -17.38
CA HIS B 390 -6.68 -6.00 -18.48
C HIS B 390 -6.95 -7.49 -18.65
N ILE B 391 -7.01 -8.24 -17.56
CA ILE B 391 -7.18 -9.67 -17.84
C ILE B 391 -8.52 -10.21 -18.25
N GLN B 392 -9.57 -9.45 -18.01
CA GLN B 392 -10.91 -9.96 -18.31
C GLN B 392 -11.17 -10.81 -19.55
N PRO B 393 -10.89 -10.17 -20.67
CA PRO B 393 -11.03 -10.74 -22.00
C PRO B 393 -10.30 -12.06 -22.11
N LEU B 394 -9.22 -12.21 -21.35
CA LEU B 394 -8.45 -13.43 -21.45
C LEU B 394 -9.23 -14.48 -20.73
N ILE B 395 -9.89 -13.98 -19.70
CA ILE B 395 -10.67 -14.88 -18.93
C ILE B 395 -11.81 -15.43 -19.80
N ASP B 396 -12.56 -14.52 -20.42
CA ASP B 396 -13.67 -14.86 -21.30
C ASP B 396 -13.19 -15.85 -22.32
N VAL B 397 -12.05 -15.51 -22.87
CA VAL B 397 -11.46 -16.37 -23.86
C VAL B 397 -11.30 -17.80 -23.40
N VAL B 398 -10.62 -17.88 -22.27
CA VAL B 398 -10.37 -19.18 -21.70
C VAL B 398 -11.76 -19.70 -21.37
N ASP B 399 -12.62 -18.87 -20.78
CA ASP B 399 -13.96 -19.37 -20.52
C ASP B 399 -14.64 -19.81 -21.81
N ARG B 400 -14.70 -19.02 -22.87
CA ARG B 400 -15.36 -19.51 -24.09
C ARG B 400 -15.05 -20.98 -24.36
N ILE B 401 -13.79 -21.34 -24.13
CA ILE B 401 -13.46 -22.74 -24.33
C ILE B 401 -13.48 -23.35 -22.93
N MET C 21 -2.89 34.45 21.56
CA MET C 21 -3.40 35.75 21.12
C MET C 21 -4.19 35.37 19.88
N TRP C 22 -3.53 34.71 18.96
CA TRP C 22 -4.21 34.31 17.76
C TRP C 22 -5.51 33.59 18.08
N ASN C 23 -5.58 32.75 19.11
CA ASN C 23 -6.80 31.97 19.33
C ASN C 23 -7.44 32.43 20.63
N SER C 24 -7.24 33.72 20.83
CA SER C 24 -7.76 34.32 22.05
C SER C 24 -9.14 34.97 21.87
N ARG C 25 -9.58 35.30 20.67
CA ARG C 25 -10.89 35.92 20.49
C ARG C 25 -11.90 34.83 20.87
N LYS C 26 -13.11 35.23 21.21
CA LYS C 26 -14.20 34.35 21.58
C LYS C 26 -15.18 34.47 20.41
N VAL C 27 -15.69 33.31 19.99
CA VAL C 27 -16.63 33.21 18.88
C VAL C 27 -18.06 33.09 19.38
N GLY C 28 -18.95 33.82 18.74
CA GLY C 28 -20.33 33.72 19.20
C GLY C 28 -21.14 32.93 18.24
N VAL C 29 -21.75 31.84 18.70
CA VAL C 29 -22.52 31.09 17.71
C VAL C 29 -24.02 31.16 17.94
N LEU C 30 -24.78 31.71 17.00
CA LEU C 30 -26.24 31.82 17.14
C LEU C 30 -26.80 30.44 16.75
N GLY C 31 -27.24 29.65 17.71
CA GLY C 31 -27.73 28.35 17.32
C GLY C 31 -26.84 27.30 18.00
N GLY C 32 -27.39 26.24 18.56
CA GLY C 32 -26.51 25.24 19.18
C GLY C 32 -26.93 23.79 18.93
N GLY C 33 -27.30 23.51 17.69
CA GLY C 33 -27.70 22.18 17.27
C GLY C 33 -26.50 21.29 16.83
N GLN C 34 -26.69 20.22 16.08
CA GLN C 34 -25.50 19.41 15.73
C GLN C 34 -24.43 20.23 14.99
N LEU C 35 -24.93 21.19 14.24
CA LEU C 35 -24.07 22.08 13.43
C LEU C 35 -23.13 22.90 14.34
N GLY C 36 -23.65 23.63 15.33
CA GLY C 36 -22.73 24.33 16.21
C GLY C 36 -21.87 23.33 17.03
N ARG C 37 -22.44 22.18 17.38
CA ARG C 37 -21.66 21.27 18.18
C ARG C 37 -20.38 20.89 17.41
N MET C 38 -20.56 20.69 16.11
CA MET C 38 -19.39 20.25 15.32
C MET C 38 -18.48 21.46 15.12
N LEU C 39 -19.04 22.67 15.22
CA LEU C 39 -18.16 23.85 15.10
C LEU C 39 -17.32 23.99 16.40
N VAL C 40 -17.99 23.68 17.50
CA VAL C 40 -17.36 23.69 18.83
C VAL C 40 -16.37 22.54 18.95
N GLU C 41 -16.67 21.38 18.38
CA GLU C 41 -15.65 20.34 18.41
C GLU C 41 -14.46 20.99 17.68
N SER C 42 -14.72 21.76 16.60
CA SER C 42 -13.56 22.37 15.94
C SER C 42 -12.85 23.44 16.77
N ALA C 43 -13.59 24.38 17.35
CA ALA C 43 -13.02 25.45 18.18
C ALA C 43 -12.27 24.85 19.37
N ASN C 44 -12.72 23.71 19.88
CA ASN C 44 -12.09 23.04 21.04
C ASN C 44 -10.62 22.56 20.79
N ARG C 45 -10.34 22.08 19.57
CA ARG C 45 -9.00 21.64 19.12
C ARG C 45 -8.07 22.83 19.08
N LEU C 46 -8.64 24.00 18.82
CA LEU C 46 -7.79 25.17 18.80
C LEU C 46 -7.80 25.94 20.13
N ASN C 47 -8.58 25.46 21.10
CA ASN C 47 -8.75 26.08 22.40
C ASN C 47 -9.31 27.48 22.22
N ILE C 48 -10.21 27.62 21.26
CA ILE C 48 -10.85 28.89 20.98
C ILE C 48 -12.24 28.85 21.62
N GLN C 49 -12.61 29.93 22.32
CA GLN C 49 -13.88 30.00 23.02
C GLN C 49 -15.04 30.35 22.13
N VAL C 50 -16.09 29.57 22.42
CA VAL C 50 -17.33 29.74 21.69
C VAL C 50 -18.48 29.90 22.66
N ASN C 51 -19.13 31.05 22.59
CA ASN C 51 -20.31 31.19 23.45
C ASN C 51 -21.48 30.83 22.50
N VAL C 52 -22.41 30.00 22.99
CA VAL C 52 -23.50 29.54 22.13
C VAL C 52 -24.80 30.05 22.63
N LEU C 53 -25.61 30.49 21.70
CA LEU C 53 -26.94 30.96 22.02
C LEU C 53 -27.94 29.90 21.55
N ASP C 54 -28.65 29.33 22.51
CA ASP C 54 -29.65 28.36 22.17
C ASP C 54 -30.23 27.87 23.45
N ALA C 55 -30.97 26.77 23.42
CA ALA C 55 -31.43 26.35 24.72
C ALA C 55 -30.24 25.83 25.56
N ASP C 56 -30.48 25.52 26.82
CA ASP C 56 -29.46 24.97 27.73
C ASP C 56 -29.30 23.49 27.38
N ASN C 57 -28.12 22.89 27.54
CA ASN C 57 -28.07 21.47 27.18
C ASN C 57 -28.20 21.22 25.67
N SER C 58 -28.07 22.30 24.88
CA SER C 58 -28.11 22.20 23.43
C SER C 58 -26.90 21.30 23.19
N PRO C 59 -26.90 20.60 22.05
CA PRO C 59 -25.78 19.77 21.63
C PRO C 59 -24.39 20.37 21.71
N ALA C 60 -24.26 21.62 21.26
CA ALA C 60 -23.04 22.43 21.20
C ALA C 60 -22.57 22.91 22.58
N LYS C 61 -23.51 23.24 23.45
CA LYS C 61 -23.21 23.70 24.78
C LYS C 61 -22.67 22.50 25.58
N GLN C 62 -23.21 21.32 25.25
CA GLN C 62 -22.92 20.03 25.91
C GLN C 62 -21.46 19.49 26.04
N ILE C 63 -20.61 20.07 25.21
CA ILE C 63 -19.16 19.71 25.12
C ILE C 63 -18.41 21.00 25.24
N SER C 64 -18.98 22.03 25.82
CA SER C 64 -18.25 23.31 25.93
C SER C 64 -18.48 23.81 27.38
N ALA C 65 -18.01 23.11 28.41
CA ALA C 65 -18.26 23.48 29.82
C ALA C 65 -17.65 24.76 30.36
N HIS C 66 -18.27 25.87 30.03
CA HIS C 66 -17.79 27.17 30.52
C HIS C 66 -19.06 27.93 30.80
N ASP C 67 -18.90 29.18 31.25
CA ASP C 67 -20.00 30.07 31.60
C ASP C 67 -20.35 31.28 30.75
N GLY C 68 -19.88 31.26 29.51
CA GLY C 68 -20.14 32.32 28.55
C GLY C 68 -21.31 32.00 27.62
N HIS C 69 -21.95 30.84 27.71
CA HIS C 69 -23.07 30.56 26.83
C HIS C 69 -24.27 31.42 27.24
N VAL C 70 -25.15 31.60 26.27
CA VAL C 70 -26.33 32.41 26.49
C VAL C 70 -27.58 31.58 26.33
N THR C 71 -28.36 31.49 27.41
CA THR C 71 -29.61 30.73 27.47
C THR C 71 -30.70 31.53 26.71
N GLY C 72 -31.48 30.95 25.80
CA GLY C 72 -32.47 31.72 25.01
C GLY C 72 -32.41 31.32 23.52
N SER C 73 -33.22 31.94 22.66
CA SER C 73 -33.32 31.66 21.21
C SER C 73 -32.54 32.64 20.30
N PHE C 74 -31.97 32.13 19.20
CA PHE C 74 -31.29 32.94 18.16
C PHE C 74 -32.43 33.76 17.43
N LYS C 75 -33.69 33.48 17.75
CA LYS C 75 -34.74 34.25 17.10
C LYS C 75 -35.22 35.31 18.11
N GLU C 76 -34.53 35.45 19.22
CA GLU C 76 -34.93 36.37 20.25
C GLU C 76 -34.00 37.53 20.35
N ARG C 77 -34.52 38.69 19.97
CA ARG C 77 -33.80 39.98 19.96
C ARG C 77 -32.78 40.25 21.05
N GLU C 78 -33.26 40.20 22.30
CA GLU C 78 -32.39 40.51 23.41
C GLU C 78 -31.37 39.39 23.68
N ALA C 79 -31.69 38.14 23.36
CA ALA C 79 -30.72 37.06 23.57
C ALA C 79 -29.50 37.23 22.66
N VAL C 80 -29.80 37.67 21.43
CA VAL C 80 -28.86 37.91 20.35
C VAL C 80 -28.00 39.14 20.70
N ARG C 81 -28.63 40.19 21.23
CA ARG C 81 -27.83 41.37 21.56
C ARG C 81 -26.85 40.96 22.68
N GLN C 82 -27.34 40.25 23.70
CA GLN C 82 -26.46 39.88 24.83
C GLN C 82 -25.28 39.00 24.41
N LEU C 83 -25.63 38.14 23.47
CA LEU C 83 -24.62 37.22 22.93
C LEU C 83 -23.63 38.11 22.19
N ALA C 84 -24.18 39.06 21.43
CA ALA C 84 -23.18 39.89 20.78
C ALA C 84 -22.41 40.78 21.76
N LYS C 85 -23.00 41.30 22.85
CA LYS C 85 -22.19 42.17 23.70
C LYS C 85 -21.05 41.44 24.40
N THR C 86 -20.94 40.17 24.04
CA THR C 86 -19.91 39.36 24.63
C THR C 86 -19.01 38.57 23.70
N CYS C 87 -19.09 38.78 22.38
CA CYS C 87 -18.37 38.13 21.27
C CYS C 87 -17.33 38.94 20.57
N ASP C 88 -16.27 38.30 20.10
CA ASP C 88 -15.38 39.15 19.37
C ASP C 88 -15.98 39.08 17.99
N VAL C 89 -16.58 37.94 17.64
CA VAL C 89 -17.22 37.85 16.33
C VAL C 89 -18.44 36.99 16.53
N VAL C 90 -19.38 37.28 15.66
CA VAL C 90 -20.61 36.49 15.74
C VAL C 90 -20.99 35.85 14.43
N THR C 91 -21.33 34.57 14.57
CA THR C 91 -21.75 33.78 13.45
C THR C 91 -23.03 32.96 13.73
N ALA C 92 -23.35 32.11 12.75
CA ALA C 92 -24.54 31.26 12.87
C ALA C 92 -24.40 29.87 12.31
N GLU C 93 -25.12 28.94 12.94
CA GLU C 93 -25.16 27.53 12.52
C GLU C 93 -26.55 27.18 12.04
N ILE C 94 -27.35 28.25 11.95
CA ILE C 94 -28.70 28.26 11.43
C ILE C 94 -29.09 29.59 10.78
N GLU C 95 -29.94 29.52 9.75
CA GLU C 95 -30.34 30.75 9.08
C GLU C 95 -31.41 31.62 9.77
N HIS C 96 -32.37 31.01 10.45
CA HIS C 96 -33.47 31.79 10.98
C HIS C 96 -33.20 32.39 12.31
N VAL C 97 -32.30 33.35 12.29
CA VAL C 97 -31.87 34.06 13.49
C VAL C 97 -32.44 35.48 13.27
N ASP C 98 -32.45 36.31 14.30
CA ASP C 98 -32.94 37.69 14.24
C ASP C 98 -31.88 38.63 13.60
N THR C 99 -32.05 38.91 12.31
CA THR C 99 -31.09 39.79 11.61
C THR C 99 -31.30 41.30 11.89
N TYR C 100 -32.40 41.62 12.57
CA TYR C 100 -32.74 43.00 12.99
C TYR C 100 -31.89 43.25 14.28
N ALA C 101 -31.86 42.26 15.16
CA ALA C 101 -31.00 42.44 16.31
C ALA C 101 -29.55 42.48 15.80
N LEU C 102 -29.16 41.75 14.77
CA LEU C 102 -27.74 41.90 14.35
C LEU C 102 -27.42 43.30 13.80
N GLU C 103 -28.29 43.81 12.93
CA GLU C 103 -28.03 45.12 12.34
C GLU C 103 -27.77 46.07 13.52
N GLU C 104 -28.62 45.93 14.53
CA GLU C 104 -28.49 46.82 15.69
C GLU C 104 -27.08 46.92 16.25
N VAL C 105 -26.59 45.73 16.63
CA VAL C 105 -25.29 45.47 17.28
C VAL C 105 -24.12 45.53 16.30
N ALA C 106 -24.42 45.72 15.01
CA ALA C 106 -23.39 45.76 13.96
C ALA C 106 -22.19 46.59 14.36
N SER C 107 -22.48 47.71 14.99
CA SER C 107 -21.46 48.66 15.41
C SER C 107 -20.43 47.98 16.32
N GLU C 108 -20.93 47.39 17.40
CA GLU C 108 -20.10 46.67 18.38
C GLU C 108 -19.30 45.40 18.00
N VAL C 109 -19.91 44.58 17.16
CA VAL C 109 -19.20 43.38 16.81
C VAL C 109 -19.10 43.08 15.33
N LYS C 110 -18.13 42.21 15.03
CA LYS C 110 -17.78 41.69 13.70
C LYS C 110 -18.93 40.70 13.53
N ILE C 111 -19.50 40.48 12.34
CA ILE C 111 -20.61 39.51 12.27
C ILE C 111 -20.23 38.85 10.98
N GLU C 112 -19.95 37.55 11.01
CA GLU C 112 -19.60 36.93 9.72
C GLU C 112 -20.36 35.63 9.61
N PRO C 113 -21.06 35.37 8.51
CA PRO C 113 -21.24 36.25 7.35
C PRO C 113 -22.15 37.46 7.70
N SER C 114 -22.33 38.37 6.75
CA SER C 114 -23.13 39.61 6.92
C SER C 114 -24.56 39.38 7.38
N TRP C 115 -25.12 40.24 8.23
CA TRP C 115 -26.51 39.96 8.61
C TRP C 115 -27.32 40.28 7.39
N GLN C 116 -26.79 41.10 6.48
CA GLN C 116 -27.66 41.35 5.33
C GLN C 116 -27.83 40.00 4.59
N ALA C 117 -26.69 39.37 4.29
CA ALA C 117 -26.70 38.07 3.64
C ALA C 117 -27.68 37.10 4.37
N ILE C 118 -27.61 37.01 5.69
CA ILE C 118 -28.51 36.09 6.35
C ILE C 118 -29.96 36.47 6.20
N ARG C 119 -30.15 37.78 6.11
CA ARG C 119 -31.50 38.22 5.99
C ARG C 119 -32.11 37.84 4.65
N THR C 120 -31.37 38.05 3.57
CA THR C 120 -31.94 37.68 2.29
C THR C 120 -32.08 36.15 2.14
N ILE C 121 -31.07 35.48 2.62
CA ILE C 121 -31.06 34.04 2.45
C ILE C 121 -32.11 33.30 3.27
N GLN C 122 -32.36 33.79 4.49
CA GLN C 122 -33.32 33.20 5.44
C GLN C 122 -34.72 33.08 4.87
N ASN C 123 -34.96 33.91 3.86
CA ASN C 123 -36.25 33.93 3.18
C ASN C 123 -36.05 33.36 1.76
N LYS C 124 -36.43 32.09 1.54
CA LYS C 124 -36.20 31.45 0.26
C LYS C 124 -36.65 32.10 -1.00
N PHE C 125 -37.73 32.87 -0.91
CA PHE C 125 -38.18 33.52 -2.13
C PHE C 125 -37.31 34.74 -2.37
N ASN C 126 -36.99 35.46 -1.31
CA ASN C 126 -36.15 36.61 -1.52
C ASN C 126 -34.80 36.06 -1.91
N GLN C 127 -34.43 34.98 -1.26
CA GLN C 127 -33.12 34.48 -1.62
C GLN C 127 -33.05 34.24 -3.14
N LYS C 128 -33.99 33.51 -3.73
CA LYS C 128 -33.90 33.32 -5.17
C LYS C 128 -34.08 34.69 -5.85
N GLU C 129 -34.99 35.54 -5.39
CA GLU C 129 -35.07 36.80 -6.14
C GLU C 129 -33.75 37.53 -6.40
N HIS C 130 -32.95 37.57 -5.36
CA HIS C 130 -31.67 38.27 -5.43
C HIS C 130 -30.68 37.52 -6.27
N LEU C 131 -31.08 36.30 -6.59
CA LEU C 131 -30.22 35.45 -7.37
C LEU C 131 -30.64 35.61 -8.80
N ARG C 132 -31.93 35.87 -9.04
CA ARG C 132 -32.34 36.08 -10.43
C ARG C 132 -31.55 37.22 -11.10
N LYS C 133 -31.15 38.20 -10.31
CA LYS C 133 -30.38 39.34 -10.80
C LYS C 133 -28.93 39.07 -11.22
N TYR C 134 -28.51 37.84 -11.03
CA TYR C 134 -27.16 37.54 -11.45
C TYR C 134 -27.39 36.48 -12.51
N GLY C 135 -28.60 36.45 -13.06
CA GLY C 135 -28.89 35.44 -14.08
C GLY C 135 -28.50 34.04 -13.63
N ILE C 136 -28.70 33.68 -12.36
CA ILE C 136 -28.36 32.35 -11.86
C ILE C 136 -29.56 31.54 -12.27
N PRO C 137 -29.41 30.31 -12.78
CA PRO C 137 -30.61 29.54 -13.14
C PRO C 137 -31.18 28.74 -11.96
N MET C 138 -32.49 28.71 -11.95
CA MET C 138 -33.29 28.03 -10.95
C MET C 138 -34.71 27.85 -11.50
N ALA C 139 -35.50 27.10 -10.76
CA ALA C 139 -36.87 26.77 -11.06
C ALA C 139 -37.78 27.96 -11.06
N GLU C 140 -38.74 27.91 -11.97
CA GLU C 140 -39.76 28.93 -12.11
C GLU C 140 -40.56 28.73 -10.83
N HIS C 141 -41.11 29.84 -10.36
CA HIS C 141 -41.92 29.76 -9.17
C HIS C 141 -42.95 30.88 -9.21
N ARG C 142 -43.79 30.86 -8.18
CA ARG C 142 -44.85 31.84 -7.91
C ARG C 142 -45.14 31.95 -6.41
N GLU C 143 -44.98 33.17 -5.94
CA GLU C 143 -45.26 33.45 -4.55
C GLU C 143 -46.79 33.33 -4.48
N LEU C 144 -47.40 32.90 -3.37
CA LEU C 144 -48.83 32.78 -3.22
C LEU C 144 -49.07 34.01 -2.35
N VAL C 145 -50.04 34.80 -2.78
CA VAL C 145 -50.26 36.01 -2.00
C VAL C 145 -51.23 35.86 -0.85
N GLU C 146 -52.03 34.79 -0.92
CA GLU C 146 -53.01 34.45 0.10
C GLU C 146 -53.00 32.95 -0.01
N ASN C 147 -53.22 32.33 1.13
CA ASN C 147 -53.14 30.90 1.12
C ASN C 147 -54.41 30.16 0.84
N THR C 148 -54.89 30.41 -0.37
CA THR C 148 -56.12 29.80 -0.86
C THR C 148 -55.98 28.81 -2.01
N PRO C 149 -56.86 27.82 -1.89
CA PRO C 149 -56.90 26.73 -2.82
C PRO C 149 -57.21 27.39 -4.14
N ALA C 150 -58.04 28.41 -4.11
CA ALA C 150 -58.32 29.03 -5.38
C ALA C 150 -56.90 29.35 -5.86
N GLU C 151 -56.24 30.23 -5.14
CA GLU C 151 -54.88 30.62 -5.50
C GLU C 151 -53.91 29.52 -5.80
N LEU C 152 -53.92 28.47 -5.01
CA LEU C 152 -52.96 27.46 -5.39
C LEU C 152 -53.35 26.80 -6.69
N ALA C 153 -54.65 26.79 -6.99
CA ALA C 153 -55.04 26.12 -8.21
C ALA C 153 -54.54 26.85 -9.44
N LYS C 154 -54.57 28.17 -9.32
CA LYS C 154 -54.14 29.07 -10.39
C LYS C 154 -52.64 28.87 -10.65
N VAL C 155 -51.93 28.87 -9.53
CA VAL C 155 -50.51 28.65 -9.56
C VAL C 155 -50.21 27.30 -10.21
N GLY C 156 -51.07 26.33 -9.86
CA GLY C 156 -50.92 24.98 -10.40
C GLY C 156 -51.05 25.01 -11.91
N GLU C 157 -52.13 25.63 -12.37
CA GLU C 157 -52.23 25.66 -13.79
C GLU C 157 -51.08 26.48 -14.38
N GLN C 158 -50.38 27.30 -13.60
CA GLN C 158 -49.26 27.97 -14.28
C GLN C 158 -47.98 27.13 -14.31
N LEU C 159 -47.64 26.50 -13.18
CA LEU C 159 -46.41 25.71 -13.22
C LEU C 159 -46.56 24.20 -13.43
N GLY C 160 -47.81 23.74 -13.50
CA GLY C 160 -48.14 22.32 -13.67
C GLY C 160 -47.91 21.40 -12.46
N TYR C 161 -48.32 20.14 -12.59
CA TYR C 161 -48.14 19.20 -11.50
C TYR C 161 -47.14 18.11 -11.89
N PRO C 162 -46.44 17.58 -10.89
CA PRO C 162 -46.65 18.05 -9.53
C PRO C 162 -45.72 19.27 -9.43
N LEU C 163 -45.83 19.91 -8.27
CA LEU C 163 -45.01 21.06 -7.97
C LEU C 163 -44.65 20.99 -6.49
N MET C 164 -43.68 21.80 -6.09
CA MET C 164 -43.26 21.86 -4.68
C MET C 164 -43.77 23.13 -4.01
N LEU C 165 -44.70 22.99 -3.08
CA LEU C 165 -45.27 24.13 -2.36
C LEU C 165 -44.28 24.42 -1.26
N LYS C 166 -43.91 25.67 -1.04
CA LYS C 166 -42.94 25.91 0.04
C LYS C 166 -43.17 27.13 0.85
N SER C 167 -42.80 27.03 2.12
CA SER C 167 -42.83 28.18 3.04
C SER C 167 -41.55 28.93 2.72
N LYS C 168 -41.72 30.24 2.69
CA LYS C 168 -40.60 31.11 2.42
C LYS C 168 -39.66 31.14 3.65
N THR C 169 -40.24 31.02 4.85
CA THR C 169 -39.39 31.17 6.02
C THR C 169 -39.33 29.94 6.89
N MET C 170 -38.37 29.92 7.83
CA MET C 170 -38.21 28.86 8.83
C MET C 170 -38.04 27.49 8.20
N ALA C 171 -37.48 27.47 7.01
CA ALA C 171 -37.38 26.19 6.35
C ALA C 171 -36.06 25.48 6.25
N TYR C 172 -36.02 24.28 6.83
CA TYR C 172 -34.83 23.46 6.76
C TYR C 172 -35.26 22.02 6.86
N ASP C 173 -34.38 21.12 6.47
CA ASP C 173 -34.77 19.73 6.50
C ASP C 173 -36.11 19.32 5.88
N GLY C 174 -36.57 19.89 4.78
CA GLY C 174 -37.83 19.44 4.19
C GLY C 174 -39.07 19.93 4.94
N ARG C 175 -38.83 20.53 6.11
CA ARG C 175 -39.88 21.05 7.01
C ARG C 175 -40.78 22.14 6.45
N GLY C 176 -40.32 22.86 5.43
CA GLY C 176 -41.18 23.90 4.86
C GLY C 176 -41.75 23.42 3.52
N ASN C 177 -41.33 22.24 3.06
CA ASN C 177 -41.75 21.70 1.77
C ASN C 177 -42.91 20.78 1.76
N PHE C 178 -43.55 20.78 0.61
CA PHE C 178 -44.69 19.95 0.39
C PHE C 178 -44.97 19.64 -1.07
N ARG C 179 -44.69 18.41 -1.48
CA ARG C 179 -44.97 17.98 -2.85
C ARG C 179 -46.45 17.90 -3.19
N VAL C 180 -46.85 18.67 -4.21
CA VAL C 180 -48.23 18.69 -4.66
C VAL C 180 -48.37 18.13 -6.10
N ASN C 181 -48.88 16.91 -6.13
CA ASN C 181 -49.05 16.17 -7.36
C ASN C 181 -50.28 16.53 -8.19
N SER C 182 -51.36 16.93 -7.53
CA SER C 182 -52.59 17.27 -8.25
C SER C 182 -53.39 18.30 -7.49
N GLN C 183 -54.34 18.89 -8.20
CA GLN C 183 -55.15 19.86 -7.50
C GLN C 183 -55.96 19.23 -6.35
N ASP C 184 -56.13 17.91 -6.32
CA ASP C 184 -56.90 17.31 -5.25
C ASP C 184 -56.14 17.47 -3.94
N ASP C 185 -54.82 17.40 -4.04
CA ASP C 185 -53.88 17.55 -2.90
C ASP C 185 -53.76 18.98 -2.37
N ILE C 186 -54.61 19.88 -2.81
CA ILE C 186 -54.42 21.25 -2.38
C ILE C 186 -54.76 21.54 -0.93
N PRO C 187 -55.86 20.97 -0.50
CA PRO C 187 -56.27 21.20 0.89
C PRO C 187 -55.24 20.77 1.95
N GLU C 188 -54.70 19.56 1.79
CA GLU C 188 -53.71 18.92 2.67
C GLU C 188 -52.41 19.70 2.63
N ALA C 189 -52.18 20.28 1.46
CA ALA C 189 -50.98 21.06 1.19
C ALA C 189 -50.96 22.32 2.04
N LEU C 190 -52.03 23.10 1.92
CA LEU C 190 -52.16 24.36 2.62
C LEU C 190 -52.20 24.08 4.10
N GLU C 191 -52.92 23.03 4.48
CA GLU C 191 -53.01 22.70 5.88
C GLU C 191 -51.66 22.32 6.43
N ALA C 192 -50.94 21.56 5.62
CA ALA C 192 -49.64 21.06 6.00
C ALA C 192 -48.79 22.27 6.34
N LEU C 193 -48.64 23.15 5.38
CA LEU C 193 -47.83 24.35 5.51
C LEU C 193 -48.63 25.54 6.06
N LYS C 194 -49.64 25.21 6.86
CA LYS C 194 -50.43 26.30 7.35
C LYS C 194 -49.72 27.40 8.05
N ASP C 195 -50.37 28.56 7.97
CA ASP C 195 -49.98 29.83 8.57
C ASP C 195 -48.55 30.24 8.32
N ARG C 196 -48.08 30.04 7.10
CA ARG C 196 -46.73 30.40 6.70
C ARG C 196 -46.79 31.12 5.35
N PRO C 197 -45.88 32.03 5.05
CA PRO C 197 -45.94 32.67 3.75
C PRO C 197 -45.38 31.64 2.77
N LEU C 198 -46.14 31.39 1.71
CA LEU C 198 -45.74 30.39 0.75
C LEU C 198 -45.61 30.87 -0.65
N TYR C 199 -44.87 30.06 -1.41
CA TYR C 199 -44.59 30.14 -2.85
C TYR C 199 -44.42 28.69 -3.35
N ALA C 200 -44.60 28.57 -4.66
CA ALA C 200 -44.48 27.29 -5.36
C ALA C 200 -43.40 27.22 -6.42
N GLU C 201 -42.86 26.03 -6.55
CA GLU C 201 -41.84 25.79 -7.54
C GLU C 201 -42.29 24.70 -8.49
N LYS C 202 -41.93 25.00 -9.72
CA LYS C 202 -42.19 24.15 -10.85
C LYS C 202 -41.25 22.98 -10.60
N TRP C 203 -41.71 21.78 -10.93
CA TRP C 203 -40.91 20.58 -10.72
C TRP C 203 -39.65 20.60 -11.51
N ALA C 204 -38.61 20.04 -10.90
CA ALA C 204 -37.28 19.93 -11.49
C ALA C 204 -37.07 18.44 -11.55
N TYR C 205 -37.15 17.94 -12.77
CA TYR C 205 -36.98 16.52 -13.06
C TYR C 205 -35.47 16.37 -13.24
N PHE C 206 -34.73 16.30 -12.14
CA PHE C 206 -33.26 16.20 -12.17
C PHE C 206 -32.69 14.76 -12.19
N LYS C 207 -31.47 14.57 -12.68
CA LYS C 207 -30.91 13.21 -12.67
C LYS C 207 -30.00 13.10 -11.47
N MET C 208 -29.77 14.22 -10.80
CA MET C 208 -28.88 14.03 -9.66
C MET C 208 -28.88 15.38 -9.01
N GLU C 209 -28.53 15.45 -7.72
CA GLU C 209 -28.45 16.71 -6.99
C GLU C 209 -27.00 16.86 -6.62
N LEU C 210 -26.45 18.05 -6.77
CA LEU C 210 -25.02 18.23 -6.51
C LEU C 210 -24.85 19.32 -5.49
N ALA C 211 -23.74 19.30 -4.80
CA ALA C 211 -23.61 20.37 -3.82
C ALA C 211 -22.15 20.79 -3.65
N VAL C 212 -21.85 22.06 -3.43
CA VAL C 212 -20.41 22.31 -3.22
C VAL C 212 -20.39 23.18 -1.95
N ILE C 213 -19.29 23.04 -1.19
CA ILE C 213 -19.14 23.88 0.00
C ILE C 213 -18.14 24.96 -0.43
N VAL C 214 -18.50 26.23 -0.32
CA VAL C 214 -17.52 27.25 -0.65
C VAL C 214 -17.10 27.98 0.64
N VAL C 215 -15.82 28.35 0.70
CA VAL C 215 -15.27 29.14 1.84
C VAL C 215 -14.86 30.53 1.40
N LYS C 216 -15.45 31.59 1.94
CA LYS C 216 -15.05 32.97 1.56
C LYS C 216 -14.11 33.45 2.67
N THR C 217 -12.95 34.00 2.34
CA THR C 217 -12.06 34.51 3.38
C THR C 217 -11.73 35.99 3.14
N LYS C 218 -10.98 36.60 4.05
CA LYS C 218 -10.55 38.00 4.00
C LYS C 218 -10.09 38.26 2.59
N ASP C 219 -9.17 37.43 2.09
CA ASP C 219 -8.69 37.67 0.74
C ASP C 219 -8.87 36.58 -0.30
N GLU C 220 -9.68 35.56 -0.07
CA GLU C 220 -9.77 34.56 -1.11
C GLU C 220 -11.05 33.79 -1.05
N VAL C 221 -11.44 33.18 -2.18
CA VAL C 221 -12.66 32.36 -2.08
C VAL C 221 -12.04 31.00 -2.29
N LEU C 222 -12.42 29.98 -1.52
CA LEU C 222 -11.79 28.68 -1.72
C LEU C 222 -12.96 27.72 -1.83
N SER C 223 -12.75 26.44 -2.12
CA SER C 223 -13.86 25.46 -2.21
C SER C 223 -13.46 23.97 -2.03
N TYR C 224 -14.47 23.13 -1.79
CA TYR C 224 -14.40 21.66 -1.64
C TYR C 224 -14.96 21.15 -2.97
N PRO C 225 -14.61 19.93 -3.29
CA PRO C 225 -15.09 19.36 -4.54
C PRO C 225 -16.56 19.09 -4.54
N THR C 226 -17.07 18.88 -5.75
CA THR C 226 -18.51 18.63 -5.93
C THR C 226 -18.90 17.25 -5.45
N VAL C 227 -20.04 17.22 -4.77
CA VAL C 227 -20.54 15.98 -4.25
C VAL C 227 -21.95 15.74 -4.75
N GLU C 228 -22.31 14.47 -4.65
CA GLU C 228 -23.62 14.02 -5.12
C GLU C 228 -24.47 13.81 -3.87
N THR C 229 -25.67 14.41 -3.88
CA THR C 229 -26.61 14.28 -2.78
C THR C 229 -27.82 13.46 -3.17
N VAL C 230 -28.40 12.83 -2.18
CA VAL C 230 -29.61 12.06 -2.38
C VAL C 230 -30.58 12.44 -1.27
N GLN C 231 -31.76 12.95 -1.66
CA GLN C 231 -32.71 13.36 -0.65
C GLN C 231 -33.92 12.50 -0.78
N GLU C 232 -34.72 12.39 0.27
CA GLU C 232 -36.01 11.66 0.28
C GLU C 232 -36.96 12.48 1.19
N ASP C 233 -38.17 12.70 0.69
CA ASP C 233 -39.21 13.46 1.38
C ASP C 233 -38.57 14.79 1.74
N SER C 234 -37.76 15.23 0.77
CA SER C 234 -37.07 16.50 0.91
C SER C 234 -35.92 16.62 1.94
N ILE C 235 -35.45 15.53 2.53
CA ILE C 235 -34.34 15.56 3.50
C ILE C 235 -33.14 14.85 2.93
N CYS C 236 -31.99 15.41 3.28
CA CYS C 236 -30.72 14.84 2.80
C CYS C 236 -30.61 13.36 3.25
N LYS C 237 -30.17 12.39 2.41
CA LYS C 237 -30.15 11.04 2.94
C LYS C 237 -28.68 10.62 2.86
N LEU C 238 -28.13 10.84 1.66
CA LEU C 238 -26.77 10.42 1.51
C LEU C 238 -26.08 11.47 0.73
N VAL C 239 -24.76 11.42 0.94
CA VAL C 239 -23.75 12.23 0.27
C VAL C 239 -22.60 11.36 -0.27
N TYR C 240 -22.21 11.44 -1.56
CA TYR C 240 -21.04 10.65 -2.05
C TYR C 240 -20.06 11.74 -2.46
N ALA C 241 -18.86 11.70 -1.87
CA ALA C 241 -17.84 12.69 -2.09
C ALA C 241 -16.59 12.00 -2.60
N PRO C 242 -16.13 12.29 -3.82
CA PRO C 242 -16.71 13.29 -4.73
C PRO C 242 -17.81 12.58 -5.47
N ALA C 243 -18.60 13.36 -6.20
CA ALA C 243 -19.74 12.86 -6.99
C ALA C 243 -19.32 11.80 -7.98
N ARG C 244 -20.20 10.82 -8.05
CA ARG C 244 -20.02 9.71 -8.94
C ARG C 244 -20.69 10.05 -10.24
N ASN C 245 -20.06 9.55 -11.29
CA ASN C 245 -20.63 9.62 -12.61
C ASN C 245 -21.08 10.94 -13.16
N VAL C 246 -20.11 11.85 -13.11
CA VAL C 246 -20.11 13.24 -13.46
C VAL C 246 -18.72 13.54 -13.95
N SER C 247 -18.70 14.11 -15.14
CA SER C 247 -17.50 14.54 -15.86
C SER C 247 -16.92 15.83 -15.25
N ASP C 248 -15.64 16.07 -15.47
CA ASP C 248 -15.09 17.30 -14.95
C ASP C 248 -15.87 18.47 -15.50
N ALA C 249 -16.34 18.33 -16.74
CA ALA C 249 -17.09 19.38 -17.41
C ALA C 249 -18.24 19.84 -16.55
N ILE C 250 -19.00 18.85 -16.09
CA ILE C 250 -20.14 19.14 -15.27
C ILE C 250 -19.64 19.61 -13.90
N ASN C 251 -18.61 18.97 -13.40
CA ASN C 251 -18.11 19.40 -12.08
C ASN C 251 -17.70 20.86 -12.14
N GLN C 252 -17.17 21.28 -13.29
CA GLN C 252 -16.68 22.66 -13.35
C GLN C 252 -17.77 23.73 -13.28
N LYS C 253 -18.81 23.42 -14.04
CA LYS C 253 -20.00 24.27 -14.13
C LYS C 253 -20.57 24.34 -12.73
N ALA C 254 -20.56 23.22 -12.03
CA ALA C 254 -21.03 23.19 -10.66
C ALA C 254 -20.16 24.10 -9.80
N GLN C 255 -18.83 23.99 -9.84
CA GLN C 255 -17.99 24.88 -9.02
C GLN C 255 -18.28 26.35 -9.39
N GLU C 256 -18.28 26.63 -10.69
CA GLU C 256 -18.54 27.98 -11.22
C GLU C 256 -19.77 28.65 -10.58
N LEU C 257 -20.89 27.96 -10.75
CA LEU C 257 -22.19 28.32 -10.22
C LEU C 257 -22.15 28.49 -8.71
N ALA C 258 -21.49 27.61 -7.98
CA ALA C 258 -21.49 27.80 -6.54
C ALA C 258 -20.76 29.10 -6.23
N ARG C 259 -19.67 29.34 -6.95
CA ARG C 259 -18.95 30.56 -6.67
C ARG C 259 -19.76 31.81 -7.02
N LYS C 260 -20.29 31.79 -8.22
CA LYS C 260 -21.07 32.94 -8.62
C LYS C 260 -22.11 33.31 -7.57
N ALA C 261 -22.85 32.30 -7.14
CA ALA C 261 -23.95 32.44 -6.21
C ALA C 261 -23.53 33.11 -4.90
N VAL C 262 -22.44 32.57 -4.39
CA VAL C 262 -21.83 33.08 -3.18
C VAL C 262 -21.30 34.50 -3.35
N ALA C 263 -20.66 34.78 -4.50
CA ALA C 263 -20.13 36.11 -4.78
C ALA C 263 -21.22 37.14 -4.57
N ALA C 264 -22.46 36.73 -4.87
CA ALA C 264 -23.63 37.59 -4.74
C ALA C 264 -24.02 38.03 -3.36
N PHE C 265 -23.30 37.51 -2.39
CA PHE C 265 -23.55 37.86 -1.00
C PHE C 265 -22.22 38.34 -0.38
N ASP C 266 -22.32 39.01 0.78
CA ASP C 266 -21.20 39.57 1.53
C ASP C 266 -21.10 38.84 2.85
N GLY C 267 -19.86 38.59 3.30
CA GLY C 267 -19.54 37.95 4.56
C GLY C 267 -18.51 36.85 4.35
N LYS C 268 -17.72 36.59 5.38
CA LYS C 268 -16.69 35.54 5.36
C LYS C 268 -17.26 34.26 5.97
N GLY C 269 -16.76 33.09 5.60
CA GLY C 269 -17.28 31.86 6.19
C GLY C 269 -17.64 30.88 5.08
N VAL C 270 -18.16 29.73 5.49
CA VAL C 270 -18.58 28.68 4.58
C VAL C 270 -20.02 28.90 4.16
N PHE C 271 -20.35 28.43 2.95
CA PHE C 271 -21.67 28.47 2.32
C PHE C 271 -21.77 27.16 1.55
N GLY C 272 -22.93 26.55 1.58
CA GLY C 272 -23.17 25.32 0.84
C GLY C 272 -24.07 25.74 -0.33
N VAL C 273 -23.93 25.09 -1.46
CA VAL C 273 -24.79 25.45 -2.58
C VAL C 273 -25.34 24.14 -3.17
N GLU C 274 -26.65 24.01 -3.16
CA GLU C 274 -27.32 22.81 -3.66
C GLU C 274 -27.82 23.10 -5.07
N MET C 275 -27.55 22.15 -5.93
CA MET C 275 -27.92 22.35 -7.30
C MET C 275 -28.54 21.06 -7.79
N PHE C 276 -29.19 21.17 -8.93
CA PHE C 276 -29.83 20.01 -9.56
C PHE C 276 -29.13 19.86 -10.88
N LEU C 277 -28.89 18.60 -11.26
CA LEU C 277 -28.27 18.25 -12.54
C LEU C 277 -29.43 17.75 -13.40
N LEU C 278 -29.61 18.35 -14.57
CA LEU C 278 -30.77 17.90 -15.35
C LEU C 278 -30.36 16.90 -16.40
N GLU C 279 -31.37 16.19 -16.89
CA GLU C 279 -31.18 15.15 -17.91
C GLU C 279 -30.27 15.70 -18.99
N ASP C 280 -30.53 16.97 -19.29
CA ASP C 280 -29.80 17.70 -20.32
C ASP C 280 -28.39 18.06 -19.85
N ASP C 281 -27.95 17.42 -18.77
CA ASP C 281 -26.63 17.67 -18.21
C ASP C 281 -26.44 19.11 -17.81
N SER C 282 -27.50 19.89 -17.80
CA SER C 282 -27.37 21.28 -17.35
C SER C 282 -27.62 21.41 -15.82
N ILE C 283 -27.02 22.42 -15.20
CA ILE C 283 -27.16 22.64 -13.77
C ILE C 283 -28.06 23.85 -13.41
N MET C 284 -28.88 23.66 -12.39
CA MET C 284 -29.75 24.74 -11.92
C MET C 284 -29.51 24.82 -10.42
N LEU C 285 -29.69 26.02 -9.89
CA LEU C 285 -29.50 26.19 -8.46
C LEU C 285 -30.74 25.72 -7.71
N CYS C 286 -30.51 25.05 -6.59
CA CYS C 286 -31.66 24.64 -5.79
C CYS C 286 -31.73 25.60 -4.58
N GLU C 287 -30.64 25.83 -3.85
CA GLU C 287 -30.66 26.71 -2.69
C GLU C 287 -29.27 27.00 -2.22
N ILE C 288 -29.13 28.06 -1.43
CA ILE C 288 -27.84 28.42 -0.85
C ILE C 288 -28.08 28.59 0.65
N ALA C 289 -27.04 28.26 1.41
CA ALA C 289 -27.06 28.26 2.88
C ALA C 289 -25.91 29.16 3.23
N SER C 290 -26.07 30.11 4.16
CA SER C 290 -24.97 31.02 4.52
C SER C 290 -24.34 30.39 5.77
N ARG C 291 -23.94 29.13 5.67
CA ARG C 291 -23.38 28.54 6.87
C ARG C 291 -22.93 27.13 6.46
N ILE C 292 -22.34 26.47 7.44
CA ILE C 292 -21.87 25.07 7.43
C ILE C 292 -23.15 24.28 7.06
N HIS C 293 -23.00 23.17 6.33
CA HIS C 293 -24.14 22.45 5.72
C HIS C 293 -24.05 20.93 5.71
N ASN C 294 -25.19 20.27 5.79
CA ASN C 294 -25.21 18.82 5.79
C ASN C 294 -24.32 18.29 4.68
N SER C 295 -24.26 18.94 3.55
CA SER C 295 -23.39 18.35 2.49
C SER C 295 -21.90 18.31 2.80
N GLY C 296 -21.47 18.96 3.87
CA GLY C 296 -20.05 18.91 4.08
C GLY C 296 -19.59 18.13 5.26
N HIS C 297 -20.50 17.41 5.90
CA HIS C 297 -20.03 16.64 7.03
C HIS C 297 -18.87 15.70 6.73
N TYR C 298 -18.96 15.19 5.51
CA TYR C 298 -17.94 14.25 5.10
C TYR C 298 -16.50 14.79 5.21
N THR C 299 -16.33 16.10 5.11
CA THR C 299 -14.99 16.71 5.14
C THR C 299 -14.20 16.50 6.46
N ILE C 300 -14.91 16.06 7.50
CA ILE C 300 -14.33 15.77 8.80
C ILE C 300 -13.43 14.57 8.59
N GLU C 301 -13.83 13.52 7.86
CA GLU C 301 -12.86 12.42 7.76
C GLU C 301 -12.25 12.46 6.40
N GLY C 302 -12.91 13.23 5.55
CA GLY C 302 -12.44 13.27 4.20
C GLY C 302 -11.38 14.25 3.75
N CYS C 303 -11.11 15.24 4.61
CA CYS C 303 -10.17 16.35 4.40
C CYS C 303 -9.39 16.69 5.65
N ALA C 304 -8.28 17.38 5.43
CA ALA C 304 -7.36 17.80 6.49
C ALA C 304 -8.05 18.85 7.35
N LEU C 305 -8.80 19.79 6.75
CA LEU C 305 -9.52 20.87 7.46
C LEU C 305 -10.99 20.66 7.21
N SER C 306 -11.86 20.31 8.19
CA SER C 306 -13.26 20.10 7.78
C SER C 306 -13.87 21.47 7.55
N GLN C 307 -15.13 21.46 7.16
CA GLN C 307 -15.80 22.72 6.92
C GLN C 307 -15.92 23.47 8.24
N PHE C 308 -15.93 22.69 9.34
CA PHE C 308 -16.08 23.28 10.69
C PHE C 308 -14.80 23.99 11.03
N ASP C 309 -13.69 23.37 10.64
CA ASP C 309 -12.43 24.01 10.93
C ASP C 309 -12.25 25.25 10.01
N ALA C 310 -12.66 25.09 8.74
CA ALA C 310 -12.51 26.12 7.72
C ALA C 310 -13.36 27.31 8.08
N HIS C 311 -14.59 27.14 8.56
CA HIS C 311 -15.40 28.31 8.94
C HIS C 311 -14.80 29.21 10.06
N LEU C 312 -14.26 28.56 11.06
CA LEU C 312 -13.65 29.29 12.18
C LEU C 312 -12.52 30.16 11.66
N ARG C 313 -11.67 29.47 10.91
CA ARG C 313 -10.51 30.16 10.41
C ARG C 313 -10.88 31.34 9.55
N ALA C 314 -11.92 31.14 8.72
CA ALA C 314 -12.38 32.16 7.76
C ALA C 314 -12.91 33.37 8.43
N ILE C 315 -13.73 33.05 9.41
CA ILE C 315 -14.32 34.15 10.17
C ILE C 315 -13.37 34.75 11.16
N LEU C 316 -12.24 34.10 11.35
CA LEU C 316 -11.30 34.71 12.30
C LEU C 316 -10.04 35.16 11.56
N ASP C 317 -10.09 35.10 10.23
CA ASP C 317 -8.90 35.42 9.43
C ASP C 317 -7.67 34.54 9.69
N LEU C 318 -7.88 33.26 10.00
CA LEU C 318 -6.76 32.37 10.24
C LEU C 318 -6.43 31.80 8.86
N PRO C 319 -5.27 31.17 8.73
CA PRO C 319 -4.87 30.57 7.45
C PRO C 319 -5.63 29.31 7.12
N ILE C 320 -5.81 29.05 5.83
CA ILE C 320 -6.48 27.87 5.33
C ILE C 320 -5.77 27.37 4.08
N PRO C 321 -4.72 26.58 4.30
CA PRO C 321 -3.97 26.00 3.20
C PRO C 321 -4.94 25.20 2.30
N ALA C 322 -4.95 25.62 1.05
CA ALA C 322 -5.80 25.04 0.03
C ALA C 322 -5.76 23.54 -0.13
N GLN C 323 -4.60 23.00 0.20
CA GLN C 323 -4.35 21.57 0.10
C GLN C 323 -5.29 20.78 1.00
N SER C 324 -5.49 21.34 2.20
CA SER C 324 -6.34 20.83 3.29
C SER C 324 -7.83 20.60 2.99
N LEU C 325 -8.24 21.13 1.86
CA LEU C 325 -9.61 21.10 1.32
C LEU C 325 -9.86 20.05 0.25
N GLU C 326 -8.79 19.38 -0.14
CA GLU C 326 -8.85 18.30 -1.13
C GLU C 326 -9.24 17.05 -0.34
N ILE C 327 -10.01 16.21 -1.00
CA ILE C 327 -10.54 14.92 -0.49
C ILE C 327 -9.39 13.93 -0.42
N ARG C 328 -9.20 13.36 0.77
CA ARG C 328 -8.19 12.33 1.15
C ARG C 328 -8.53 10.96 0.50
N GLN C 329 -9.74 10.45 0.69
CA GLN C 329 -10.16 9.20 0.08
C GLN C 329 -11.66 9.40 -0.20
N PRO C 330 -12.20 8.57 -1.08
CA PRO C 330 -13.64 8.71 -1.33
C PRO C 330 -14.40 8.33 -0.05
N SER C 331 -15.49 9.03 0.23
CA SER C 331 -16.29 8.70 1.40
C SER C 331 -17.80 8.83 1.10
N ILE C 332 -18.65 8.28 1.96
CA ILE C 332 -20.09 8.37 1.75
C ILE C 332 -20.73 8.65 3.09
N MET C 333 -21.48 9.73 3.21
CA MET C 333 -22.13 9.99 4.48
C MET C 333 -23.59 9.52 4.52
N LEU C 334 -24.06 9.05 5.67
CA LEU C 334 -25.45 8.61 5.76
C LEU C 334 -26.11 9.37 6.91
N ASN C 335 -27.26 10.02 6.67
CA ASN C 335 -27.86 10.74 7.77
C ASN C 335 -28.51 9.66 8.65
N ILE C 336 -28.74 9.95 9.91
CA ILE C 336 -29.47 9.02 10.79
C ILE C 336 -30.63 9.94 11.14
N ILE C 337 -31.81 9.63 10.65
CA ILE C 337 -33.07 10.37 10.81
C ILE C 337 -34.06 9.56 11.72
N GLY C 338 -34.63 10.22 12.73
CA GLY C 338 -35.56 9.62 13.68
C GLY C 338 -36.58 8.97 12.76
N GLY C 339 -37.11 7.80 13.11
CA GLY C 339 -38.12 7.07 12.31
C GLY C 339 -39.38 6.90 13.14
N ALA C 340 -40.16 5.83 12.95
CA ALA C 340 -41.32 5.63 13.79
C ALA C 340 -40.92 5.50 15.28
N ALA C 341 -39.95 4.66 15.62
CA ALA C 341 -39.62 4.56 17.03
C ALA C 341 -38.54 5.45 17.58
N PRO C 342 -38.94 6.19 18.58
CA PRO C 342 -38.01 7.07 19.26
C PRO C 342 -36.66 6.43 19.63
N ASP C 343 -36.36 5.18 19.29
CA ASP C 343 -35.04 4.67 19.75
C ASP C 343 -34.42 4.06 18.51
N THR C 344 -35.32 3.97 17.54
CA THR C 344 -35.01 3.46 16.23
C THR C 344 -33.65 3.98 15.79
N HIS C 345 -33.56 5.28 15.56
CA HIS C 345 -32.27 5.75 15.11
C HIS C 345 -31.03 5.17 15.88
N LEU C 346 -31.23 4.68 17.11
CA LEU C 346 -30.09 4.18 17.88
C LEU C 346 -29.53 2.83 17.47
N GLN C 347 -30.32 2.11 16.67
CA GLN C 347 -30.01 0.78 16.14
C GLN C 347 -29.18 1.05 14.89
N ALA C 348 -29.64 2.01 14.12
CA ALA C 348 -28.90 2.48 12.96
C ALA C 348 -27.49 2.75 13.45
N ALA C 349 -27.29 3.52 14.52
CA ALA C 349 -25.95 3.82 15.04
C ALA C 349 -25.25 2.52 15.53
N GLU C 350 -26.03 1.62 16.09
CA GLU C 350 -25.43 0.38 16.56
C GLU C 350 -24.96 -0.53 15.43
N CYS C 351 -25.70 -0.51 14.32
CA CYS C 351 -25.34 -1.25 13.11
C CYS C 351 -23.98 -0.73 12.64
N ALA C 352 -23.96 0.59 12.65
CA ALA C 352 -22.80 1.36 12.22
C ALA C 352 -21.54 0.85 12.92
N LEU C 353 -21.69 0.52 14.21
CA LEU C 353 -20.63 0.01 15.04
C LEU C 353 -19.84 -1.06 14.28
N SER C 354 -20.51 -1.94 13.55
CA SER C 354 -19.81 -3.00 12.80
C SER C 354 -19.51 -2.70 11.34
N ILE C 355 -19.79 -1.49 10.83
CA ILE C 355 -19.45 -1.29 9.42
C ILE C 355 -17.97 -0.88 9.34
N PRO C 356 -17.19 -1.44 8.43
CA PRO C 356 -15.75 -1.13 8.38
C PRO C 356 -15.61 0.33 8.00
N ASN C 357 -14.62 1.01 8.55
CA ASN C 357 -14.33 2.40 8.23
C ASN C 357 -15.36 3.47 8.50
N ALA C 358 -16.35 3.04 9.28
CA ALA C 358 -17.40 3.94 9.62
C ALA C 358 -17.23 4.78 10.91
N SER C 359 -17.22 6.08 10.74
CA SER C 359 -17.05 7.02 11.84
C SER C 359 -18.51 7.44 12.18
N ILE C 360 -18.86 7.23 13.44
CA ILE C 360 -20.18 7.60 13.89
C ILE C 360 -20.30 8.93 14.65
N HIS C 361 -21.38 9.63 14.36
CA HIS C 361 -21.66 10.93 15.02
C HIS C 361 -23.08 11.05 15.50
N LEU C 362 -23.34 10.98 16.81
CA LEU C 362 -24.69 11.10 17.30
C LEU C 362 -24.67 12.53 17.75
N TYR C 363 -25.82 13.17 17.56
CA TYR C 363 -25.96 14.60 17.87
C TYR C 363 -26.28 15.07 19.26
N SER C 364 -26.55 14.08 20.10
CA SER C 364 -26.97 14.37 21.48
C SER C 364 -28.23 15.28 21.50
N LYS C 365 -29.13 15.01 20.54
CA LYS C 365 -30.41 15.73 20.37
C LYS C 365 -31.61 15.15 21.17
N GLY C 366 -31.40 14.01 21.82
CA GLY C 366 -32.51 13.50 22.60
C GLY C 366 -33.72 12.93 21.88
N ALA C 367 -34.88 13.42 22.30
CA ALA C 367 -36.07 12.92 21.69
C ALA C 367 -35.94 12.97 20.19
N ALA C 368 -35.96 11.79 19.59
CA ALA C 368 -35.94 11.56 18.14
C ALA C 368 -37.41 11.79 17.75
N LYS C 369 -37.64 12.47 16.62
CA LYS C 369 -38.97 12.74 16.07
C LYS C 369 -38.80 12.27 14.63
N PRO C 370 -39.86 11.69 14.07
CA PRO C 370 -39.78 11.15 12.71
C PRO C 370 -39.22 12.18 11.74
N GLY C 371 -38.20 11.70 11.04
CA GLY C 371 -37.47 12.46 10.06
C GLY C 371 -36.52 13.47 10.69
N ARG C 372 -36.33 13.35 12.01
CA ARG C 372 -35.45 14.33 12.63
C ARG C 372 -34.02 13.86 12.47
N LYS C 373 -33.13 14.81 12.23
CA LYS C 373 -31.73 14.47 12.05
C LYS C 373 -31.06 14.28 13.35
N MET C 374 -30.85 13.00 13.65
CA MET C 374 -30.25 12.63 14.90
C MET C 374 -28.76 12.36 14.96
N GLY C 375 -28.17 12.23 13.79
CA GLY C 375 -26.73 11.98 13.74
C GLY C 375 -26.42 11.58 12.28
N HIS C 376 -25.16 11.31 11.96
CA HIS C 376 -24.71 10.90 10.63
C HIS C 376 -23.51 9.96 10.83
N ILE C 377 -23.26 9.19 9.77
CA ILE C 377 -22.19 8.19 9.71
C ILE C 377 -21.40 8.40 8.48
N THR C 378 -20.09 8.61 8.65
CA THR C 378 -19.31 8.79 7.49
C THR C 378 -18.46 7.54 7.29
N VAL C 379 -18.44 6.98 6.08
CA VAL C 379 -17.61 5.80 5.79
C VAL C 379 -16.57 6.08 4.68
N THR C 380 -15.30 5.86 4.97
CA THR C 380 -14.32 6.06 3.89
C THR C 380 -13.71 4.74 3.32
N ALA C 381 -13.05 4.84 2.19
CA ALA C 381 -12.42 3.66 1.63
C ALA C 381 -11.49 4.28 0.56
N PRO C 382 -10.48 3.55 0.06
CA PRO C 382 -9.57 4.09 -0.94
C PRO C 382 -10.28 4.30 -2.25
N THR C 383 -11.37 3.56 -2.43
CA THR C 383 -12.15 3.77 -3.63
C THR C 383 -13.58 3.83 -3.18
N MET C 384 -14.39 4.57 -3.93
CA MET C 384 -15.83 4.72 -3.69
C MET C 384 -16.52 3.37 -3.80
N HIS C 385 -16.02 2.60 -4.75
CA HIS C 385 -16.60 1.30 -4.98
C HIS C 385 -16.52 0.57 -3.64
N GLU C 386 -15.32 0.57 -3.08
CA GLU C 386 -15.09 -0.07 -1.79
C GLU C 386 -16.05 0.46 -0.70
N ALA C 387 -16.14 1.79 -0.61
CA ALA C 387 -17.01 2.44 0.39
C ALA C 387 -18.50 2.02 0.22
N GLU C 388 -18.94 1.86 -1.04
CA GLU C 388 -20.33 1.49 -1.31
C GLU C 388 -20.59 0.14 -0.72
N THR C 389 -19.65 -0.75 -0.99
CA THR C 389 -19.79 -2.07 -0.44
C THR C 389 -19.98 -2.05 1.08
N HIS C 390 -19.02 -1.45 1.79
CA HIS C 390 -19.03 -1.36 3.24
C HIS C 390 -20.32 -0.77 3.78
N ILE C 391 -20.71 0.37 3.24
CA ILE C 391 -21.94 0.92 3.80
C ILE C 391 -23.26 0.23 3.39
N GLN C 392 -23.24 -0.56 2.34
CA GLN C 392 -24.52 -1.17 1.93
C GLN C 392 -25.53 -1.74 2.94
N PRO C 393 -24.98 -2.55 3.83
CA PRO C 393 -25.78 -3.23 4.87
C PRO C 393 -26.42 -2.22 5.79
N LEU C 394 -25.62 -1.19 6.03
CA LEU C 394 -26.09 -0.14 6.90
C LEU C 394 -27.22 0.59 6.21
N ILE C 395 -27.06 0.78 4.91
CA ILE C 395 -28.10 1.46 4.18
C ILE C 395 -29.35 0.58 4.23
N ASP C 396 -29.12 -0.72 4.18
CA ASP C 396 -30.22 -1.70 4.15
C ASP C 396 -31.00 -1.70 5.42
N VAL C 397 -30.24 -1.73 6.48
CA VAL C 397 -30.88 -1.75 7.76
C VAL C 397 -31.67 -0.50 7.94
N VAL C 398 -31.04 0.57 7.48
CA VAL C 398 -31.68 1.85 7.70
C VAL C 398 -32.94 1.92 6.91
N ASP C 399 -32.86 1.24 5.77
CA ASP C 399 -34.01 1.27 4.92
C ASP C 399 -35.15 0.47 5.54
N ARG C 400 -34.78 -0.59 6.19
CA ARG C 400 -35.82 -1.35 6.84
C ARG C 400 -36.52 -0.55 7.91
N ILE C 401 -35.78 0.05 8.84
CA ILE C 401 -36.40 0.82 9.93
C ILE C 401 -37.25 2.01 9.50
N ARG C 402 -36.85 2.69 8.42
CA ARG C 402 -37.64 3.82 8.00
C ARG C 402 -38.88 3.96 8.91
N MET D 21 -29.74 1.79 23.50
CA MET D 21 -29.30 1.80 24.90
C MET D 21 -27.88 1.21 25.12
N TRP D 22 -27.30 0.75 24.00
CA TRP D 22 -25.96 0.19 23.97
C TRP D 22 -25.02 1.29 24.52
N ASN D 23 -25.40 2.55 24.26
CA ASN D 23 -24.62 3.69 24.66
C ASN D 23 -25.18 4.36 25.88
N SER D 24 -25.94 3.58 26.65
CA SER D 24 -26.58 4.01 27.90
C SER D 24 -25.64 3.87 29.10
N ARG D 25 -24.60 3.05 28.96
CA ARG D 25 -23.59 2.88 30.02
C ARG D 25 -22.74 4.12 30.35
N LYS D 26 -22.22 4.09 31.57
CA LYS D 26 -21.38 5.17 32.10
C LYS D 26 -19.95 4.78 32.35
N VAL D 27 -19.06 5.63 31.80
CA VAL D 27 -17.61 5.42 31.86
C VAL D 27 -16.97 6.37 32.88
N GLY D 28 -16.36 5.81 33.91
CA GLY D 28 -15.67 6.66 34.92
C GLY D 28 -14.21 6.48 34.46
N VAL D 29 -13.49 7.59 34.33
CA VAL D 29 -12.10 7.58 33.93
C VAL D 29 -11.31 8.39 34.97
N LEU D 30 -10.21 7.75 35.36
CA LEU D 30 -9.27 8.24 36.37
C LEU D 30 -8.27 9.19 35.74
N GLY D 31 -8.35 10.50 35.96
CA GLY D 31 -7.40 11.42 35.38
C GLY D 31 -8.12 12.23 34.33
N GLY D 32 -8.01 13.56 34.29
CA GLY D 32 -8.69 14.39 33.29
C GLY D 32 -7.80 15.25 32.38
N GLY D 33 -6.65 14.66 32.02
CA GLY D 33 -5.63 15.27 31.12
C GLY D 33 -5.81 15.19 29.58
N GLN D 34 -4.78 15.47 28.78
CA GLN D 34 -4.97 15.37 27.34
C GLN D 34 -5.47 13.95 26.91
N LEU D 35 -5.04 12.89 27.59
CA LEU D 35 -5.50 11.53 27.27
C LEU D 35 -7.02 11.39 27.52
N GLY D 36 -7.53 11.70 28.70
CA GLY D 36 -8.98 11.59 28.94
C GLY D 36 -9.86 12.40 27.96
N ARG D 37 -9.37 13.61 27.66
CA ARG D 37 -10.02 14.54 26.72
C ARG D 37 -10.26 13.86 25.36
N MET D 38 -9.28 13.16 24.84
CA MET D 38 -9.40 12.55 23.54
C MET D 38 -10.31 11.37 23.71
N LEU D 39 -10.31 10.96 24.95
CA LEU D 39 -11.19 9.86 25.32
C LEU D 39 -12.64 10.34 25.31
N VAL D 40 -12.90 11.42 26.03
CA VAL D 40 -14.21 12.05 26.11
C VAL D 40 -14.60 12.53 24.73
N GLU D 41 -13.68 12.99 23.89
CA GLU D 41 -14.04 13.41 22.55
C GLU D 41 -14.70 12.25 21.90
N SER D 42 -14.05 11.11 21.97
CA SER D 42 -14.66 9.92 21.34
C SER D 42 -16.04 9.47 21.91
N ALA D 43 -16.18 9.54 23.22
CA ALA D 43 -17.44 9.11 23.85
C ALA D 43 -18.54 10.11 23.50
N ASN D 44 -18.16 11.36 23.21
CA ASN D 44 -19.12 12.43 22.90
C ASN D 44 -19.73 12.04 21.57
N ARG D 45 -18.90 11.61 20.63
CA ARG D 45 -19.39 11.21 19.30
C ARG D 45 -20.49 10.20 19.35
N LEU D 46 -20.33 9.30 20.30
CA LEU D 46 -21.34 8.29 20.47
C LEU D 46 -22.32 8.71 21.54
N ASN D 47 -22.13 9.88 22.14
CA ASN D 47 -23.02 10.38 23.18
C ASN D 47 -22.98 9.39 24.34
N ILE D 48 -21.81 8.86 24.66
CA ILE D 48 -21.79 7.88 25.72
C ILE D 48 -21.30 8.74 26.88
N GLN D 49 -21.80 8.60 28.10
CA GLN D 49 -21.34 9.40 29.24
C GLN D 49 -20.04 9.08 29.99
N VAL D 50 -19.16 10.07 30.05
CA VAL D 50 -17.91 9.86 30.77
C VAL D 50 -17.84 10.73 32.07
N ASN D 51 -17.61 10.12 33.23
CA ASN D 51 -17.44 10.90 34.48
C ASN D 51 -15.93 10.91 34.83
N VAL D 52 -15.29 12.06 34.71
CA VAL D 52 -13.88 12.19 35.01
C VAL D 52 -13.43 12.44 36.46
N LEU D 53 -12.58 11.61 37.05
CA LEU D 53 -12.13 11.94 38.40
C LEU D 53 -10.78 12.74 38.34
N ASP D 54 -10.75 14.03 38.65
CA ASP D 54 -9.48 14.75 38.64
C ASP D 54 -9.85 16.07 39.32
N ALA D 55 -8.92 17.01 39.46
CA ALA D 55 -9.31 18.25 40.10
C ALA D 55 -10.35 18.89 39.18
N ASP D 56 -10.69 20.14 39.47
CA ASP D 56 -11.69 20.90 38.72
C ASP D 56 -11.29 21.57 37.39
N ASN D 57 -12.14 21.45 36.39
CA ASN D 57 -11.81 22.01 35.09
C ASN D 57 -10.54 21.54 34.38
N SER D 58 -10.35 20.22 34.38
CA SER D 58 -9.19 19.66 33.72
C SER D 58 -9.56 19.55 32.22
N PRO D 59 -8.54 19.59 31.38
CA PRO D 59 -8.81 19.54 29.97
C PRO D 59 -9.99 18.68 29.62
N ALA D 60 -10.05 17.48 30.16
CA ALA D 60 -11.18 16.62 29.82
C ALA D 60 -12.59 16.95 30.28
N LYS D 61 -12.69 17.56 31.44
CA LYS D 61 -14.01 17.88 31.97
C LYS D 61 -14.41 19.11 31.20
N GLN D 62 -13.39 19.76 30.68
CA GLN D 62 -13.68 20.96 29.95
C GLN D 62 -14.53 20.74 28.69
N ILE D 63 -14.63 19.53 28.17
CA ILE D 63 -15.48 19.42 26.98
C ILE D 63 -16.63 18.50 27.29
N SER D 64 -16.93 18.39 28.58
CA SER D 64 -17.95 17.45 28.99
C SER D 64 -18.79 18.12 30.03
N ALA D 65 -19.79 18.82 29.51
CA ALA D 65 -20.71 19.59 30.31
C ALA D 65 -21.87 18.94 31.03
N HIS D 66 -21.50 18.26 32.11
CA HIS D 66 -22.45 17.59 33.00
C HIS D 66 -21.95 17.44 34.45
N ASP D 67 -22.90 17.21 35.36
CA ASP D 67 -22.76 17.03 36.80
C ASP D 67 -22.15 15.71 37.39
N GLY D 68 -21.90 14.77 36.49
CA GLY D 68 -21.33 13.50 36.80
C GLY D 68 -19.85 13.50 37.17
N HIS D 69 -19.09 14.47 36.69
CA HIS D 69 -17.70 14.33 37.05
C HIS D 69 -17.56 14.42 38.53
N VAL D 70 -16.35 14.12 38.96
CA VAL D 70 -15.88 14.17 40.35
C VAL D 70 -14.59 14.98 40.48
N THR D 71 -14.54 15.89 41.45
CA THR D 71 -13.34 16.65 41.68
C THR D 71 -12.51 15.86 42.69
N GLY D 72 -11.35 15.41 42.23
CA GLY D 72 -10.48 14.63 43.08
C GLY D 72 -9.20 14.07 42.48
N SER D 73 -8.65 13.18 43.30
CA SER D 73 -7.38 12.55 43.05
C SER D 73 -7.70 11.05 42.89
N PHE D 74 -7.17 10.52 41.79
CA PHE D 74 -7.21 9.14 41.29
C PHE D 74 -6.14 8.35 42.04
N LYS D 75 -5.63 9.07 43.05
CA LYS D 75 -4.56 8.75 44.00
C LYS D 75 -5.14 8.55 45.37
N GLU D 76 -6.33 9.10 45.56
CA GLU D 76 -7.04 9.00 46.83
C GLU D 76 -8.26 8.13 46.74
N ARG D 77 -8.31 7.23 47.71
CA ARG D 77 -9.41 6.28 47.86
C ARG D 77 -10.87 6.74 47.75
N GLU D 78 -11.25 7.69 48.59
CA GLU D 78 -12.61 8.18 48.59
C GLU D 78 -13.16 8.61 47.22
N ALA D 79 -12.44 9.52 46.55
CA ALA D 79 -12.79 10.06 45.23
C ALA D 79 -13.13 8.77 44.52
N VAL D 80 -12.04 8.05 44.31
CA VAL D 80 -12.08 6.79 43.64
C VAL D 80 -13.30 5.94 43.90
N ARG D 81 -13.67 5.82 45.17
CA ARG D 81 -14.84 5.00 45.58
C ARG D 81 -16.10 5.73 45.12
N GLN D 82 -16.01 7.04 45.15
CA GLN D 82 -17.14 7.85 44.75
C GLN D 82 -17.44 7.56 43.28
N LEU D 83 -16.40 7.80 42.52
CA LEU D 83 -16.48 7.58 41.09
C LEU D 83 -16.95 6.20 40.66
N ALA D 84 -16.48 5.12 41.25
CA ALA D 84 -16.91 3.77 40.83
C ALA D 84 -18.39 3.56 41.01
N LYS D 85 -18.75 4.06 42.17
CA LYS D 85 -20.12 4.04 42.61
C LYS D 85 -21.01 4.73 41.59
N THR D 86 -20.41 5.60 40.78
CA THR D 86 -21.13 6.42 39.82
C THR D 86 -21.29 5.98 38.35
N CYS D 87 -20.72 4.84 37.98
CA CYS D 87 -20.82 4.45 36.59
C CYS D 87 -20.49 3.00 36.58
N ASP D 88 -20.73 2.49 35.37
CA ASP D 88 -20.60 1.11 34.93
C ASP D 88 -19.31 0.34 34.77
N VAL D 89 -18.30 1.08 34.33
CA VAL D 89 -17.00 0.44 34.12
C VAL D 89 -16.04 1.51 34.53
N VAL D 90 -14.90 1.19 35.13
CA VAL D 90 -13.95 2.28 35.45
C VAL D 90 -12.67 2.06 34.67
N THR D 91 -12.14 3.15 34.11
CA THR D 91 -10.92 3.06 33.34
C THR D 91 -9.88 4.10 33.67
N ALA D 92 -8.66 3.84 33.25
CA ALA D 92 -7.64 4.80 33.62
C ALA D 92 -6.96 5.60 32.53
N GLU D 93 -6.77 6.87 32.87
CA GLU D 93 -6.11 7.86 32.00
C GLU D 93 -4.58 8.01 32.31
N ILE D 94 -4.09 7.20 33.23
CA ILE D 94 -2.67 7.22 33.56
C ILE D 94 -2.16 5.82 33.83
N VAL D 97 -1.89 5.43 39.25
CA VAL D 97 -3.11 5.26 40.04
C VAL D 97 -3.13 4.14 41.09
N ASP D 98 -3.98 4.30 42.09
CA ASP D 98 -4.16 3.33 43.17
C ASP D 98 -4.88 2.05 42.70
N THR D 99 -4.14 1.00 42.33
CA THR D 99 -4.77 -0.24 41.85
C THR D 99 -5.23 -1.00 43.08
N TYR D 100 -4.86 -0.42 44.22
CA TYR D 100 -5.19 -0.97 45.53
C TYR D 100 -6.61 -0.69 45.85
N ALA D 101 -6.92 0.59 45.64
CA ALA D 101 -8.24 1.15 45.83
C ALA D 101 -9.15 0.42 44.84
N LEU D 102 -8.73 0.36 43.57
CA LEU D 102 -9.54 -0.32 42.55
C LEU D 102 -9.77 -1.73 43.01
N GLU D 103 -8.70 -2.32 43.50
CA GLU D 103 -8.83 -3.68 43.98
C GLU D 103 -10.14 -3.76 44.78
N GLU D 104 -10.19 -2.94 45.82
CA GLU D 104 -11.29 -2.84 46.77
C GLU D 104 -12.68 -2.68 46.20
N VAL D 105 -12.79 -1.79 45.22
CA VAL D 105 -14.08 -1.50 44.56
C VAL D 105 -14.48 -2.51 43.51
N ALA D 106 -13.50 -3.31 43.14
CA ALA D 106 -13.72 -4.36 42.14
C ALA D 106 -14.92 -5.28 42.48
N SER D 107 -15.50 -5.05 43.66
CA SER D 107 -16.65 -5.84 44.11
C SER D 107 -17.99 -5.35 43.60
N GLU D 108 -18.04 -4.02 43.44
CA GLU D 108 -19.13 -3.18 42.97
C GLU D 108 -18.99 -2.34 41.67
N VAL D 109 -17.98 -2.61 40.84
CA VAL D 109 -17.73 -1.92 39.56
C VAL D 109 -16.70 -2.59 38.63
N LYS D 110 -17.08 -2.85 37.36
CA LYS D 110 -16.16 -3.42 36.37
C LYS D 110 -14.99 -2.42 36.14
N ILE D 111 -13.77 -2.95 36.17
CA ILE D 111 -12.55 -2.13 35.97
C ILE D 111 -11.73 -2.65 34.78
N GLU D 112 -11.44 -1.78 33.80
CA GLU D 112 -10.68 -2.17 32.62
C GLU D 112 -9.44 -1.33 32.25
N PRO D 113 -8.37 -2.02 31.91
CA PRO D 113 -8.36 -3.48 31.97
C PRO D 113 -8.18 -3.75 33.46
N SER D 114 -7.82 -4.98 33.84
CA SER D 114 -7.66 -5.27 35.25
C SER D 114 -6.74 -4.48 36.17
N TRP D 115 -7.06 -4.50 37.46
CA TRP D 115 -6.24 -3.76 38.43
C TRP D 115 -4.96 -4.53 38.59
N GLN D 116 -5.06 -5.86 38.55
CA GLN D 116 -3.87 -6.71 38.70
C GLN D 116 -2.94 -6.48 37.51
N ALA D 117 -3.56 -6.33 36.34
CA ALA D 117 -2.87 -6.10 35.10
C ALA D 117 -2.22 -4.74 35.33
N ILE D 118 -2.96 -3.76 35.83
CA ILE D 118 -2.36 -2.42 36.01
C ILE D 118 -1.26 -2.43 37.04
N ARG D 119 -1.51 -3.27 38.05
CA ARG D 119 -0.62 -3.36 39.18
C ARG D 119 0.75 -3.86 38.82
N THR D 120 0.71 -4.94 38.05
CA THR D 120 1.90 -5.61 37.55
C THR D 120 2.60 -4.67 36.58
N ILE D 121 1.89 -4.30 35.52
CA ILE D 121 2.40 -3.40 34.49
C ILE D 121 3.04 -2.15 35.09
N GLN D 122 2.48 -1.59 36.15
CA GLN D 122 3.15 -0.38 36.69
C GLN D 122 4.53 -0.57 37.37
N ASN D 123 4.96 -1.78 37.67
CA ASN D 123 6.28 -2.02 38.24
C ASN D 123 6.95 -2.78 37.10
N LYS D 124 7.83 -1.99 36.47
CA LYS D 124 8.61 -2.32 35.30
C LYS D 124 9.42 -3.57 35.50
N PHE D 125 9.96 -3.73 36.70
CA PHE D 125 10.71 -4.94 36.94
C PHE D 125 9.76 -6.14 36.88
N ASN D 126 8.61 -5.91 37.54
CA ASN D 126 7.51 -6.86 37.72
C ASN D 126 6.90 -7.25 36.38
N GLN D 127 6.68 -6.19 35.61
CA GLN D 127 6.12 -6.36 34.27
C GLN D 127 7.05 -7.36 33.58
N LYS D 128 8.32 -7.01 33.65
CA LYS D 128 9.42 -7.78 33.10
C LYS D 128 9.37 -9.22 33.54
N GLU D 129 9.44 -9.54 34.83
CA GLU D 129 9.36 -10.97 35.17
C GLU D 129 8.09 -11.68 34.66
N HIS D 130 6.97 -10.96 34.62
CA HIS D 130 5.77 -11.63 34.13
C HIS D 130 5.78 -12.13 32.66
N LEU D 131 6.25 -11.26 31.77
CA LEU D 131 6.30 -11.61 30.34
C LEU D 131 7.46 -12.44 29.98
N ARG D 132 8.33 -12.63 30.95
CA ARG D 132 9.51 -13.43 30.76
C ARG D 132 8.86 -14.78 30.79
N LYS D 133 7.68 -14.85 31.39
CA LYS D 133 6.97 -16.12 31.50
C LYS D 133 6.39 -16.48 30.14
N TYR D 134 6.18 -15.50 29.29
CA TYR D 134 5.60 -15.82 28.00
C TYR D 134 6.68 -15.89 26.92
N GLY D 135 7.91 -15.58 27.26
CA GLY D 135 8.91 -15.66 26.20
C GLY D 135 8.98 -14.41 25.32
N ILE D 136 8.68 -13.27 25.94
CA ILE D 136 8.73 -12.00 25.25
C ILE D 136 10.21 -11.64 25.35
N PRO D 137 10.77 -11.35 24.19
CA PRO D 137 12.17 -10.97 24.16
C PRO D 137 12.29 -9.61 24.79
N MET D 138 13.27 -9.50 25.68
CA MET D 138 13.45 -8.25 26.38
C MET D 138 14.85 -8.31 26.80
N ALA D 139 15.34 -7.15 27.22
CA ALA D 139 16.71 -7.07 27.70
C ALA D 139 16.93 -7.89 28.97
N GLU D 140 18.16 -8.35 29.16
CA GLU D 140 18.54 -9.03 30.39
C GLU D 140 18.58 -7.80 31.33
N HIS D 141 18.40 -8.08 32.61
CA HIS D 141 18.38 -7.05 33.65
C HIS D 141 18.87 -7.70 34.92
N ARG D 142 19.04 -6.91 35.96
CA ARG D 142 19.53 -7.41 37.22
C ARG D 142 18.80 -6.45 38.14
N GLU D 143 18.09 -7.02 39.10
CA GLU D 143 17.37 -6.14 40.01
C GLU D 143 18.31 -5.61 41.06
N LEU D 144 18.13 -4.36 41.49
CA LEU D 144 18.98 -3.83 42.58
C LEU D 144 18.29 -4.04 43.93
N VAL D 145 19.00 -4.68 44.85
CA VAL D 145 18.42 -4.88 46.16
C VAL D 145 19.04 -3.98 47.26
N GLU D 146 20.28 -3.55 47.05
CA GLU D 146 20.99 -2.72 48.03
C GLU D 146 21.12 -1.28 47.62
N ASN D 147 21.26 -1.06 46.33
CA ASN D 147 21.42 0.33 45.96
C ASN D 147 22.81 0.81 46.36
N THR D 148 23.67 -0.18 46.53
CA THR D 148 25.09 -0.02 46.85
C THR D 148 25.94 0.20 45.56
N PRO D 149 27.07 0.88 45.69
CA PRO D 149 27.98 1.07 44.57
C PRO D 149 28.60 -0.32 44.46
N ALA D 150 28.83 -0.90 45.62
CA ALA D 150 29.38 -2.23 45.66
C ALA D 150 28.45 -3.15 44.90
N GLU D 151 27.15 -3.23 45.23
CA GLU D 151 26.39 -4.18 44.42
C GLU D 151 26.39 -3.86 42.92
N LEU D 152 25.89 -2.65 42.60
CA LEU D 152 25.85 -2.14 41.23
C LEU D 152 27.09 -2.63 40.51
N ALA D 153 28.29 -2.24 40.96
CA ALA D 153 29.50 -2.72 40.29
C ALA D 153 29.45 -4.18 39.82
N LYS D 154 28.94 -5.07 40.67
CA LYS D 154 28.82 -6.49 40.33
C LYS D 154 28.00 -6.68 39.04
N VAL D 155 26.77 -6.16 39.07
CA VAL D 155 25.90 -6.28 37.91
C VAL D 155 26.59 -5.90 36.61
N GLY D 156 27.27 -4.75 36.67
CA GLY D 156 28.00 -4.16 35.55
C GLY D 156 28.92 -5.25 35.05
N GLU D 157 29.40 -6.08 35.94
CA GLU D 157 30.28 -7.16 35.51
C GLU D 157 29.52 -8.20 34.72
N GLN D 158 28.37 -8.56 35.27
CA GLN D 158 27.57 -9.55 34.60
C GLN D 158 26.99 -8.93 33.35
N LEU D 159 26.32 -7.80 33.55
CA LEU D 159 25.75 -7.26 32.34
C LEU D 159 26.64 -6.46 31.37
N GLY D 160 27.68 -5.80 31.85
CA GLY D 160 28.51 -5.01 30.94
C GLY D 160 27.97 -3.58 30.81
N TYR D 161 28.86 -2.69 30.37
CA TYR D 161 28.56 -1.28 30.10
C TYR D 161 28.59 -1.01 28.60
N PRO D 162 27.88 0.03 28.18
CA PRO D 162 27.08 0.80 29.10
C PRO D 162 25.78 0.04 29.51
N LEU D 163 25.05 0.48 30.52
CA LEU D 163 23.79 -0.20 30.83
C LEU D 163 22.79 0.82 31.35
N MET D 164 21.53 0.39 31.47
CA MET D 164 20.45 1.25 31.93
C MET D 164 20.04 1.04 33.41
N LEU D 165 20.19 2.12 34.19
CA LEU D 165 19.81 2.01 35.59
C LEU D 165 18.36 2.48 35.54
N LYS D 166 17.43 1.60 35.93
CA LYS D 166 16.05 2.02 35.86
C LYS D 166 15.25 1.91 37.13
N SER D 167 14.40 2.91 37.33
CA SER D 167 13.45 2.89 38.43
C SER D 167 12.34 1.93 38.02
N LYS D 168 11.91 1.16 39.01
CA LYS D 168 10.81 0.23 38.75
C LYS D 168 9.45 0.94 38.53
N THR D 169 9.21 2.01 39.27
CA THR D 169 7.93 2.63 39.03
C THR D 169 7.99 4.11 38.75
N MET D 170 6.80 4.60 38.45
CA MET D 170 6.59 6.01 38.20
C MET D 170 7.64 6.60 37.26
N GLY D 176 13.50 8.92 36.08
CA GLY D 176 13.65 7.48 36.52
C GLY D 176 14.74 6.55 35.92
N ASN D 177 15.51 6.98 34.91
CA ASN D 177 16.54 6.16 34.30
C ASN D 177 17.94 6.82 34.26
N PHE D 178 19.01 6.05 34.34
CA PHE D 178 20.35 6.65 34.25
C PHE D 178 21.21 5.69 33.44
N ARG D 179 21.76 6.22 32.34
CA ARG D 179 22.68 5.45 31.50
C ARG D 179 24.04 5.53 32.22
N VAL D 180 24.52 4.32 32.55
CA VAL D 180 25.76 4.04 33.25
C VAL D 180 26.76 3.39 32.30
N ASN D 181 27.60 4.30 31.84
CA ASN D 181 28.72 4.09 30.90
C ASN D 181 29.88 3.15 31.23
N SER D 182 30.33 3.13 32.49
CA SER D 182 31.42 2.27 32.93
C SER D 182 31.43 2.30 34.46
N GLN D 183 32.27 1.50 35.11
CA GLN D 183 32.31 1.56 36.56
C GLN D 183 32.02 2.82 37.37
N ASP D 184 32.86 3.81 37.15
CA ASP D 184 32.87 5.13 37.79
C ASP D 184 31.65 6.05 37.73
N ASP D 185 30.82 5.86 36.70
CA ASP D 185 29.65 6.71 36.61
C ASP D 185 28.67 6.22 37.66
N ILE D 186 29.04 5.10 38.28
CA ILE D 186 28.18 4.49 39.30
C ILE D 186 27.71 5.44 40.41
N PRO D 187 28.66 6.11 41.06
CA PRO D 187 28.34 7.03 42.14
C PRO D 187 27.18 7.99 41.80
N GLU D 188 27.40 8.80 40.79
CA GLU D 188 26.36 9.72 40.40
C GLU D 188 25.15 9.02 39.81
N ALA D 189 25.26 7.71 39.61
CA ALA D 189 24.11 7.00 39.08
C ALA D 189 23.11 6.61 40.21
N LEU D 190 23.62 6.22 41.37
CA LEU D 190 22.84 5.85 42.56
C LEU D 190 22.26 7.04 43.36
N GLU D 191 22.93 8.15 43.14
CA GLU D 191 22.64 9.51 43.63
C GLU D 191 21.29 9.62 42.92
N ALA D 192 21.41 10.02 41.67
CA ALA D 192 20.40 10.33 40.68
C ALA D 192 19.02 9.76 40.93
N LEU D 193 18.92 8.45 41.15
CA LEU D 193 17.70 7.68 41.41
C LEU D 193 17.85 7.08 42.79
N LYS D 194 17.77 7.94 43.81
CA LYS D 194 17.96 7.55 45.18
C LYS D 194 16.56 7.29 45.69
N ASP D 195 16.41 6.94 46.96
CA ASP D 195 15.07 6.76 47.54
C ASP D 195 14.22 5.70 46.86
N ARG D 196 14.43 5.47 45.56
CA ARG D 196 13.67 4.50 44.76
C ARG D 196 14.28 3.12 44.49
N PRO D 197 13.41 2.13 44.34
CA PRO D 197 13.75 0.75 44.04
C PRO D 197 14.18 0.77 42.57
N LEU D 198 15.34 0.16 42.36
CA LEU D 198 15.98 0.11 41.06
C LEU D 198 16.39 -1.27 40.58
N TYR D 199 16.59 -1.33 39.27
CA TYR D 199 17.07 -2.51 38.56
C TYR D 199 17.87 -1.96 37.40
N ALA D 200 18.94 -2.69 37.10
CA ALA D 200 19.81 -2.26 36.03
C ALA D 200 19.56 -3.09 34.78
N GLU D 201 19.43 -2.40 33.67
CA GLU D 201 19.24 -3.20 32.47
C GLU D 201 20.41 -3.17 31.49
N LYS D 202 20.61 -4.36 30.91
CA LYS D 202 21.67 -4.56 29.90
C LYS D 202 21.33 -3.67 28.70
N TRP D 203 22.34 -3.07 28.08
CA TRP D 203 22.08 -2.20 26.94
C TRP D 203 21.31 -2.69 25.71
N ALA D 204 20.50 -1.84 25.11
CA ALA D 204 19.83 -2.25 23.90
C ALA D 204 20.48 -1.44 22.80
N TYR D 205 21.21 -2.08 21.86
CA TYR D 205 21.81 -1.40 20.71
C TYR D 205 20.74 -1.35 19.65
N PHE D 206 19.82 -0.41 19.82
CA PHE D 206 18.71 -0.29 18.92
C PHE D 206 18.98 0.73 17.81
N LYS D 207 18.58 0.40 16.59
CA LYS D 207 18.73 1.32 15.48
C LYS D 207 17.43 2.10 15.36
N MET D 208 16.37 1.63 16.01
CA MET D 208 15.11 2.34 15.90
C MET D 208 14.17 2.04 17.03
N GLU D 209 13.37 3.04 17.40
CA GLU D 209 12.39 2.85 18.46
C GLU D 209 11.02 2.77 17.84
N LEU D 210 10.35 1.68 18.17
CA LEU D 210 9.01 1.37 17.65
C LEU D 210 7.88 1.33 18.66
N ALA D 211 6.68 1.66 18.19
CA ALA D 211 5.60 1.58 19.15
C ALA D 211 4.45 0.90 18.41
N VAL D 212 3.60 0.12 19.08
CA VAL D 212 2.43 -0.52 18.45
C VAL D 212 1.29 -0.30 19.46
N ILE D 213 0.12 0.09 18.94
CA ILE D 213 -1.06 0.33 19.79
C ILE D 213 -1.87 -0.96 19.73
N VAL D 214 -2.13 -1.48 20.94
CA VAL D 214 -2.86 -2.74 20.99
C VAL D 214 -4.23 -2.54 21.58
N VAL D 215 -5.17 -3.24 20.96
CA VAL D 215 -6.56 -3.27 21.42
C VAL D 215 -6.97 -4.70 21.85
N LYS D 216 -7.32 -4.80 23.12
CA LYS D 216 -7.69 -6.09 23.69
C LYS D 216 -9.16 -5.97 24.05
N THR D 217 -9.93 -6.79 23.37
CA THR D 217 -11.38 -6.94 23.49
C THR D 217 -11.61 -8.24 24.31
N LYS D 218 -12.85 -8.48 24.72
CA LYS D 218 -13.27 -9.66 25.48
C LYS D 218 -12.67 -10.96 24.89
N ASP D 219 -12.76 -10.96 23.55
CA ASP D 219 -12.40 -11.97 22.60
C ASP D 219 -11.03 -12.10 21.92
N GLU D 220 -10.48 -10.95 21.57
CA GLU D 220 -9.27 -10.95 20.77
C GLU D 220 -8.32 -9.87 21.08
N VAL D 221 -7.18 -10.00 20.41
CA VAL D 221 -6.16 -9.02 20.54
C VAL D 221 -5.87 -8.58 19.10
N LEU D 222 -6.17 -7.33 18.84
CA LEU D 222 -5.92 -6.75 17.52
C LEU D 222 -4.98 -5.58 17.86
N SER D 223 -4.44 -5.04 16.78
CA SER D 223 -3.49 -3.97 16.93
C SER D 223 -3.38 -3.07 15.71
N TYR D 224 -2.83 -1.90 15.89
CA TYR D 224 -2.63 -1.00 14.78
C TYR D 224 -1.20 -1.31 14.31
N PRO D 225 -0.83 -0.63 13.23
CA PRO D 225 0.48 -0.85 12.66
C PRO D 225 1.61 -0.37 13.52
N THR D 226 2.83 -0.82 13.19
CA THR D 226 4.04 -0.43 13.94
C THR D 226 4.40 1.00 13.51
N VAL D 227 4.74 1.90 14.42
CA VAL D 227 5.08 3.24 13.97
C VAL D 227 6.50 3.53 14.47
N GLU D 228 7.09 4.62 14.04
CA GLU D 228 8.41 4.84 14.58
C GLU D 228 8.41 6.09 15.39
N THR D 229 8.94 5.90 16.59
CA THR D 229 8.99 6.98 17.57
C THR D 229 10.36 7.57 17.78
N VAL D 230 10.42 8.87 17.65
CA VAL D 230 11.65 9.56 17.89
C VAL D 230 11.49 10.45 19.14
N GLN D 231 12.46 10.28 20.01
CA GLN D 231 12.45 11.06 21.23
C GLN D 231 13.44 12.20 21.25
N GLU D 232 13.30 13.03 22.27
CA GLU D 232 14.19 14.15 22.33
C GLU D 232 14.23 14.68 23.76
N ASP D 233 15.35 14.47 24.43
CA ASP D 233 15.48 14.93 25.80
C ASP D 233 14.58 14.05 26.67
N SER D 234 14.57 12.77 26.30
CA SER D 234 13.80 11.70 26.94
C SER D 234 12.24 11.72 26.89
N ILE D 235 11.69 12.54 26.00
CA ILE D 235 10.25 12.65 25.89
C ILE D 235 9.90 12.55 24.41
N CYS D 236 8.77 11.93 24.08
CA CYS D 236 8.27 11.71 22.72
C CYS D 236 8.33 13.00 21.94
N LYS D 237 8.86 13.02 20.71
CA LYS D 237 8.81 14.31 20.03
C LYS D 237 8.04 14.06 18.76
N LEU D 238 8.53 13.04 18.06
CA LEU D 238 7.96 12.73 16.77
C LEU D 238 7.49 11.29 16.56
N VAL D 239 6.42 11.12 15.78
CA VAL D 239 5.89 9.80 15.48
C VAL D 239 5.59 9.74 14.00
N TYR D 240 6.17 8.69 13.42
CA TYR D 240 6.07 8.38 11.99
C TYR D 240 5.30 7.09 11.85
N ALA D 241 4.14 7.24 11.23
CA ALA D 241 3.14 6.20 11.03
C ALA D 241 2.78 6.00 9.59
N PRO D 242 3.15 4.87 9.04
CA PRO D 242 3.88 3.86 9.76
C PRO D 242 5.38 4.18 9.77
N ALA D 243 6.11 3.39 10.58
CA ALA D 243 7.56 3.48 10.77
C ALA D 243 8.33 3.65 9.45
N ARG D 244 9.27 4.57 9.39
CA ARG D 244 9.91 4.74 8.10
C ARG D 244 10.90 3.65 7.74
N ASN D 245 10.92 3.25 6.48
CA ASN D 245 11.83 2.20 6.01
C ASN D 245 12.12 1.02 6.91
N VAL D 246 11.00 0.41 7.27
CA VAL D 246 10.99 -0.78 8.10
C VAL D 246 10.20 -1.73 7.19
N SER D 247 10.80 -2.82 6.72
CA SER D 247 10.10 -3.76 5.83
C SER D 247 8.79 -4.12 6.46
N ASP D 248 7.86 -4.64 5.67
CA ASP D 248 6.58 -5.05 6.21
C ASP D 248 6.73 -6.22 7.17
N ALA D 249 7.73 -7.04 6.94
CA ALA D 249 7.82 -8.16 7.87
C ALA D 249 8.22 -7.63 9.24
N ILE D 250 9.01 -6.57 9.30
CA ILE D 250 9.44 -6.05 10.58
C ILE D 250 8.20 -5.46 11.16
N ASN D 251 7.53 -4.66 10.36
CA ASN D 251 6.32 -4.10 10.91
C ASN D 251 5.43 -5.11 11.61
N GLN D 252 5.01 -6.09 10.83
CA GLN D 252 4.14 -7.15 11.30
C GLN D 252 4.63 -7.86 12.51
N LYS D 253 5.95 -7.98 12.57
CA LYS D 253 6.67 -8.69 13.62
C LYS D 253 6.56 -7.95 14.94
N ALA D 254 6.68 -6.65 14.86
CA ALA D 254 6.58 -5.86 16.06
C ALA D 254 5.14 -6.05 16.52
N GLN D 255 4.21 -6.05 15.57
CA GLN D 255 2.80 -6.24 15.94
C GLN D 255 2.44 -7.49 16.69
N GLU D 256 2.95 -8.57 16.11
CA GLU D 256 2.79 -9.92 16.60
C GLU D 256 3.40 -9.97 18.00
N LEU D 257 4.59 -9.42 18.16
CA LEU D 257 5.14 -9.46 19.47
C LEU D 257 4.29 -8.63 20.43
N ALA D 258 3.90 -7.44 20.03
CA ALA D 258 3.11 -6.60 20.91
C ALA D 258 1.81 -7.26 21.40
N ARG D 259 1.16 -7.97 20.50
CA ARG D 259 -0.09 -8.64 20.83
C ARG D 259 0.07 -9.78 21.80
N LYS D 260 1.15 -10.49 21.52
CA LYS D 260 1.48 -11.62 22.35
C LYS D 260 1.75 -11.05 23.73
N ALA D 261 2.55 -9.99 23.90
CA ALA D 261 2.74 -9.56 25.28
C ALA D 261 1.44 -9.04 25.89
N VAL D 262 0.67 -8.29 25.09
CA VAL D 262 -0.52 -7.77 25.70
C VAL D 262 -1.48 -8.94 25.95
N ALA D 263 -1.36 -10.04 25.25
CA ALA D 263 -2.29 -11.15 25.57
C ALA D 263 -2.00 -11.69 26.98
N ALA D 264 -0.79 -11.48 27.49
CA ALA D 264 -0.44 -12.01 28.80
C ALA D 264 -1.07 -11.35 30.04
N PHE D 265 -2.03 -10.47 29.82
CA PHE D 265 -2.73 -9.82 30.90
C PHE D 265 -4.23 -9.93 30.84
N ASP D 266 -4.86 -9.65 31.98
CA ASP D 266 -6.30 -9.69 32.04
C ASP D 266 -6.93 -8.30 31.95
N GLY D 267 -8.04 -8.14 31.25
CA GLY D 267 -8.63 -6.80 31.24
C GLY D 267 -8.88 -6.52 29.78
N LYS D 268 -9.71 -5.53 29.47
CA LYS D 268 -9.94 -5.26 28.06
C LYS D 268 -9.39 -3.84 27.91
N GLY D 269 -9.13 -3.38 26.69
CA GLY D 269 -8.69 -1.99 26.58
C GLY D 269 -7.48 -1.83 25.72
N VAL D 270 -7.18 -0.56 25.46
CA VAL D 270 -6.00 -0.23 24.65
C VAL D 270 -4.69 -0.23 25.44
N PHE D 271 -3.68 -0.88 24.87
CA PHE D 271 -2.38 -0.93 25.50
C PHE D 271 -1.37 -0.34 24.54
N GLY D 272 -0.37 0.36 25.09
CA GLY D 272 0.65 0.96 24.25
C GLY D 272 1.96 0.14 24.45
N VAL D 273 2.47 -0.51 23.38
CA VAL D 273 3.67 -1.33 23.46
C VAL D 273 4.88 -0.69 22.84
N GLU D 274 5.92 -0.46 23.62
CA GLU D 274 7.10 0.21 23.02
C GLU D 274 8.14 -0.88 22.80
N MET D 275 8.77 -0.86 21.63
CA MET D 275 9.82 -1.82 21.26
C MET D 275 11.12 -1.17 20.70
N PHE D 276 12.14 -1.99 20.57
CA PHE D 276 13.48 -1.68 20.09
C PHE D 276 13.68 -2.62 18.92
N LEU D 277 14.08 -1.98 17.82
CA LEU D 277 14.43 -2.56 16.54
C LEU D 277 15.96 -2.66 16.70
N LEU D 278 16.42 -3.90 16.81
CA LEU D 278 17.84 -4.08 17.00
C LEU D 278 18.56 -4.03 15.66
N GLU D 279 19.89 -3.91 15.66
CA GLU D 279 20.68 -3.89 14.45
C GLU D 279 20.49 -5.07 13.53
N ASP D 280 20.28 -6.24 14.11
CA ASP D 280 20.08 -7.47 13.34
C ASP D 280 18.62 -7.62 12.92
N ASP D 281 17.91 -6.50 12.97
CA ASP D 281 16.48 -6.39 12.66
C ASP D 281 15.55 -7.15 13.57
N SER D 282 16.09 -7.77 14.62
CA SER D 282 15.26 -8.48 15.57
C SER D 282 14.60 -7.39 16.44
N ILE D 283 13.51 -7.75 17.14
CA ILE D 283 12.71 -6.84 17.97
C ILE D 283 12.73 -7.28 19.42
N MET D 284 12.85 -6.27 20.27
CA MET D 284 12.89 -6.50 21.72
C MET D 284 11.87 -5.57 22.32
N LEU D 285 11.17 -6.08 23.33
CA LEU D 285 10.16 -5.27 23.98
C LEU D 285 10.85 -4.27 24.87
N CYS D 286 10.39 -3.03 24.88
CA CYS D 286 11.02 -2.08 25.81
C CYS D 286 10.03 -1.94 27.02
N GLU D 287 8.77 -1.53 26.82
CA GLU D 287 7.80 -1.44 27.90
C GLU D 287 6.34 -1.38 27.38
N ILE D 288 5.39 -1.74 28.24
CA ILE D 288 3.98 -1.64 27.86
C ILE D 288 3.37 -0.69 28.87
N ALA D 289 2.35 0.09 28.48
CA ALA D 289 1.52 1.06 29.21
C ALA D 289 0.11 0.45 29.05
N SER D 290 -0.55 0.16 30.16
CA SER D 290 -1.87 -0.45 30.07
C SER D 290 -2.81 0.70 29.80
N ARG D 291 -2.62 1.50 28.75
CA ARG D 291 -3.53 2.63 28.52
C ARG D 291 -3.27 3.25 27.16
N ILE D 292 -4.15 4.17 26.76
CA ILE D 292 -4.06 4.93 25.51
C ILE D 292 -2.71 5.65 25.63
N HIS D 293 -1.94 5.67 24.56
CA HIS D 293 -0.58 6.17 24.64
C HIS D 293 -0.17 7.23 23.62
N ASN D 294 0.81 8.03 24.00
CA ASN D 294 1.25 9.13 23.15
C ASN D 294 1.56 8.62 21.76
N SER D 295 2.06 7.40 21.68
CA SER D 295 2.40 6.87 20.36
C SER D 295 1.24 6.65 19.40
N GLY D 296 0.01 6.66 19.95
CA GLY D 296 -1.22 6.41 19.18
C GLY D 296 -1.98 7.62 18.68
N HIS D 297 -1.59 8.81 19.13
CA HIS D 297 -2.33 10.01 18.69
C HIS D 297 -2.61 10.07 17.22
N TYR D 298 -1.60 9.74 16.41
CA TYR D 298 -1.84 9.79 14.98
C TYR D 298 -3.07 9.05 14.47
N THR D 299 -3.55 8.07 15.23
CA THR D 299 -4.71 7.30 14.73
C THR D 299 -5.98 8.24 14.63
N ILE D 300 -5.95 9.43 15.22
CA ILE D 300 -7.15 10.25 15.05
C ILE D 300 -7.36 10.55 13.57
N GLU D 301 -6.38 11.14 12.90
CA GLU D 301 -6.54 11.41 11.51
C GLU D 301 -6.05 10.15 10.82
N GLY D 302 -5.16 9.38 11.44
CA GLY D 302 -4.61 8.17 10.82
C GLY D 302 -5.57 7.01 10.41
N CYS D 303 -6.40 6.59 11.35
CA CYS D 303 -7.30 5.47 11.11
C CYS D 303 -8.78 5.83 11.16
N ALA D 304 -9.65 4.96 10.63
CA ALA D 304 -11.09 5.11 10.65
C ALA D 304 -11.57 5.04 12.10
N LEU D 305 -10.89 4.26 12.94
CA LEU D 305 -11.17 4.15 14.40
C LEU D 305 -9.94 4.56 15.23
N SER D 306 -10.02 5.64 16.01
CA SER D 306 -8.81 6.01 16.74
C SER D 306 -8.56 5.10 17.92
N GLN D 307 -7.39 5.25 18.54
CA GLN D 307 -7.08 4.49 19.75
C GLN D 307 -8.12 4.91 20.79
N PHE D 308 -8.54 6.16 20.76
CA PHE D 308 -9.62 6.61 21.68
C PHE D 308 -10.97 5.94 21.39
N ASP D 309 -11.44 5.88 20.13
CA ASP D 309 -12.72 5.18 19.84
C ASP D 309 -12.56 3.68 20.22
N ALA D 310 -11.44 3.05 19.86
CA ALA D 310 -11.29 1.60 20.19
C ALA D 310 -11.21 1.29 21.70
N HIS D 311 -10.53 2.10 22.53
CA HIS D 311 -10.47 1.82 23.96
C HIS D 311 -11.89 1.69 24.49
N LEU D 312 -12.68 2.70 24.14
CA LEU D 312 -14.10 2.73 24.52
C LEU D 312 -14.97 1.50 24.18
N ARG D 313 -14.92 1.09 22.92
CA ARG D 313 -15.69 -0.06 22.44
C ARG D 313 -15.12 -1.32 23.04
N ALA D 314 -13.82 -1.33 23.33
CA ALA D 314 -13.13 -2.49 23.87
C ALA D 314 -13.62 -2.70 25.30
N ILE D 315 -13.53 -1.65 26.10
CA ILE D 315 -13.97 -1.73 27.49
C ILE D 315 -15.49 -1.89 27.64
N LEU D 316 -16.28 -1.61 26.61
CA LEU D 316 -17.73 -1.69 26.63
C LEU D 316 -18.24 -2.85 25.79
N ASP D 317 -17.29 -3.57 25.25
CA ASP D 317 -17.67 -4.73 24.47
C ASP D 317 -18.45 -4.37 23.25
N LEU D 318 -18.07 -3.28 22.59
CA LEU D 318 -18.75 -2.97 21.35
C LEU D 318 -17.83 -3.47 20.23
N PRO D 319 -18.40 -3.64 19.04
CA PRO D 319 -17.69 -4.10 17.86
C PRO D 319 -16.56 -3.20 17.42
N ILE D 320 -15.58 -3.87 16.83
CA ILE D 320 -14.43 -3.12 16.34
C ILE D 320 -13.92 -3.65 15.02
N PRO D 321 -14.41 -3.09 13.93
CA PRO D 321 -13.89 -3.65 12.70
C PRO D 321 -12.35 -3.54 12.58
N ALA D 322 -11.70 -4.62 12.18
CA ALA D 322 -10.24 -4.56 12.04
C ALA D 322 -9.69 -3.60 10.92
N GLN D 323 -10.37 -3.53 9.79
CA GLN D 323 -10.00 -2.66 8.66
C GLN D 323 -10.05 -1.20 9.16
N SER D 324 -10.84 -0.96 10.18
CA SER D 324 -10.97 0.37 10.75
C SER D 324 -9.69 0.70 11.56
N LEU D 325 -8.84 -0.30 11.79
CA LEU D 325 -7.59 -0.05 12.51
C LEU D 325 -6.43 0.17 11.54
N GLU D 326 -6.68 -0.01 10.27
CA GLU D 326 -5.59 0.22 9.32
C GLU D 326 -5.25 1.69 9.06
N ILE D 327 -4.06 2.01 8.55
CA ILE D 327 -3.77 3.42 8.26
C ILE D 327 -4.32 3.95 6.94
N ARG D 328 -5.15 4.98 6.95
CA ARG D 328 -5.74 5.56 5.72
C ARG D 328 -4.58 6.11 4.88
N GLN D 329 -3.72 6.90 5.51
CA GLN D 329 -2.58 7.46 4.77
C GLN D 329 -1.42 7.77 5.73
N PRO D 330 -0.20 7.93 5.20
CA PRO D 330 0.99 8.23 6.02
C PRO D 330 0.80 9.45 6.95
N SER D 331 1.19 9.29 8.21
CA SER D 331 0.97 10.40 9.14
C SER D 331 2.24 10.65 9.95
N ILE D 332 2.36 11.86 10.49
CA ILE D 332 3.48 12.21 11.38
C ILE D 332 2.78 13.06 12.44
N MET D 333 3.06 12.79 13.71
CA MET D 333 2.49 13.59 14.80
C MET D 333 3.74 14.19 15.46
N LEU D 334 3.63 15.47 15.79
CA LEU D 334 4.73 16.10 16.46
C LEU D 334 4.12 16.60 17.77
N ASN D 335 4.76 16.31 18.90
CA ASN D 335 4.15 16.81 20.11
C ASN D 335 4.49 18.31 20.24
N ILE D 336 3.62 19.07 20.91
CA ILE D 336 3.88 20.48 21.19
C ILE D 336 4.22 20.57 22.69
N ILE D 337 5.52 20.66 23.02
CA ILE D 337 6.06 20.72 24.40
C ILE D 337 6.43 22.04 25.05
N GLY D 338 6.20 22.11 26.36
CA GLY D 338 6.51 23.33 27.12
C GLY D 338 7.93 23.85 26.81
N GLY D 339 8.01 25.14 26.47
CA GLY D 339 9.27 25.82 26.17
C GLY D 339 9.55 26.61 27.46
N ALA D 340 10.28 27.72 27.40
CA ALA D 340 10.61 28.55 28.59
C ALA D 340 9.51 29.38 29.26
N ALA D 341 8.89 30.22 28.44
CA ALA D 341 7.82 31.12 28.81
C ALA D 341 6.63 30.41 28.19
N PRO D 342 5.67 30.19 29.09
CA PRO D 342 4.40 29.49 28.88
C PRO D 342 3.50 29.59 27.63
N ASP D 343 3.83 30.50 26.73
CA ASP D 343 3.11 30.79 25.50
C ASP D 343 3.69 30.24 24.20
N THR D 344 4.87 29.63 24.27
CA THR D 344 5.50 29.14 23.05
C THR D 344 4.63 28.24 22.17
N HIS D 345 4.16 27.21 22.84
CA HIS D 345 3.29 26.26 22.21
C HIS D 345 2.31 26.89 21.23
N LEU D 346 1.87 28.09 21.56
CA LEU D 346 0.88 28.75 20.73
C LEU D 346 1.51 29.19 19.46
N GLN D 347 2.83 29.36 19.52
CA GLN D 347 3.55 29.78 18.32
C GLN D 347 3.74 28.52 17.50
N ALA D 348 4.03 27.47 18.27
CA ALA D 348 4.20 26.16 17.68
C ALA D 348 2.86 25.92 16.92
N ALA D 349 1.73 26.17 17.57
CA ALA D 349 0.42 25.99 16.91
C ALA D 349 0.06 26.99 15.77
N GLU D 350 0.34 28.26 16.01
CA GLU D 350 0.05 29.27 15.02
C GLU D 350 0.79 28.90 13.71
N CYS D 351 1.99 28.34 13.82
CA CYS D 351 2.69 27.94 12.59
C CYS D 351 1.91 26.83 11.87
N ALA D 352 1.57 25.80 12.64
CA ALA D 352 0.85 24.66 12.12
C ALA D 352 -0.36 25.18 11.37
N LEU D 353 -0.88 26.32 11.77
CA LEU D 353 -2.07 26.77 11.02
C LEU D 353 -1.79 26.87 9.53
N SER D 354 -0.57 27.23 9.20
CA SER D 354 -0.27 27.39 7.79
C SER D 354 0.39 26.21 7.11
N ILE D 355 0.53 25.11 7.85
CA ILE D 355 1.12 23.86 7.35
C ILE D 355 0.00 23.06 6.66
N PRO D 356 0.26 22.57 5.44
CA PRO D 356 -0.69 21.77 4.64
C PRO D 356 -1.01 20.45 5.37
N ASN D 357 -2.31 20.17 5.46
CA ASN D 357 -2.81 18.98 6.12
C ASN D 357 -2.43 18.79 7.59
N ALA D 358 -2.16 19.90 8.26
CA ALA D 358 -1.82 19.83 9.67
C ALA D 358 -3.05 19.82 10.54
N SER D 359 -3.21 18.71 11.23
CA SER D 359 -4.35 18.73 12.13
C SER D 359 -3.85 19.09 13.55
N ILE D 360 -4.28 20.24 14.08
CA ILE D 360 -3.94 20.79 15.40
C ILE D 360 -4.76 20.36 16.62
N HIS D 361 -4.02 19.87 17.62
CA HIS D 361 -4.58 19.41 18.89
C HIS D 361 -3.93 20.14 20.05
N LEU D 362 -4.67 21.08 20.62
CA LEU D 362 -4.28 21.89 21.78
C LEU D 362 -5.04 21.30 22.99
N TYR D 363 -4.28 21.00 24.06
CA TYR D 363 -4.82 20.40 25.26
C TYR D 363 -5.55 21.23 26.33
N SER D 364 -5.56 22.53 26.10
CA SER D 364 -6.18 23.48 27.02
C SER D 364 -5.68 23.31 28.46
N LYS D 365 -4.44 22.84 28.59
CA LYS D 365 -3.87 22.61 29.91
C LYS D 365 -3.45 23.96 30.46
N GLY D 366 -3.76 25.03 29.74
CA GLY D 366 -3.32 26.32 30.29
C GLY D 366 -1.91 26.70 29.90
N ALA D 367 -1.17 27.10 30.93
CA ALA D 367 0.22 27.55 30.83
C ALA D 367 1.41 26.58 30.80
N ALA D 368 2.29 26.90 29.84
CA ALA D 368 3.50 26.15 29.55
C ALA D 368 4.44 25.95 30.71
N LYS D 369 5.24 24.91 30.60
CA LYS D 369 6.13 24.58 31.68
C LYS D 369 7.07 23.86 30.81
N PRO D 370 8.36 23.99 31.12
CA PRO D 370 9.33 23.31 30.28
C PRO D 370 9.10 21.80 30.15
N GLY D 371 9.05 21.34 28.90
CA GLY D 371 8.81 19.93 28.58
C GLY D 371 7.37 19.38 28.64
N ARG D 372 6.43 20.11 29.23
CA ARG D 372 5.07 19.60 29.36
C ARG D 372 4.42 19.47 28.02
N LYS D 373 3.62 18.42 27.85
CA LYS D 373 2.95 18.25 26.57
C LYS D 373 1.71 19.12 26.58
N MET D 374 1.80 20.05 25.64
CA MET D 374 0.81 21.08 25.45
C MET D 374 -0.25 20.82 24.40
N GLY D 375 0.13 20.09 23.36
CA GLY D 375 -0.86 19.78 22.34
C GLY D 375 -0.11 18.81 21.47
N HIS D 376 -0.59 18.69 20.25
CA HIS D 376 0.04 17.90 19.23
C HIS D 376 -0.54 18.29 17.91
N ILE D 377 0.29 18.01 16.90
CA ILE D 377 -0.08 18.29 15.53
C ILE D 377 0.18 17.05 14.70
N THR D 378 -0.79 16.69 13.88
CA THR D 378 -0.69 15.54 12.99
C THR D 378 -0.87 16.01 11.54
N VAL D 379 0.09 15.60 10.74
CA VAL D 379 0.10 16.01 9.36
C VAL D 379 -0.08 14.79 8.52
N THR D 380 -0.96 14.85 7.53
CA THR D 380 -1.12 13.65 6.73
C THR D 380 -0.76 13.91 5.25
N ALA D 381 -0.57 12.82 4.50
CA ALA D 381 -0.32 12.89 3.05
C ALA D 381 -0.42 11.55 2.36
N PRO D 382 -0.57 11.59 1.04
CA PRO D 382 -0.65 10.34 0.28
C PRO D 382 0.64 9.52 0.48
N THR D 383 1.76 10.22 0.68
CA THR D 383 3.03 9.58 0.91
C THR D 383 3.78 10.09 2.11
N MET D 384 4.63 9.22 2.62
CA MET D 384 5.39 9.71 3.73
C MET D 384 6.30 10.90 3.32
N HIS D 385 6.90 10.85 2.14
CA HIS D 385 7.82 11.90 1.70
C HIS D 385 7.11 13.24 1.80
N GLU D 386 5.91 13.20 1.23
CA GLU D 386 5.05 14.37 1.25
C GLU D 386 4.78 14.92 2.62
N ALA D 387 4.28 14.06 3.48
CA ALA D 387 3.97 14.46 4.85
C ALA D 387 5.20 15.09 5.52
N GLU D 388 6.37 14.61 5.10
CA GLU D 388 7.65 15.04 5.63
C GLU D 388 7.98 16.44 5.17
N THR D 389 7.66 16.60 3.91
CA THR D 389 7.88 17.90 3.26
C THR D 389 7.02 18.98 3.95
N HIS D 390 5.71 18.73 3.97
CA HIS D 390 4.69 19.59 4.59
C HIS D 390 5.09 19.97 6.00
N ILE D 391 5.56 18.97 6.72
CA ILE D 391 5.90 19.18 8.11
C ILE D 391 7.27 19.76 8.42
N GLN D 392 8.26 19.54 7.55
CA GLN D 392 9.60 20.05 7.84
C GLN D 392 9.79 21.38 8.56
N PRO D 393 9.05 22.33 8.05
CA PRO D 393 9.12 23.67 8.57
C PRO D 393 8.52 23.78 9.93
N LEU D 394 7.43 23.06 10.17
CA LEU D 394 6.86 23.22 11.50
C LEU D 394 7.92 22.61 12.37
N ILE D 395 8.63 21.61 11.85
CA ILE D 395 9.66 21.07 12.73
C ILE D 395 10.77 22.08 12.97
N ASP D 396 11.15 22.81 11.94
CA ASP D 396 12.23 23.74 12.15
C ASP D 396 11.81 24.82 13.08
N VAL D 397 10.51 25.06 13.01
CA VAL D 397 10.05 26.10 13.89
C VAL D 397 10.06 25.54 15.28
N VAL D 398 9.67 24.29 15.41
CA VAL D 398 9.68 23.85 16.79
C VAL D 398 11.12 23.84 17.20
N ASP D 399 12.00 23.23 16.41
CA ASP D 399 13.42 23.17 16.72
C ASP D 399 13.90 24.55 17.17
N ARG D 400 13.76 25.59 16.36
CA ARG D 400 14.20 26.90 16.86
C ARG D 400 14.05 27.44 18.32
NA NA E . 31.67 8.80 -17.49
C3' NHE F . 41.86 -1.29 -26.41
C2' NHE F . 41.11 0.01 -26.08
C1' NHE F . 40.90 0.11 -24.57
C6' NHE F . 40.69 -1.30 -24.01
N NHE F . 39.70 0.90 -24.30
C1 NHE F . 39.96 1.73 -23.12
C2 NHE F . 38.80 2.74 -23.08
S NHE F . 39.28 4.37 -22.43
O1 NHE F . 39.80 4.21 -21.12
O2 NHE F . 38.20 5.18 -22.84
O3 NHE F . 40.36 5.01 -23.30
C5' NHE F . 41.99 -2.10 -24.09
C4' NHE F . 42.82 -1.62 -25.28
PB ADP G . 31.37 1.31 -27.50
O1B ADP G . 32.49 0.39 -27.21
O2B ADP G . 30.92 0.66 -28.78
O3B ADP G . 29.99 1.60 -26.83
PA ADP G . 31.19 4.30 -27.50
O1A ADP G . 29.77 4.28 -27.17
O2A ADP G . 31.41 5.29 -28.62
O3A ADP G . 31.79 2.84 -27.78
O5' ADP G . 31.83 4.93 -26.17
C5' ADP G . 31.49 4.44 -24.86
C4' ADP G . 31.42 5.60 -23.90
O4' ADP G . 32.69 6.31 -23.89
C3' ADP G . 30.46 6.74 -24.18
O3' ADP G . 29.28 6.41 -23.43
C2' ADP G . 31.05 7.97 -23.48
O2' ADP G . 31.17 7.76 -22.04
C1' ADP G . 32.48 7.69 -23.88
N9 ADP G . 32.71 8.43 -25.11
C8 ADP G . 32.53 7.94 -26.37
N7 ADP G . 32.67 8.91 -27.29
C5 ADP G . 33.03 10.00 -26.54
C6 ADP G . 33.45 11.31 -26.97
N6 ADP G . 33.52 11.90 -28.03
N1 ADP G . 33.75 12.18 -25.97
C2 ADP G . 33.77 11.85 -24.63
N3 ADP G . 33.50 10.63 -24.25
C4 ADP G . 33.12 9.75 -25.19
MG MG H . 28.23 2.88 -26.47
N1 AIR I . 27.26 -7.75 -26.98
C2 AIR I . 27.06 -7.58 -28.32
N3 AIR I . 27.46 -6.39 -28.80
C4 AIR I . 27.90 -5.75 -27.68
C5 AIR I . 27.80 -6.55 -26.54
N6 AIR I . 28.14 -6.32 -25.23
C1' AIR I . 27.06 -8.90 -26.07
C2' AIR I . 26.47 -10.15 -26.76
C3' AIR I . 27.78 -10.58 -27.42
C4' AIR I . 28.69 -10.54 -26.18
O4' AIR I . 28.39 -9.23 -25.67
O2' AIR I . 25.78 -11.14 -25.96
O3' AIR I . 27.60 -11.82 -28.07
C5' AIR I . 29.89 -11.29 -25.66
O5' AIR I . 30.96 -10.42 -25.20
P AIR I . 32.34 -11.11 -24.68
O6 AIR I . 32.63 -10.71 -23.13
O7 AIR I . 33.34 -10.56 -25.64
O8 AIR I . 32.15 -12.60 -24.78
PB ADP J . -6.18 -31.52 -3.04
O1B ADP J . -6.71 -32.78 -3.72
O2B ADP J . -4.82 -31.80 -2.46
O3B ADP J . -6.15 -30.16 -3.88
PA ADP J . -7.59 -30.22 -0.79
O1A ADP J . -6.73 -29.01 -1.01
O2A ADP J . -7.62 -30.73 0.66
O3A ADP J . -7.27 -31.31 -1.89
O5' ADP J . -9.09 -29.99 -1.31
C5' ADP J . -9.19 -29.55 -2.69
C4' ADP J . -10.37 -28.60 -2.70
O4' ADP J . -11.44 -29.26 -1.95
C3' ADP J . -10.01 -27.48 -1.74
O3' ADP J . -9.07 -26.55 -2.30
C2' ADP J . -11.38 -27.06 -1.17
O2' ADP J . -12.22 -26.51 -2.20
C1' ADP J . -12.10 -28.38 -1.09
N9 ADP J . -12.18 -28.95 0.24
C8 ADP J . -11.27 -29.75 0.86
N7 ADP J . -11.70 -30.02 2.12
C5 ADP J . -12.92 -29.37 2.28
C6 ADP J . -13.81 -29.25 3.35
N6 ADP J . -13.58 -29.80 4.44
N1 ADP J . -14.97 -28.59 3.08
C2 ADP J . -15.18 -27.88 1.90
N3 ADP J . -14.34 -27.95 0.91
C4 ADP J . -13.23 -28.70 1.11
MG MG K . -4.98 -28.23 -2.61
N1 AIR L . 3.17 -30.26 -9.94
C2 AIR L . 3.59 -30.54 -8.68
N3 AIR L . 2.67 -31.01 -7.83
C4 AIR L . 1.56 -30.94 -8.64
C5 AIR L . 1.82 -30.43 -9.89
N6 AIR L . 0.93 -30.27 -10.89
C1' AIR L . 3.91 -30.00 -11.19
C2' AIR L . 5.39 -30.35 -11.09
C3' AIR L . 5.36 -31.72 -11.81
C4' AIR L . 4.43 -31.40 -12.95
O4' AIR L . 3.36 -30.82 -12.17
O2' AIR L . 5.98 -29.40 -11.98
O3' AIR L . 6.63 -32.07 -12.35
C5' AIR L . 4.06 -32.44 -13.99
O5' AIR L . 2.72 -32.27 -14.54
P AIR L . 2.12 -33.28 -15.67
O6 AIR L . 3.21 -33.81 -16.71
O7 AIR L . 1.08 -32.58 -16.51
O8 AIR L . 1.45 -34.51 -15.09
C3' NHE M . -43.98 20.30 6.28
C2' NHE M . -44.24 19.23 5.21
C1' NHE M . -43.04 18.29 5.20
C6' NHE M . -42.83 17.69 6.60
N NHE M . -43.31 17.27 4.20
C1 NHE M . -42.00 16.95 3.66
C2 NHE M . -41.89 17.62 2.32
S NHE M . -42.17 16.34 1.07
O1 NHE M . -42.26 14.98 1.44
O2 NHE M . -41.42 16.67 -0.07
O3 NHE M . -43.60 16.64 0.67
C5' NHE M . -43.92 18.14 7.60
C4' NHE M . -44.00 19.68 7.67
PB ADP N . -34.79 22.68 2.54
O1B ADP N . -35.76 22.17 3.53
O2B ADP N . -34.21 24.08 2.74
O3B ADP N . -33.46 21.85 2.44
PA ADP N . -35.11 22.63 -0.42
O1A ADP N . -33.64 22.42 -0.49
O2A ADP N . -35.48 23.81 -1.27
O3A ADP N . -35.59 22.59 1.13
O5' ADP N . -35.77 21.27 -0.84
C5' ADP N . -34.95 20.15 -0.40
C4' ADP N . -35.06 19.05 -1.42
O4' ADP N . -36.42 18.91 -1.91
C3' ADP N . -34.13 19.19 -2.64
O3' ADP N . -32.81 18.67 -2.30
C2' ADP N . -34.89 18.37 -3.69
O2' ADP N . -34.48 16.98 -3.66
C1' ADP N . -36.35 18.51 -3.24
N9 ADP N . -36.92 19.62 -3.98
C8 ADP N . -36.97 20.89 -3.49
N7 ADP N . -37.49 21.70 -4.44
C5 ADP N . -37.77 20.91 -5.54
C6 ADP N . -38.35 21.16 -6.82
N6 ADP N . -38.74 22.26 -7.31
N1 ADP N . -38.47 20.08 -7.65
C2 ADP N . -38.07 18.80 -7.31
N3 ADP N . -37.57 18.56 -6.14
C4 ADP N . -37.44 19.60 -5.28
MG MG O . -31.77 22.08 0.78
N1 AIR P . -29.43 23.09 10.93
C2 AIR P . -29.40 24.40 10.57
N3 AIR P . -30.02 24.68 9.41
C4 AIR P . -30.43 23.43 8.98
C5 AIR P . -30.08 22.43 9.87
N6 AIR P . -30.36 21.07 9.82
C1' AIR P . -28.99 22.36 12.14
C2' AIR P . -28.41 23.29 13.19
C3' AIR P . -29.66 23.80 13.92
C4' AIR P . -30.44 22.50 13.97
O4' AIR P . -30.12 21.79 12.75
O2' AIR P . -27.42 22.54 13.91
O3' AIR P . -29.28 24.34 15.19
C5' AIR P . -31.92 22.32 14.18
O5' AIR P . -32.22 20.91 14.40
P AIR P . -33.57 20.54 15.15
O6 AIR P . -33.19 21.09 16.58
O7 AIR P . -33.86 19.07 15.05
O8 AIR P . -34.76 21.25 14.60
PB ADP Q . 10.18 5.49 30.53
O1B ADP Q . 10.67 6.42 31.63
O2B ADP Q . 8.95 4.71 30.95
O3B ADP Q . 10.04 6.15 29.07
PA ADP Q . 11.64 3.43 29.01
O1A ADP Q . 10.49 3.55 28.05
O2A ADP Q . 11.91 1.98 29.32
O3A ADP Q . 11.21 4.31 30.27
O5' ADP Q . 13.04 4.14 28.62
C5' ADP Q . 13.03 5.40 27.93
C4' ADP Q . 14.06 5.35 26.82
O4' ADP Q . 15.36 4.91 27.35
C3' ADP Q . 13.87 4.37 25.65
O3' ADP Q . 12.75 4.56 24.76
C2' ADP Q . 15.30 4.31 25.07
O2' ADP Q . 15.69 5.59 24.52
C1' ADP Q . 16.11 4.28 26.36
N9 ADP Q . 16.47 2.95 26.85
C8 ADP Q . 15.78 2.26 27.78
N7 ADP Q . 16.31 1.09 28.11
C5 ADP Q . 17.43 1.01 27.32
C6 ADP Q . 18.35 -0.05 27.37
N6 ADP Q . 18.28 -1.08 28.06
N1 ADP Q . 19.33 0.33 26.53
C2 ADP Q . 19.39 1.44 25.71
N3 ADP Q . 18.57 2.43 25.68
C4 ADP Q . 17.56 2.15 26.54
MG MG R . 8.82 4.62 27.48
N1 AIR S . -0.45 11.12 30.58
C2 AIR S . -0.61 10.02 31.36
N3 AIR S . 0.50 9.29 31.50
C4 AIR S . 1.42 10.02 30.77
C5 AIR S . 0.87 11.15 30.21
N6 AIR S . 1.47 12.07 29.43
C1' AIR S . -1.42 12.10 30.13
C2' AIR S . -2.77 11.81 30.75
C3' AIR S . -2.59 12.55 32.08
C4' AIR S . -1.92 13.82 31.57
O4' AIR S . -1.01 13.36 30.54
O2' AIR S . -3.62 12.43 29.78
O3' AIR S . -3.71 12.79 32.96
C5' AIR S . -1.11 14.65 32.54
O5' AIR S . -0.42 15.77 31.95
P AIR S . 0.11 16.90 32.98
O6 AIR S . -1.13 17.58 33.72
O7 AIR S . 0.81 18.00 32.24
O8 AIR S . 1.12 16.42 33.99
#